data_2DJ7
#
_entry.id   2DJ7
#
loop_
_entity.id
_entity.type
_entity.pdbx_description
1 polymer 'Actin-binding LIM protein 3'
2 non-polymer 'ZINC ION'
#
_entity_poly.entity_id   1
_entity_poly.type   'polypeptide(L)'
_entity_poly.pdbx_seq_one_letter_code
;GSSGSSGKPIKIRGPSHCAGCKEEIKHGQSLLALDKQWHVSCFKCQTCSVILTGEYISKDGVPYCESDYHAQFGSGPSSG
;
_entity_poly.pdbx_strand_id   A
#
# COMPACT_ATOMS: atom_id res chain seq x y z
N GLY A 1 4.80 39.71 31.41
CA GLY A 1 4.56 38.36 30.92
C GLY A 1 5.13 38.13 29.53
N SER A 2 5.79 36.99 29.35
CA SER A 2 6.38 36.65 28.06
C SER A 2 6.33 35.16 27.82
N SER A 3 5.48 34.74 26.88
CA SER A 3 5.34 33.33 26.55
C SER A 3 4.86 33.15 25.11
N GLY A 4 5.21 32.01 24.52
CA GLY A 4 4.81 31.75 23.15
C GLY A 4 5.97 31.34 22.27
N SER A 5 5.94 30.12 21.75
CA SER A 5 7.00 29.62 20.89
C SER A 5 6.49 28.48 20.01
N SER A 6 6.61 28.67 18.70
CA SER A 6 6.17 27.66 17.74
C SER A 6 7.07 27.65 16.50
N GLY A 7 7.04 26.54 15.77
CA GLY A 7 7.85 26.42 14.57
C GLY A 7 8.20 24.98 14.26
N LYS A 8 7.57 24.44 13.22
CA LYS A 8 7.82 23.07 12.81
C LYS A 8 8.08 22.98 11.30
N PRO A 9 9.01 22.10 10.91
CA PRO A 9 9.36 21.90 9.50
C PRO A 9 8.25 21.24 8.70
N ILE A 10 8.01 21.73 7.49
CA ILE A 10 6.97 21.18 6.63
C ILE A 10 7.49 19.97 5.84
N LYS A 11 6.84 18.84 6.04
CA LYS A 11 7.22 17.60 5.34
C LYS A 11 6.47 17.46 4.03
N ILE A 12 6.31 18.57 3.32
CA ILE A 12 5.60 18.57 2.04
C ILE A 12 6.56 18.31 0.89
N ARG A 13 7.72 17.74 1.21
CA ARG A 13 8.72 17.44 0.19
C ARG A 13 8.36 16.17 -0.57
N GLY A 14 8.11 16.30 -1.87
CA GLY A 14 7.77 15.15 -2.68
C GLY A 14 6.72 14.28 -2.02
N PRO A 15 5.43 14.64 -2.22
CA PRO A 15 4.31 13.90 -1.65
C PRO A 15 4.12 12.54 -2.31
N SER A 16 2.99 11.90 -2.04
CA SER A 16 2.69 10.59 -2.61
C SER A 16 3.72 9.56 -2.18
N HIS A 17 4.03 9.56 -0.88
CA HIS A 17 5.01 8.62 -0.34
C HIS A 17 4.52 7.18 -0.50
N CYS A 18 5.46 6.27 -0.70
CA CYS A 18 5.13 4.85 -0.86
C CYS A 18 4.27 4.36 0.29
N ALA A 19 3.15 3.72 -0.04
CA ALA A 19 2.23 3.20 0.96
C ALA A 19 2.70 1.85 1.48
N GLY A 20 3.97 1.53 1.23
CA GLY A 20 4.53 0.27 1.67
C GLY A 20 5.74 0.45 2.57
N CYS A 21 6.56 1.44 2.25
CA CYS A 21 7.76 1.72 3.03
C CYS A 21 7.77 3.16 3.53
N LYS A 22 6.78 3.93 3.10
CA LYS A 22 6.67 5.32 3.50
C LYS A 22 7.87 6.14 3.00
N GLU A 23 8.18 5.99 1.72
CA GLU A 23 9.31 6.71 1.12
C GLU A 23 8.86 7.53 -0.07
N GLU A 24 9.30 8.78 -0.13
CA GLU A 24 8.94 9.68 -1.22
C GLU A 24 9.31 9.07 -2.57
N ILE A 25 8.32 8.95 -3.45
CA ILE A 25 8.54 8.39 -4.78
C ILE A 25 8.86 9.48 -5.79
N LYS A 26 10.09 9.96 -5.78
CA LYS A 26 10.53 10.99 -6.70
C LYS A 26 11.67 10.51 -7.58
N HIS A 27 12.67 9.90 -6.96
CA HIS A 27 13.82 9.37 -7.68
C HIS A 27 13.51 8.02 -8.30
N GLY A 28 12.63 7.26 -7.66
CA GLY A 28 12.27 5.96 -8.16
C GLY A 28 10.94 5.98 -8.91
N GLN A 29 10.30 4.82 -9.01
CA GLN A 29 9.03 4.71 -9.71
C GLN A 29 7.92 4.31 -8.75
N SER A 30 6.67 4.50 -9.17
CA SER A 30 5.52 4.16 -8.35
C SER A 30 4.61 3.17 -9.06
N LEU A 31 3.68 2.58 -8.33
CA LEU A 31 2.74 1.62 -8.89
C LEU A 31 1.32 1.90 -8.41
N LEU A 32 0.41 2.13 -9.37
CA LEU A 32 -0.98 2.40 -9.03
C LEU A 32 -1.68 1.14 -8.53
N ALA A 33 -2.21 1.22 -7.31
CA ALA A 33 -2.91 0.08 -6.71
C ALA A 33 -3.64 0.50 -5.45
N LEU A 34 -4.95 0.25 -5.41
CA LEU A 34 -5.76 0.61 -4.25
C LEU A 34 -5.74 2.11 -4.01
N ASP A 35 -5.89 2.88 -5.08
CA ASP A 35 -5.90 4.34 -4.98
C ASP A 35 -4.67 4.83 -4.21
N LYS A 36 -3.61 4.04 -4.22
CA LYS A 36 -2.38 4.40 -3.52
C LYS A 36 -1.17 4.28 -4.45
N GLN A 37 0.00 4.66 -3.93
CA GLN A 37 1.23 4.60 -4.72
C GLN A 37 2.28 3.74 -4.02
N TRP A 38 2.65 2.64 -4.65
CA TRP A 38 3.65 1.74 -4.07
C TRP A 38 4.81 1.54 -5.04
N HIS A 39 5.97 1.21 -4.49
CA HIS A 39 7.17 1.00 -5.30
C HIS A 39 7.05 -0.28 -6.12
N VAL A 40 7.98 -0.48 -7.05
CA VAL A 40 7.97 -1.66 -7.90
C VAL A 40 8.46 -2.89 -7.14
N SER A 41 9.05 -2.66 -5.97
CA SER A 41 9.57 -3.74 -5.14
C SER A 41 8.93 -3.71 -3.75
N CYS A 42 7.81 -3.01 -3.63
CA CYS A 42 7.11 -2.91 -2.36
C CYS A 42 5.70 -3.48 -2.47
N PHE A 43 5.10 -3.32 -3.65
CA PHE A 43 3.75 -3.83 -3.89
C PHE A 43 3.74 -5.35 -3.98
N LYS A 44 3.24 -6.00 -2.93
CA LYS A 44 3.17 -7.45 -2.89
C LYS A 44 2.04 -7.92 -1.98
N CYS A 45 1.69 -9.20 -2.08
CA CYS A 45 0.62 -9.77 -1.28
C CYS A 45 0.79 -9.40 0.19
N GLN A 46 -0.25 -9.64 0.99
CA GLN A 46 -0.21 -9.33 2.41
C GLN A 46 -0.11 -10.60 3.24
N THR A 47 -0.39 -11.74 2.61
CA THR A 47 -0.32 -13.03 3.29
C THR A 47 0.97 -13.77 2.93
N CYS A 48 1.36 -13.71 1.67
CA CYS A 48 2.57 -14.37 1.21
C CYS A 48 3.67 -13.35 0.91
N SER A 49 3.28 -12.10 0.73
CA SER A 49 4.23 -11.04 0.44
C SER A 49 4.96 -11.29 -0.87
N VAL A 50 4.19 -11.53 -1.93
CA VAL A 50 4.75 -11.79 -3.25
C VAL A 50 4.50 -10.62 -4.20
N ILE A 51 5.56 -10.15 -4.85
CA ILE A 51 5.46 -9.05 -5.79
C ILE A 51 4.30 -9.26 -6.77
N LEU A 52 3.42 -8.27 -6.86
CA LEU A 52 2.27 -8.35 -7.76
C LEU A 52 2.44 -7.38 -8.93
N THR A 53 2.64 -7.93 -10.12
CA THR A 53 2.81 -7.13 -11.31
C THR A 53 1.83 -7.55 -12.41
N GLY A 54 1.69 -8.87 -12.58
CA GLY A 54 0.78 -9.38 -13.60
C GLY A 54 -0.68 -9.25 -13.19
N GLU A 55 -1.09 -10.08 -12.24
CA GLU A 55 -2.48 -10.05 -11.77
C GLU A 55 -2.52 -10.10 -10.24
N TYR A 56 -3.58 -9.53 -9.68
CA TYR A 56 -3.76 -9.51 -8.23
C TYR A 56 -5.18 -9.10 -7.86
N ILE A 57 -5.57 -9.41 -6.62
CA ILE A 57 -6.91 -9.08 -6.14
C ILE A 57 -6.84 -8.30 -4.83
N SER A 58 -7.56 -7.19 -4.77
CA SER A 58 -7.57 -6.36 -3.57
C SER A 58 -8.81 -6.66 -2.71
N LYS A 59 -8.60 -6.83 -1.42
CA LYS A 59 -9.68 -7.12 -0.49
C LYS A 59 -9.64 -6.19 0.71
N ASP A 60 -10.81 -5.70 1.13
CA ASP A 60 -10.90 -4.80 2.27
C ASP A 60 -9.77 -3.78 2.26
N GLY A 61 -9.30 -3.44 1.05
CA GLY A 61 -8.22 -2.49 0.93
C GLY A 61 -6.86 -3.10 1.17
N VAL A 62 -6.69 -4.36 0.73
CA VAL A 62 -5.43 -5.07 0.91
C VAL A 62 -5.09 -5.89 -0.33
N PRO A 63 -3.88 -5.70 -0.86
CA PRO A 63 -3.40 -6.42 -2.04
C PRO A 63 -3.15 -7.89 -1.76
N TYR A 64 -3.73 -8.76 -2.58
CA TYR A 64 -3.57 -10.20 -2.42
C TYR A 64 -3.35 -10.88 -3.76
N CYS A 65 -2.70 -12.04 -3.74
CA CYS A 65 -2.42 -12.80 -4.95
C CYS A 65 -3.51 -13.83 -5.22
N GLU A 66 -3.53 -14.37 -6.43
CA GLU A 66 -4.52 -15.37 -6.80
C GLU A 66 -4.35 -16.64 -5.98
N SER A 67 -3.30 -16.68 -5.17
CA SER A 67 -3.02 -17.84 -4.33
C SER A 67 -3.74 -17.72 -2.99
N ASP A 68 -3.27 -16.81 -2.15
CA ASP A 68 -3.88 -16.59 -0.84
C ASP A 68 -5.34 -16.19 -0.97
N TYR A 69 -5.58 -15.10 -1.69
CA TYR A 69 -6.94 -14.61 -1.89
C TYR A 69 -7.91 -15.76 -2.17
N HIS A 70 -7.61 -16.53 -3.21
CA HIS A 70 -8.44 -17.66 -3.60
C HIS A 70 -8.50 -18.70 -2.47
N ALA A 71 -7.50 -18.66 -1.59
CA ALA A 71 -7.43 -19.58 -0.46
C ALA A 71 -8.08 -18.99 0.78
N GLN A 72 -8.23 -17.67 0.79
CA GLN A 72 -8.83 -16.98 1.92
C GLN A 72 -10.35 -16.91 1.77
N PHE A 73 -10.81 -16.24 0.72
CA PHE A 73 -12.23 -16.10 0.46
C PHE A 73 -12.66 -16.96 -0.73
N GLY A 74 -11.68 -17.43 -1.49
CA GLY A 74 -11.98 -18.26 -2.65
C GLY A 74 -12.44 -19.65 -2.25
N SER A 75 -11.77 -20.24 -1.27
CA SER A 75 -12.11 -21.58 -0.81
C SER A 75 -13.01 -21.52 0.43
N GLY A 76 -14.06 -22.32 0.44
CA GLY A 76 -14.98 -22.34 1.57
C GLY A 76 -15.23 -23.74 2.09
N PRO A 77 -16.37 -24.32 1.69
CA PRO A 77 -16.75 -25.68 2.10
C PRO A 77 -15.87 -26.75 1.48
N SER A 78 -16.14 -28.00 1.82
CA SER A 78 -15.36 -29.12 1.30
C SER A 78 -15.21 -29.01 -0.22
N SER A 79 -16.34 -28.92 -0.91
CA SER A 79 -16.35 -28.81 -2.37
C SER A 79 -16.12 -27.37 -2.81
N GLY A 80 -15.11 -26.73 -2.22
CA GLY A 80 -14.81 -25.35 -2.56
C GLY A 80 -13.54 -25.22 -3.37
N GLY A 1 -3.19 31.25 37.45
CA GLY A 1 -2.89 30.39 36.33
C GLY A 1 -2.51 31.16 35.08
N SER A 2 -2.25 30.45 34.00
CA SER A 2 -1.88 31.08 32.74
C SER A 2 -2.22 30.19 31.55
N SER A 3 -2.28 30.78 30.37
CA SER A 3 -2.61 30.04 29.16
C SER A 3 -1.36 29.83 28.30
N GLY A 4 -0.56 30.88 28.17
CA GLY A 4 0.66 30.78 27.37
C GLY A 4 0.41 30.18 26.00
N SER A 5 0.25 31.04 25.00
CA SER A 5 0.00 30.58 23.64
C SER A 5 1.31 30.40 22.88
N SER A 6 1.54 29.19 22.39
CA SER A 6 2.75 28.88 21.64
C SER A 6 2.47 27.90 20.52
N GLY A 7 3.17 28.07 19.40
CA GLY A 7 2.98 27.18 18.26
C GLY A 7 3.14 27.91 16.93
N LYS A 8 4.05 27.40 16.10
CA LYS A 8 4.29 28.01 14.79
C LYS A 8 4.47 26.94 13.72
N PRO A 9 3.54 26.93 12.75
CA PRO A 9 3.57 25.96 11.64
C PRO A 9 4.73 26.20 10.69
N ILE A 10 5.10 25.17 9.93
CA ILE A 10 6.18 25.28 8.98
C ILE A 10 5.78 24.73 7.61
N LYS A 11 6.56 25.06 6.60
CA LYS A 11 6.29 24.60 5.23
C LYS A 11 6.48 23.09 5.13
N ILE A 12 5.39 22.37 4.86
CA ILE A 12 5.44 20.92 4.73
C ILE A 12 4.69 20.46 3.48
N ARG A 13 5.45 20.16 2.43
CA ARG A 13 4.86 19.70 1.17
C ARG A 13 4.07 18.42 1.38
N GLY A 14 4.72 17.41 1.96
CA GLY A 14 4.06 16.14 2.20
C GLY A 14 3.61 15.47 0.93
N PRO A 15 4.57 15.12 0.06
CA PRO A 15 4.28 14.47 -1.22
C PRO A 15 3.79 13.04 -1.04
N SER A 16 3.43 12.40 -2.15
CA SER A 16 2.95 11.02 -2.11
C SER A 16 4.06 10.06 -1.69
N HIS A 17 3.86 9.40 -0.56
CA HIS A 17 4.84 8.45 -0.05
C HIS A 17 4.40 7.02 -0.29
N CYS A 18 5.35 6.14 -0.55
CA CYS A 18 5.06 4.73 -0.81
C CYS A 18 4.22 4.15 0.33
N ALA A 19 3.13 3.48 -0.04
CA ALA A 19 2.24 2.87 0.95
C ALA A 19 2.77 1.49 1.37
N GLY A 20 4.04 1.24 1.10
CA GLY A 20 4.65 -0.03 1.46
C GLY A 20 5.86 0.13 2.35
N CYS A 21 6.66 1.15 2.08
CA CYS A 21 7.87 1.41 2.86
C CYS A 21 7.85 2.84 3.41
N LYS A 22 6.82 3.60 3.07
CA LYS A 22 6.68 4.98 3.53
C LYS A 22 7.86 5.81 3.06
N GLU A 23 8.13 5.80 1.76
CA GLU A 23 9.22 6.56 1.19
C GLU A 23 8.72 7.49 0.08
N GLU A 24 9.17 8.74 0.12
CA GLU A 24 8.76 9.72 -0.88
C GLU A 24 9.05 9.20 -2.29
N ILE A 25 8.01 9.14 -3.11
CA ILE A 25 8.14 8.67 -4.49
C ILE A 25 8.35 9.83 -5.45
N LYS A 26 9.29 9.67 -6.38
CA LYS A 26 9.59 10.70 -7.36
C LYS A 26 8.60 10.65 -8.52
N HIS A 27 7.33 10.40 -8.20
CA HIS A 27 6.28 10.33 -9.21
C HIS A 27 6.83 9.72 -10.51
N GLY A 28 7.65 8.70 -10.37
CA GLY A 28 8.23 8.05 -11.53
C GLY A 28 8.03 6.55 -11.51
N GLN A 29 8.89 5.84 -10.80
CA GLN A 29 8.81 4.39 -10.71
C GLN A 29 7.75 3.97 -9.69
N SER A 30 6.61 4.64 -9.72
CA SER A 30 5.52 4.35 -8.79
C SER A 30 4.55 3.35 -9.41
N LEU A 31 3.73 2.72 -8.56
CA LEU A 31 2.75 1.74 -9.02
C LEU A 31 1.37 2.05 -8.46
N LEU A 32 0.42 2.30 -9.35
CA LEU A 32 -0.95 2.61 -8.94
C LEU A 32 -1.68 1.35 -8.46
N ALA A 33 -2.24 1.42 -7.26
CA ALA A 33 -2.95 0.28 -6.69
C ALA A 33 -3.73 0.69 -5.44
N LEU A 34 -5.03 0.43 -5.45
CA LEU A 34 -5.88 0.78 -4.31
C LEU A 34 -5.81 2.27 -4.02
N ASP A 35 -5.98 3.09 -5.05
CA ASP A 35 -5.94 4.54 -4.89
C ASP A 35 -4.70 4.96 -4.11
N LYS A 36 -3.66 4.14 -4.16
CA LYS A 36 -2.42 4.42 -3.45
C LYS A 36 -1.22 4.34 -4.40
N GLN A 37 -0.03 4.58 -3.88
CA GLN A 37 1.19 4.52 -4.67
C GLN A 37 2.22 3.60 -4.03
N TRP A 38 2.56 2.52 -4.72
CA TRP A 38 3.53 1.55 -4.22
C TRP A 38 4.68 1.38 -5.21
N HIS A 39 5.88 1.19 -4.69
CA HIS A 39 7.06 0.99 -5.54
C HIS A 39 6.95 -0.30 -6.34
N VAL A 40 7.87 -0.49 -7.27
CA VAL A 40 7.88 -1.69 -8.11
C VAL A 40 8.40 -2.90 -7.33
N SER A 41 8.96 -2.65 -6.16
CA SER A 41 9.49 -3.71 -5.32
C SER A 41 8.86 -3.68 -3.94
N CYS A 42 7.73 -2.99 -3.82
CA CYS A 42 7.03 -2.88 -2.55
C CYS A 42 5.62 -3.46 -2.65
N PHE A 43 5.01 -3.30 -3.81
CA PHE A 43 3.66 -3.81 -4.04
C PHE A 43 3.65 -5.34 -4.10
N LYS A 44 3.31 -5.96 -2.98
CA LYS A 44 3.28 -7.42 -2.89
C LYS A 44 2.13 -7.88 -1.99
N CYS A 45 1.79 -9.16 -2.07
CA CYS A 45 0.73 -9.72 -1.26
C CYS A 45 0.90 -9.36 0.21
N GLN A 46 -0.14 -9.57 1.00
CA GLN A 46 -0.10 -9.26 2.42
C GLN A 46 -0.02 -10.53 3.26
N THR A 47 -0.38 -11.66 2.64
CA THR A 47 -0.35 -12.95 3.33
C THR A 47 0.94 -13.70 3.04
N CYS A 48 1.37 -13.68 1.78
CA CYS A 48 2.59 -14.35 1.38
C CYS A 48 3.72 -13.35 1.12
N SER A 49 3.34 -12.12 0.81
CA SER A 49 4.31 -11.06 0.55
C SER A 49 5.02 -11.29 -0.78
N VAL A 50 4.24 -11.56 -1.83
CA VAL A 50 4.79 -11.81 -3.15
C VAL A 50 4.54 -10.63 -4.08
N ILE A 51 5.57 -10.23 -4.82
CA ILE A 51 5.45 -9.12 -5.75
C ILE A 51 4.26 -9.29 -6.68
N LEU A 52 3.43 -8.26 -6.77
CA LEU A 52 2.25 -8.31 -7.62
C LEU A 52 2.36 -7.30 -8.76
N THR A 53 2.71 -7.78 -9.95
CA THR A 53 2.85 -6.91 -11.12
C THR A 53 1.94 -7.36 -12.24
N GLY A 54 1.74 -8.68 -12.36
CA GLY A 54 0.88 -9.21 -13.40
C GLY A 54 -0.58 -9.20 -13.01
N GLU A 55 -1.00 -10.23 -12.28
CA GLU A 55 -2.39 -10.34 -11.84
C GLU A 55 -2.48 -10.42 -10.32
N TYR A 56 -3.46 -9.73 -9.75
CA TYR A 56 -3.65 -9.72 -8.30
C TYR A 56 -5.07 -9.30 -7.95
N ILE A 57 -5.44 -9.49 -6.69
CA ILE A 57 -6.76 -9.12 -6.21
C ILE A 57 -6.69 -8.33 -4.91
N SER A 58 -7.48 -7.27 -4.83
CA SER A 58 -7.49 -6.42 -3.64
C SER A 58 -8.70 -6.74 -2.75
N LYS A 59 -8.45 -6.89 -1.46
CA LYS A 59 -9.51 -7.20 -0.51
C LYS A 59 -9.49 -6.23 0.67
N ASP A 60 -10.66 -5.72 1.02
CA ASP A 60 -10.77 -4.78 2.13
C ASP A 60 -9.67 -3.74 2.08
N GLY A 61 -9.16 -3.47 0.87
CA GLY A 61 -8.11 -2.49 0.71
C GLY A 61 -6.73 -3.08 0.95
N VAL A 62 -6.56 -4.34 0.58
CA VAL A 62 -5.27 -5.03 0.76
C VAL A 62 -4.94 -5.91 -0.45
N PRO A 63 -3.70 -5.77 -0.95
CA PRO A 63 -3.24 -6.54 -2.10
C PRO A 63 -3.05 -8.02 -1.79
N TYR A 64 -3.60 -8.88 -2.62
CA TYR A 64 -3.49 -10.32 -2.42
C TYR A 64 -3.31 -11.05 -3.74
N CYS A 65 -2.56 -12.15 -3.71
CA CYS A 65 -2.30 -12.93 -4.91
C CYS A 65 -3.42 -13.94 -5.15
N GLU A 66 -3.47 -14.48 -6.36
CA GLU A 66 -4.50 -15.46 -6.72
C GLU A 66 -4.38 -16.71 -5.86
N SER A 67 -3.32 -16.77 -5.05
CA SER A 67 -3.08 -17.92 -4.19
C SER A 67 -3.80 -17.74 -2.84
N ASP A 68 -3.29 -16.81 -2.04
CA ASP A 68 -3.88 -16.54 -0.72
C ASP A 68 -5.33 -16.11 -0.86
N TYR A 69 -5.57 -15.05 -1.63
CA TYR A 69 -6.92 -14.54 -1.84
C TYR A 69 -7.90 -15.67 -2.11
N HIS A 70 -7.56 -16.51 -3.10
CA HIS A 70 -8.41 -17.63 -3.47
C HIS A 70 -8.56 -18.61 -2.30
N ALA A 71 -7.61 -18.55 -1.38
CA ALA A 71 -7.62 -19.43 -0.21
C ALA A 71 -8.30 -18.74 0.98
N GLN A 72 -8.41 -17.42 0.92
CA GLN A 72 -9.03 -16.64 1.98
C GLN A 72 -10.52 -16.48 1.72
N PHE A 73 -10.86 -15.87 0.59
CA PHE A 73 -12.25 -15.65 0.23
C PHE A 73 -12.62 -16.39 -1.06
N GLY A 74 -11.81 -17.40 -1.38
CA GLY A 74 -12.06 -18.17 -2.59
C GLY A 74 -12.44 -19.61 -2.30
N SER A 75 -11.86 -20.16 -1.23
CA SER A 75 -12.14 -21.55 -0.85
C SER A 75 -11.52 -21.86 0.51
N GLY A 76 -12.16 -22.76 1.25
CA GLY A 76 -11.66 -23.13 2.57
C GLY A 76 -12.30 -24.40 3.09
N PRO A 77 -11.46 -25.40 3.42
CA PRO A 77 -11.92 -26.69 3.94
C PRO A 77 -12.50 -26.57 5.34
N SER A 78 -11.99 -25.61 6.11
CA SER A 78 -12.46 -25.40 7.47
C SER A 78 -11.93 -24.07 8.02
N SER A 79 -12.86 -23.21 8.45
CA SER A 79 -12.49 -21.90 8.99
C SER A 79 -13.54 -21.43 10.00
N GLY A 80 -13.08 -20.99 11.16
CA GLY A 80 -13.98 -20.51 12.19
C GLY A 80 -13.64 -21.04 13.57
N GLY A 1 -1.33 16.85 43.44
CA GLY A 1 -1.09 16.25 42.14
C GLY A 1 -1.07 17.26 41.02
N SER A 2 -0.11 17.13 40.12
CA SER A 2 0.02 18.05 39.00
C SER A 2 1.12 17.60 38.04
N SER A 3 0.75 17.31 36.80
CA SER A 3 1.69 16.86 35.79
C SER A 3 1.39 17.47 34.44
N GLY A 4 2.24 17.19 33.45
CA GLY A 4 2.04 17.73 32.13
C GLY A 4 1.20 16.81 31.25
N SER A 5 0.57 17.39 30.24
CA SER A 5 -0.28 16.62 29.33
C SER A 5 0.44 16.33 28.02
N SER A 6 0.80 17.38 27.30
CA SER A 6 1.49 17.24 26.02
C SER A 6 1.91 18.60 25.48
N GLY A 7 2.78 18.59 24.46
CA GLY A 7 3.25 19.82 23.87
C GLY A 7 4.18 19.59 22.70
N LYS A 8 3.67 18.92 21.67
CA LYS A 8 4.48 18.62 20.48
C LYS A 8 3.59 18.35 19.28
N PRO A 9 3.82 19.09 18.19
CA PRO A 9 3.05 18.95 16.94
C PRO A 9 3.34 17.63 16.24
N ILE A 10 2.60 17.36 15.17
CA ILE A 10 2.78 16.13 14.40
C ILE A 10 3.37 16.42 13.02
N LYS A 11 4.14 15.46 12.50
CA LYS A 11 4.76 15.61 11.20
C LYS A 11 4.21 14.60 10.21
N ILE A 12 2.88 14.55 10.10
CA ILE A 12 2.22 13.63 9.19
C ILE A 12 1.78 14.33 7.92
N ARG A 13 2.61 15.25 7.43
CA ARG A 13 2.30 16.00 6.22
C ARG A 13 3.49 15.98 5.25
N GLY A 14 3.19 15.94 3.96
CA GLY A 14 4.24 15.93 2.96
C GLY A 14 3.76 15.37 1.63
N PRO A 15 4.71 15.09 0.73
CA PRO A 15 4.41 14.55 -0.60
C PRO A 15 3.90 13.11 -0.54
N SER A 16 3.68 12.52 -1.70
CA SER A 16 3.20 11.15 -1.79
C SER A 16 4.26 10.16 -1.32
N HIS A 17 3.92 9.37 -0.30
CA HIS A 17 4.84 8.38 0.24
C HIS A 17 4.38 6.97 -0.09
N CYS A 18 5.34 6.10 -0.44
CA CYS A 18 5.04 4.72 -0.78
C CYS A 18 4.13 4.09 0.27
N ALA A 19 3.14 3.34 -0.20
CA ALA A 19 2.20 2.68 0.70
C ALA A 19 2.78 1.37 1.23
N GLY A 20 4.09 1.21 1.11
CA GLY A 20 4.74 0.01 1.58
C GLY A 20 5.89 0.32 2.52
N CYS A 21 6.78 1.22 2.12
CA CYS A 21 7.93 1.60 2.93
C CYS A 21 7.78 3.03 3.45
N LYS A 22 6.70 3.69 3.05
CA LYS A 22 6.44 5.06 3.46
C LYS A 22 7.57 5.99 3.04
N GLU A 23 8.06 5.80 1.82
CA GLU A 23 9.14 6.61 1.29
C GLU A 23 8.65 7.52 0.18
N GLU A 24 9.06 8.79 0.22
CA GLU A 24 8.66 9.76 -0.79
C GLU A 24 8.92 9.23 -2.19
N ILE A 25 7.88 9.21 -3.02
CA ILE A 25 8.00 8.73 -4.39
C ILE A 25 8.16 9.89 -5.37
N LYS A 26 9.35 10.45 -5.43
CA LYS A 26 9.63 11.56 -6.33
C LYS A 26 9.63 11.10 -7.78
N HIS A 27 10.62 10.29 -8.14
CA HIS A 27 10.73 9.78 -9.50
C HIS A 27 9.70 8.68 -9.76
N GLY A 28 9.66 8.18 -10.99
CA GLY A 28 8.72 7.13 -11.34
C GLY A 28 8.84 5.92 -10.43
N GLN A 29 9.35 4.83 -10.98
CA GLN A 29 9.51 3.60 -10.21
C GLN A 29 8.38 3.42 -9.22
N SER A 30 7.18 3.84 -9.61
CA SER A 30 6.01 3.74 -8.74
C SER A 30 4.98 2.79 -9.34
N LEU A 31 3.95 2.49 -8.56
CA LEU A 31 2.89 1.58 -9.01
C LEU A 31 1.54 1.98 -8.41
N LEU A 32 0.57 2.24 -9.27
CA LEU A 32 -0.76 2.63 -8.82
C LEU A 32 -1.58 1.40 -8.41
N ALA A 33 -2.22 1.49 -7.25
CA ALA A 33 -3.04 0.40 -6.74
C ALA A 33 -3.82 0.82 -5.50
N LEU A 34 -5.11 0.48 -5.48
CA LEU A 34 -5.96 0.83 -4.36
C LEU A 34 -5.91 2.33 -4.07
N ASP A 35 -5.88 3.13 -5.14
CA ASP A 35 -5.83 4.58 -5.01
C ASP A 35 -4.61 5.02 -4.21
N LYS A 36 -3.57 4.18 -4.22
CA LYS A 36 -2.34 4.48 -3.50
C LYS A 36 -1.13 4.39 -4.41
N GLN A 37 0.05 4.68 -3.87
CA GLN A 37 1.28 4.62 -4.63
C GLN A 37 2.28 3.67 -4.00
N TRP A 38 2.62 2.60 -4.70
CA TRP A 38 3.57 1.61 -4.20
C TRP A 38 4.74 1.44 -5.16
N HIS A 39 5.92 1.18 -4.61
CA HIS A 39 7.12 1.00 -5.43
C HIS A 39 7.04 -0.30 -6.23
N VAL A 40 7.99 -0.49 -7.14
CA VAL A 40 8.03 -1.68 -7.96
C VAL A 40 8.48 -2.90 -7.17
N SER A 41 9.06 -2.64 -6.00
CA SER A 41 9.55 -3.71 -5.14
C SER A 41 8.88 -3.66 -3.77
N CYS A 42 7.73 -3.00 -3.72
CA CYS A 42 6.97 -2.88 -2.47
C CYS A 42 5.56 -3.43 -2.64
N PHE A 43 5.01 -3.28 -3.83
CA PHE A 43 3.67 -3.76 -4.12
C PHE A 43 3.64 -5.29 -4.20
N LYS A 44 3.20 -5.93 -3.12
CA LYS A 44 3.13 -7.38 -3.06
C LYS A 44 1.99 -7.83 -2.15
N CYS A 45 1.70 -9.13 -2.17
CA CYS A 45 0.64 -9.68 -1.35
C CYS A 45 0.82 -9.30 0.11
N GLN A 46 -0.22 -9.53 0.92
CA GLN A 46 -0.17 -9.20 2.33
C GLN A 46 -0.06 -10.47 3.19
N THR A 47 -0.35 -11.61 2.57
CA THR A 47 -0.30 -12.89 3.26
C THR A 47 1.00 -13.62 2.97
N CYS A 48 1.42 -13.60 1.70
CA CYS A 48 2.65 -14.27 1.29
C CYS A 48 3.73 -13.24 0.98
N SER A 49 3.32 -12.00 0.73
CA SER A 49 4.26 -10.94 0.43
C SER A 49 4.98 -11.21 -0.89
N VAL A 50 4.21 -11.54 -1.93
CA VAL A 50 4.78 -11.83 -3.24
C VAL A 50 4.56 -10.67 -4.20
N ILE A 51 5.62 -10.31 -4.94
CA ILE A 51 5.54 -9.23 -5.89
C ILE A 51 4.41 -9.44 -6.90
N LEU A 52 3.55 -8.43 -7.02
CA LEU A 52 2.42 -8.51 -7.94
C LEU A 52 2.56 -7.47 -9.06
N THR A 53 2.98 -7.93 -10.23
CA THR A 53 3.15 -7.04 -11.38
C THR A 53 2.09 -7.31 -12.44
N GLY A 54 1.81 -8.59 -12.69
CA GLY A 54 0.81 -8.94 -13.68
C GLY A 54 -0.60 -8.66 -13.21
N GLU A 55 -1.18 -9.60 -12.47
CA GLU A 55 -2.54 -9.44 -11.97
C GLU A 55 -2.60 -9.73 -10.47
N TYR A 56 -3.72 -9.38 -9.86
CA TYR A 56 -3.91 -9.60 -8.43
C TYR A 56 -5.34 -9.26 -8.00
N ILE A 57 -5.64 -9.52 -6.74
CA ILE A 57 -6.97 -9.24 -6.20
C ILE A 57 -6.89 -8.36 -4.95
N SER A 58 -7.70 -7.32 -4.92
CA SER A 58 -7.73 -6.40 -3.78
C SER A 58 -8.89 -6.72 -2.85
N LYS A 59 -8.59 -6.86 -1.56
CA LYS A 59 -9.60 -7.16 -0.56
C LYS A 59 -9.51 -6.20 0.61
N ASP A 60 -10.66 -5.66 1.02
CA ASP A 60 -10.71 -4.72 2.14
C ASP A 60 -9.56 -3.73 2.08
N GLY A 61 -9.18 -3.35 0.86
CA GLY A 61 -8.09 -2.42 0.67
C GLY A 61 -6.73 -3.05 0.89
N VAL A 62 -6.59 -4.31 0.49
CA VAL A 62 -5.33 -5.02 0.64
C VAL A 62 -5.07 -5.93 -0.55
N PRO A 63 -3.87 -5.78 -1.15
CA PRO A 63 -3.46 -6.58 -2.31
C PRO A 63 -3.20 -8.04 -1.94
N TYR A 64 -3.80 -8.94 -2.72
CA TYR A 64 -3.63 -10.37 -2.48
C TYR A 64 -3.45 -11.13 -3.79
N CYS A 65 -2.67 -12.21 -3.75
CA CYS A 65 -2.41 -13.01 -4.93
C CYS A 65 -3.56 -14.01 -5.17
N GLU A 66 -3.52 -14.67 -6.31
CA GLU A 66 -4.55 -15.64 -6.66
C GLU A 66 -4.43 -16.89 -5.79
N SER A 67 -3.39 -16.95 -4.97
CA SER A 67 -3.16 -18.09 -4.10
C SER A 67 -3.83 -17.85 -2.74
N ASP A 68 -3.27 -16.95 -1.96
CA ASP A 68 -3.81 -16.63 -0.63
C ASP A 68 -5.27 -16.22 -0.73
N TYR A 69 -5.54 -15.17 -1.50
CA TYR A 69 -6.89 -14.67 -1.68
C TYR A 69 -7.87 -15.81 -1.90
N HIS A 70 -7.60 -16.64 -2.91
CA HIS A 70 -8.45 -17.78 -3.22
C HIS A 70 -8.53 -18.74 -2.04
N ALA A 71 -7.54 -18.67 -1.16
CA ALA A 71 -7.50 -19.53 0.01
C ALA A 71 -8.14 -18.86 1.22
N GLN A 72 -8.20 -17.53 1.18
CA GLN A 72 -8.78 -16.76 2.28
C GLN A 72 -10.29 -16.59 2.08
N PHE A 73 -10.67 -15.95 0.99
CA PHE A 73 -12.08 -15.72 0.68
C PHE A 73 -12.50 -16.49 -0.57
N GLY A 74 -11.73 -17.52 -0.90
CA GLY A 74 -12.03 -18.33 -2.08
C GLY A 74 -12.36 -19.77 -1.73
N SER A 75 -11.63 -20.31 -0.76
CA SER A 75 -11.84 -21.69 -0.33
C SER A 75 -11.81 -21.80 1.19
N GLY A 76 -12.34 -22.90 1.71
CA GLY A 76 -12.36 -23.11 3.16
C GLY A 76 -13.34 -24.18 3.57
N PRO A 77 -12.85 -25.43 3.63
CA PRO A 77 -13.67 -26.59 4.01
C PRO A 77 -14.05 -26.56 5.48
N SER A 78 -15.18 -25.95 5.80
CA SER A 78 -15.64 -25.85 7.18
C SER A 78 -16.49 -27.07 7.55
N SER A 79 -17.42 -27.42 6.68
CA SER A 79 -18.29 -28.56 6.91
C SER A 79 -18.24 -29.55 5.75
N GLY A 80 -18.50 -30.82 6.04
CA GLY A 80 -18.46 -31.84 5.01
C GLY A 80 -19.62 -31.72 4.04
N GLY A 1 -4.89 48.34 26.57
CA GLY A 1 -4.14 48.10 25.36
C GLY A 1 -3.56 46.69 25.30
N SER A 2 -3.23 46.24 24.09
CA SER A 2 -2.68 44.91 23.91
C SER A 2 -1.49 44.95 22.94
N SER A 3 -0.45 44.19 23.26
CA SER A 3 0.74 44.14 22.43
C SER A 3 1.46 42.80 22.59
N GLY A 4 2.05 42.31 21.51
CA GLY A 4 2.77 41.05 21.55
C GLY A 4 3.51 40.76 20.26
N SER A 5 3.88 39.50 20.07
CA SER A 5 4.61 39.09 18.87
C SER A 5 4.47 37.58 18.64
N SER A 6 4.15 37.21 17.41
CA SER A 6 3.99 35.79 17.06
C SER A 6 4.49 35.53 15.65
N GLY A 7 5.19 34.41 15.48
CA GLY A 7 5.72 34.06 14.16
C GLY A 7 6.28 32.65 14.13
N LYS A 8 5.39 31.65 14.14
CA LYS A 8 5.81 30.26 14.11
C LYS A 8 5.69 29.70 12.70
N PRO A 9 6.84 29.45 12.05
CA PRO A 9 6.88 28.90 10.70
C PRO A 9 6.43 27.44 10.65
N ILE A 10 5.77 27.07 9.55
CA ILE A 10 5.29 25.70 9.38
C ILE A 10 5.99 25.01 8.22
N LYS A 11 5.95 23.69 8.21
CA LYS A 11 6.57 22.91 7.13
C LYS A 11 5.51 22.32 6.21
N ILE A 12 5.14 23.09 5.19
CA ILE A 12 4.14 22.64 4.22
C ILE A 12 4.73 21.63 3.25
N ARG A 13 4.69 20.35 3.62
CA ARG A 13 5.22 19.29 2.77
C ARG A 13 4.53 17.97 3.06
N GLY A 14 4.49 17.10 2.06
CA GLY A 14 3.85 15.81 2.22
C GLY A 14 3.39 15.21 0.91
N PRO A 15 4.36 14.91 0.03
CA PRO A 15 4.07 14.34 -1.29
C PRO A 15 3.58 12.90 -1.19
N SER A 16 3.38 12.27 -2.35
CA SER A 16 2.91 10.89 -2.39
C SER A 16 3.98 9.92 -1.89
N HIS A 17 3.74 9.35 -0.72
CA HIS A 17 4.69 8.41 -0.12
C HIS A 17 4.26 6.96 -0.38
N CYS A 18 5.23 6.06 -0.41
CA CYS A 18 4.95 4.65 -0.65
C CYS A 18 4.09 4.06 0.47
N ALA A 19 3.04 3.35 0.08
CA ALA A 19 2.13 2.74 1.04
C ALA A 19 2.69 1.40 1.53
N GLY A 20 3.99 1.21 1.37
CA GLY A 20 4.61 -0.03 1.80
C GLY A 20 5.81 0.20 2.70
N CYS A 21 6.58 1.24 2.39
CA CYS A 21 7.77 1.58 3.17
C CYS A 21 7.73 3.04 3.62
N LYS A 22 6.63 3.72 3.31
CA LYS A 22 6.47 5.12 3.68
C LYS A 22 7.66 5.95 3.20
N GLU A 23 7.97 5.85 1.91
CA GLU A 23 9.08 6.59 1.33
C GLU A 23 8.62 7.42 0.14
N GLU A 24 9.01 8.69 0.13
CA GLU A 24 8.64 9.60 -0.96
C GLU A 24 8.89 8.95 -2.32
N ILE A 25 7.85 8.88 -3.14
CA ILE A 25 7.97 8.28 -4.47
C ILE A 25 8.29 9.35 -5.52
N LYS A 26 9.51 9.32 -6.03
CA LYS A 26 9.94 10.27 -7.04
C LYS A 26 9.14 10.09 -8.34
N HIS A 27 8.95 11.19 -9.06
CA HIS A 27 8.20 11.15 -10.32
C HIS A 27 8.95 10.31 -11.36
N GLY A 28 8.65 9.01 -11.38
CA GLY A 28 9.29 8.13 -12.33
C GLY A 28 9.05 6.67 -12.02
N GLN A 29 9.20 6.29 -10.75
CA GLN A 29 8.99 4.92 -10.33
C GLN A 29 7.84 4.82 -9.33
N SER A 30 6.69 4.35 -9.80
CA SER A 30 5.51 4.21 -8.95
C SER A 30 4.57 3.14 -9.50
N LEU A 31 3.71 2.62 -8.63
CA LEU A 31 2.75 1.59 -9.03
C LEU A 31 1.36 1.92 -8.50
N LEU A 32 0.43 2.15 -9.41
CA LEU A 32 -0.95 2.47 -9.04
C LEU A 32 -1.69 1.22 -8.58
N ALA A 33 -2.18 1.27 -7.35
CA ALA A 33 -2.91 0.14 -6.78
C ALA A 33 -3.67 0.56 -5.51
N LEU A 34 -4.93 0.15 -5.42
CA LEU A 34 -5.76 0.48 -4.27
C LEU A 34 -5.79 1.98 -4.04
N ASP A 35 -5.93 2.73 -5.12
CA ASP A 35 -5.98 4.19 -5.03
C ASP A 35 -4.78 4.73 -4.25
N LYS A 36 -3.69 3.97 -4.25
CA LYS A 36 -2.48 4.36 -3.54
C LYS A 36 -1.26 4.28 -4.45
N GLN A 37 -0.10 4.63 -3.91
CA GLN A 37 1.14 4.59 -4.67
C GLN A 37 2.20 3.75 -3.97
N TRP A 38 2.60 2.66 -4.61
CA TRP A 38 3.60 1.76 -4.04
C TRP A 38 4.78 1.58 -4.99
N HIS A 39 5.93 1.20 -4.44
CA HIS A 39 7.14 1.01 -5.24
C HIS A 39 7.04 -0.27 -6.05
N VAL A 40 7.96 -0.45 -6.98
CA VAL A 40 7.99 -1.64 -7.83
C VAL A 40 8.44 -2.87 -7.05
N SER A 41 9.08 -2.64 -5.91
CA SER A 41 9.57 -3.72 -5.08
C SER A 41 8.88 -3.70 -3.71
N CYS A 42 7.74 -3.02 -3.64
CA CYS A 42 6.99 -2.91 -2.39
C CYS A 42 5.58 -3.46 -2.56
N PHE A 43 5.01 -3.26 -3.75
CA PHE A 43 3.67 -3.74 -4.05
C PHE A 43 3.63 -5.26 -4.16
N LYS A 44 3.21 -5.91 -3.08
CA LYS A 44 3.13 -7.37 -3.07
C LYS A 44 2.00 -7.84 -2.13
N CYS A 45 1.73 -9.14 -2.15
CA CYS A 45 0.69 -9.72 -1.32
C CYS A 45 0.91 -9.36 0.15
N GLN A 46 -0.12 -9.59 0.97
CA GLN A 46 -0.03 -9.28 2.39
C GLN A 46 0.06 -10.56 3.21
N THR A 47 -0.29 -11.68 2.60
CA THR A 47 -0.25 -12.98 3.27
C THR A 47 1.02 -13.75 2.92
N CYS A 48 1.42 -13.66 1.66
CA CYS A 48 2.62 -14.35 1.19
C CYS A 48 3.74 -13.34 0.89
N SER A 49 3.35 -12.10 0.67
CA SER A 49 4.32 -11.04 0.37
C SER A 49 5.03 -11.33 -0.95
N VAL A 50 4.24 -11.51 -2.01
CA VAL A 50 4.80 -11.79 -3.33
C VAL A 50 4.57 -10.61 -4.28
N ILE A 51 5.61 -10.24 -5.01
CA ILE A 51 5.53 -9.14 -5.96
C ILE A 51 4.37 -9.34 -6.93
N LEU A 52 3.48 -8.35 -6.99
CA LEU A 52 2.32 -8.41 -7.88
C LEU A 52 2.45 -7.39 -9.00
N THR A 53 2.64 -7.90 -10.22
CA THR A 53 2.77 -7.03 -11.39
C THR A 53 1.78 -7.42 -12.48
N GLY A 54 1.62 -8.72 -12.70
CA GLY A 54 0.70 -9.20 -13.72
C GLY A 54 -0.73 -9.19 -13.24
N GLU A 55 -1.11 -10.18 -12.45
CA GLU A 55 -2.47 -10.29 -11.94
C GLU A 55 -2.48 -10.27 -10.42
N TYR A 56 -3.52 -9.68 -9.84
CA TYR A 56 -3.66 -9.59 -8.39
C TYR A 56 -5.07 -9.19 -8.00
N ILE A 57 -5.38 -9.34 -6.71
CA ILE A 57 -6.70 -9.01 -6.20
C ILE A 57 -6.60 -8.16 -4.94
N SER A 58 -7.42 -7.12 -4.85
CA SER A 58 -7.42 -6.23 -3.70
C SER A 58 -8.64 -6.49 -2.81
N LYS A 59 -8.40 -6.70 -1.52
CA LYS A 59 -9.49 -6.95 -0.58
C LYS A 59 -9.41 -5.98 0.60
N ASP A 60 -10.55 -5.44 0.99
CA ASP A 60 -10.62 -4.51 2.12
C ASP A 60 -9.45 -3.53 2.07
N GLY A 61 -8.96 -3.26 0.86
CA GLY A 61 -7.85 -2.34 0.71
C GLY A 61 -6.51 -3.01 0.95
N VAL A 62 -6.40 -4.27 0.57
CA VAL A 62 -5.16 -5.02 0.75
C VAL A 62 -4.87 -5.90 -0.46
N PRO A 63 -3.63 -5.80 -0.98
CA PRO A 63 -3.20 -6.58 -2.14
C PRO A 63 -3.05 -8.06 -1.81
N TYR A 64 -3.61 -8.91 -2.67
CA TYR A 64 -3.54 -10.36 -2.47
C TYR A 64 -3.39 -11.08 -3.80
N CYS A 65 -2.63 -12.17 -3.80
CA CYS A 65 -2.41 -12.95 -5.00
C CYS A 65 -3.55 -13.96 -5.20
N GLU A 66 -3.62 -14.53 -6.41
CA GLU A 66 -4.65 -15.50 -6.73
C GLU A 66 -4.51 -16.75 -5.87
N SER A 67 -3.44 -16.81 -5.10
CA SER A 67 -3.18 -17.94 -4.22
C SER A 67 -3.84 -17.75 -2.86
N ASP A 68 -3.30 -16.83 -2.08
CA ASP A 68 -3.83 -16.54 -0.76
C ASP A 68 -5.30 -16.12 -0.84
N TYR A 69 -5.56 -15.05 -1.58
CA TYR A 69 -6.92 -14.54 -1.75
C TYR A 69 -7.90 -15.69 -1.97
N HIS A 70 -7.65 -16.48 -3.00
CA HIS A 70 -8.52 -17.61 -3.32
C HIS A 70 -8.62 -18.57 -2.15
N ALA A 71 -7.60 -18.55 -1.29
CA ALA A 71 -7.57 -19.42 -0.12
C ALA A 71 -8.14 -18.71 1.11
N GLN A 72 -8.21 -17.38 1.04
CA GLN A 72 -8.73 -16.59 2.15
C GLN A 72 -10.20 -16.26 1.94
N PHE A 73 -10.49 -15.54 0.86
CA PHE A 73 -11.87 -15.16 0.55
C PHE A 73 -12.36 -15.89 -0.70
N GLY A 74 -11.72 -17.01 -1.02
CA GLY A 74 -12.10 -17.78 -2.19
C GLY A 74 -12.63 -19.15 -1.83
N SER A 75 -12.05 -19.75 -0.79
CA SER A 75 -12.47 -21.08 -0.36
C SER A 75 -13.68 -20.99 0.57
N GLY A 76 -14.38 -22.11 0.74
CA GLY A 76 -15.55 -22.14 1.59
C GLY A 76 -15.66 -23.41 2.39
N PRO A 77 -16.00 -24.51 1.71
CA PRO A 77 -16.14 -25.84 2.34
C PRO A 77 -14.81 -26.41 2.78
N SER A 78 -13.77 -25.57 2.77
CA SER A 78 -12.44 -26.01 3.17
C SER A 78 -12.52 -27.14 4.17
N SER A 79 -11.90 -28.27 3.83
CA SER A 79 -11.89 -29.43 4.71
C SER A 79 -10.88 -29.28 5.83
N GLY A 80 -11.22 -29.79 7.01
CA GLY A 80 -10.33 -29.69 8.14
C GLY A 80 -9.39 -30.87 8.25
N GLY A 1 2.72 59.10 -4.44
CA GLY A 1 3.39 58.61 -3.25
C GLY A 1 3.17 57.13 -3.02
N SER A 2 4.25 56.40 -2.82
CA SER A 2 4.18 54.96 -2.59
C SER A 2 5.35 54.48 -1.75
N SER A 3 5.09 53.50 -0.88
CA SER A 3 6.13 52.95 -0.02
C SER A 3 5.64 51.67 0.66
N GLY A 4 6.37 50.58 0.45
CA GLY A 4 6.00 49.32 1.05
C GLY A 4 7.05 48.25 0.83
N SER A 5 6.81 47.06 1.38
CA SER A 5 7.74 45.95 1.25
C SER A 5 7.15 44.67 1.83
N SER A 6 7.51 43.54 1.23
CA SER A 6 7.01 42.24 1.68
C SER A 6 7.71 41.10 0.93
N GLY A 7 7.78 39.94 1.58
CA GLY A 7 8.42 38.79 0.96
C GLY A 7 8.53 37.62 1.92
N LYS A 8 7.67 36.62 1.73
CA LYS A 8 7.67 35.44 2.58
C LYS A 8 7.09 34.24 1.84
N PRO A 9 7.80 33.10 1.89
CA PRO A 9 7.38 31.87 1.23
C PRO A 9 6.16 31.25 1.91
N ILE A 10 5.68 30.14 1.35
CA ILE A 10 4.51 29.45 1.91
C ILE A 10 4.90 28.08 2.45
N LYS A 11 4.24 27.67 3.53
CA LYS A 11 4.52 26.38 4.15
C LYS A 11 3.47 25.35 3.74
N ILE A 12 3.47 24.99 2.46
CA ILE A 12 2.53 24.01 1.94
C ILE A 12 3.24 22.97 1.07
N ARG A 13 3.03 21.70 1.39
CA ARG A 13 3.65 20.61 0.65
C ARG A 13 3.16 19.25 1.15
N GLY A 14 3.05 18.29 0.24
CA GLY A 14 2.60 16.97 0.62
C GLY A 14 2.61 16.00 -0.55
N PRO A 15 3.82 15.51 -0.90
CA PRO A 15 3.99 14.56 -2.01
C PRO A 15 3.41 13.19 -1.69
N SER A 16 3.66 12.23 -2.58
CA SER A 16 3.17 10.88 -2.40
C SER A 16 4.22 9.99 -1.76
N HIS A 17 3.79 9.17 -0.80
CA HIS A 17 4.71 8.27 -0.09
C HIS A 17 4.30 6.82 -0.30
N CYS A 18 5.29 5.96 -0.53
CA CYS A 18 5.03 4.54 -0.76
C CYS A 18 4.18 3.96 0.37
N ALA A 19 3.13 3.22 -0.02
CA ALA A 19 2.24 2.61 0.95
C ALA A 19 2.80 1.29 1.47
N GLY A 20 4.12 1.14 1.38
CA GLY A 20 4.76 -0.07 1.84
C GLY A 20 5.95 0.20 2.74
N CYS A 21 6.77 1.17 2.35
CA CYS A 21 7.95 1.53 3.13
C CYS A 21 7.85 2.97 3.62
N LYS A 22 6.79 3.66 3.24
CA LYS A 22 6.57 5.04 3.64
C LYS A 22 7.71 5.93 3.14
N GLU A 23 8.09 5.74 1.88
CA GLU A 23 9.17 6.53 1.29
C GLU A 23 8.62 7.43 0.18
N GLU A 24 9.04 8.70 0.20
CA GLU A 24 8.60 9.65 -0.81
C GLU A 24 8.87 9.14 -2.21
N ILE A 25 7.82 9.04 -3.01
CA ILE A 25 7.95 8.56 -4.39
C ILE A 25 8.02 9.72 -5.38
N LYS A 26 9.19 10.36 -5.45
CA LYS A 26 9.39 11.48 -6.35
C LYS A 26 10.17 11.05 -7.59
N HIS A 27 11.22 10.25 -7.38
CA HIS A 27 12.04 9.77 -8.49
C HIS A 27 11.20 9.54 -9.73
N GLY A 28 10.11 8.79 -9.59
CA GLY A 28 9.25 8.50 -10.71
C GLY A 28 8.63 7.12 -10.63
N GLN A 29 9.48 6.09 -10.67
CA GLN A 29 9.01 4.71 -10.61
C GLN A 29 7.94 4.54 -9.54
N SER A 30 6.70 4.31 -9.99
CA SER A 30 5.58 4.14 -9.07
C SER A 30 4.63 3.07 -9.59
N LEU A 31 3.76 2.59 -8.69
CA LEU A 31 2.79 1.55 -9.05
C LEU A 31 1.41 1.88 -8.48
N LEU A 32 0.49 2.26 -9.36
CA LEU A 32 -0.86 2.61 -8.95
C LEU A 32 -1.65 1.35 -8.57
N ALA A 33 -2.27 1.39 -7.40
CA ALA A 33 -3.06 0.25 -6.92
C ALA A 33 -3.81 0.62 -5.64
N LEU A 34 -5.11 0.32 -5.61
CA LEU A 34 -5.93 0.61 -4.45
C LEU A 34 -5.89 2.10 -4.12
N ASP A 35 -5.99 2.93 -5.14
CA ASP A 35 -5.97 4.39 -4.95
C ASP A 35 -4.76 4.80 -4.11
N LYS A 36 -3.69 4.03 -4.19
CA LYS A 36 -2.47 4.31 -3.44
C LYS A 36 -1.25 4.27 -4.36
N GLN A 37 -0.09 4.61 -3.81
CA GLN A 37 1.14 4.61 -4.57
C GLN A 37 2.20 3.74 -3.89
N TRP A 38 2.61 2.67 -4.57
CA TRP A 38 3.62 1.76 -4.04
C TRP A 38 4.79 1.64 -4.99
N HIS A 39 5.92 1.17 -4.47
CA HIS A 39 7.12 1.00 -5.28
C HIS A 39 7.03 -0.28 -6.12
N VAL A 40 7.98 -0.46 -7.03
CA VAL A 40 8.02 -1.64 -7.89
C VAL A 40 8.43 -2.88 -7.10
N SER A 41 9.04 -2.67 -5.95
CA SER A 41 9.49 -3.77 -5.10
C SER A 41 8.81 -3.73 -3.74
N CYS A 42 7.68 -3.04 -3.67
CA CYS A 42 6.93 -2.92 -2.43
C CYS A 42 5.51 -3.43 -2.60
N PHE A 43 4.97 -3.30 -3.81
CA PHE A 43 3.62 -3.74 -4.10
C PHE A 43 3.56 -5.27 -4.21
N LYS A 44 3.34 -5.92 -3.07
CA LYS A 44 3.26 -7.38 -3.02
C LYS A 44 2.13 -7.83 -2.10
N CYS A 45 1.79 -9.11 -2.20
CA CYS A 45 0.71 -9.67 -1.38
C CYS A 45 0.90 -9.28 0.09
N GLN A 46 -0.15 -9.49 0.88
CA GLN A 46 -0.11 -9.16 2.30
C GLN A 46 -0.05 -10.42 3.17
N THR A 47 -0.38 -11.55 2.56
CA THR A 47 -0.36 -12.83 3.27
C THR A 47 0.92 -13.61 2.96
N CYS A 48 1.38 -13.52 1.72
CA CYS A 48 2.59 -14.22 1.31
C CYS A 48 3.70 -13.23 0.97
N SER A 49 3.31 -11.99 0.70
CA SER A 49 4.28 -10.95 0.36
C SER A 49 5.00 -11.26 -0.94
N VAL A 50 4.22 -11.49 -1.99
CA VAL A 50 4.79 -11.82 -3.30
C VAL A 50 4.52 -10.70 -4.31
N ILE A 51 5.58 -10.20 -4.93
CA ILE A 51 5.47 -9.14 -5.91
C ILE A 51 4.27 -9.36 -6.82
N LEU A 52 3.45 -8.32 -6.98
CA LEU A 52 2.26 -8.40 -7.83
C LEU A 52 2.38 -7.45 -9.02
N THR A 53 2.76 -7.98 -10.18
CA THR A 53 2.90 -7.18 -11.38
C THR A 53 1.86 -7.58 -12.43
N GLY A 54 1.68 -8.88 -12.60
CA GLY A 54 0.71 -9.37 -13.57
C GLY A 54 -0.72 -9.27 -13.08
N GLU A 55 -1.18 -10.32 -12.40
CA GLU A 55 -2.54 -10.35 -11.88
C GLU A 55 -2.53 -10.29 -10.35
N TYR A 56 -3.53 -9.63 -9.78
CA TYR A 56 -3.64 -9.49 -8.34
C TYR A 56 -5.05 -9.07 -7.93
N ILE A 57 -5.42 -9.39 -6.70
CA ILE A 57 -6.74 -9.05 -6.19
C ILE A 57 -6.64 -8.22 -4.91
N SER A 58 -7.49 -7.21 -4.79
CA SER A 58 -7.50 -6.35 -3.62
C SER A 58 -8.68 -6.66 -2.71
N LYS A 59 -8.40 -6.80 -1.42
CA LYS A 59 -9.43 -7.11 -0.44
C LYS A 59 -9.42 -6.11 0.70
N ASP A 60 -10.60 -5.61 1.07
CA ASP A 60 -10.72 -4.64 2.15
C ASP A 60 -9.60 -3.60 2.08
N GLY A 61 -9.09 -3.38 0.87
CA GLY A 61 -8.02 -2.40 0.69
C GLY A 61 -6.65 -3.01 0.94
N VAL A 62 -6.46 -4.25 0.51
CA VAL A 62 -5.20 -4.94 0.68
C VAL A 62 -4.87 -5.82 -0.52
N PRO A 63 -3.65 -5.69 -1.04
CA PRO A 63 -3.19 -6.47 -2.20
C PRO A 63 -3.00 -7.94 -1.87
N TYR A 64 -3.57 -8.82 -2.69
CA TYR A 64 -3.46 -10.25 -2.48
C TYR A 64 -3.28 -10.99 -3.81
N CYS A 65 -2.59 -12.12 -3.76
CA CYS A 65 -2.35 -12.92 -4.95
C CYS A 65 -3.47 -13.92 -5.18
N GLU A 66 -3.53 -14.48 -6.39
CA GLU A 66 -4.56 -15.46 -6.72
C GLU A 66 -4.43 -16.72 -5.86
N SER A 67 -3.36 -16.76 -5.07
CA SER A 67 -3.10 -17.91 -4.20
C SER A 67 -3.79 -17.72 -2.85
N ASP A 68 -3.25 -16.80 -2.05
CA ASP A 68 -3.82 -16.51 -0.73
C ASP A 68 -5.27 -16.10 -0.83
N TYR A 69 -5.53 -15.03 -1.58
CA TYR A 69 -6.88 -14.52 -1.75
C TYR A 69 -7.87 -15.67 -1.99
N HIS A 70 -7.62 -16.44 -3.04
CA HIS A 70 -8.47 -17.58 -3.38
C HIS A 70 -8.56 -18.55 -2.22
N ALA A 71 -7.58 -18.51 -1.34
CA ALA A 71 -7.54 -19.40 -0.18
C ALA A 71 -8.17 -18.73 1.04
N GLN A 72 -8.24 -17.40 1.01
CA GLN A 72 -8.81 -16.64 2.12
C GLN A 72 -10.30 -16.41 1.90
N PHE A 73 -10.64 -15.75 0.80
CA PHE A 73 -12.04 -15.46 0.48
C PHE A 73 -12.45 -16.17 -0.80
N GLY A 74 -11.72 -17.23 -1.14
CA GLY A 74 -12.03 -17.99 -2.35
C GLY A 74 -12.55 -19.38 -2.04
N SER A 75 -12.00 -20.00 -0.99
CA SER A 75 -12.42 -21.35 -0.60
C SER A 75 -13.38 -21.29 0.58
N GLY A 76 -14.68 -21.15 0.27
CA GLY A 76 -15.68 -21.09 1.31
C GLY A 76 -16.29 -22.44 1.60
N PRO A 77 -17.22 -22.48 2.57
CA PRO A 77 -17.90 -23.71 2.97
C PRO A 77 -18.88 -24.21 1.90
N SER A 78 -18.73 -23.68 0.69
CA SER A 78 -19.59 -24.07 -0.43
C SER A 78 -19.19 -25.43 -0.97
N SER A 79 -19.11 -26.42 -0.08
CA SER A 79 -18.73 -27.78 -0.46
C SER A 79 -17.42 -27.77 -1.26
N GLY A 80 -16.42 -27.06 -0.74
CA GLY A 80 -15.15 -26.99 -1.41
C GLY A 80 -15.28 -26.90 -2.92
N GLY A 1 14.93 40.67 29.04
CA GLY A 1 14.89 39.57 28.09
C GLY A 1 15.88 38.47 28.43
N SER A 2 17.17 38.77 28.30
CA SER A 2 18.21 37.79 28.60
C SER A 2 17.78 36.39 28.18
N SER A 3 17.15 36.30 27.01
CA SER A 3 16.69 35.02 26.49
C SER A 3 16.78 34.98 24.97
N GLY A 4 16.92 33.78 24.42
CA GLY A 4 17.02 33.63 22.98
C GLY A 4 17.46 32.24 22.57
N SER A 5 16.52 31.46 22.04
CA SER A 5 16.81 30.09 21.62
C SER A 5 16.66 29.96 20.10
N SER A 6 17.46 29.07 19.51
CA SER A 6 17.41 28.84 18.08
C SER A 6 17.31 27.35 17.76
N GLY A 7 16.22 26.96 17.12
CA GLY A 7 16.02 25.57 16.77
C GLY A 7 14.76 25.34 15.95
N LYS A 8 14.64 26.06 14.85
CA LYS A 8 13.48 25.95 13.97
C LYS A 8 13.59 24.70 13.10
N PRO A 9 12.59 23.82 13.22
CA PRO A 9 12.54 22.57 12.43
C PRO A 9 12.28 22.82 10.96
N ILE A 10 12.09 21.74 10.19
CA ILE A 10 11.84 21.85 8.77
C ILE A 10 10.43 21.38 8.43
N LYS A 11 9.89 21.90 7.32
CA LYS A 11 8.56 21.55 6.88
C LYS A 11 8.59 20.33 5.97
N ILE A 12 7.97 19.24 6.41
CA ILE A 12 7.94 18.00 5.63
C ILE A 12 6.50 17.61 5.28
N ARG A 13 5.95 18.28 4.27
CA ARG A 13 4.59 18.00 3.84
C ARG A 13 4.51 16.68 3.06
N GLY A 14 5.26 16.60 1.96
CA GLY A 14 5.26 15.39 1.16
C GLY A 14 3.95 15.19 0.42
N PRO A 15 4.03 15.20 -0.92
CA PRO A 15 2.85 15.02 -1.77
C PRO A 15 2.31 13.59 -1.72
N SER A 16 3.22 12.62 -1.76
CA SER A 16 2.84 11.21 -1.71
C SER A 16 4.02 10.34 -1.29
N HIS A 17 3.72 9.23 -0.63
CA HIS A 17 4.76 8.31 -0.17
C HIS A 17 4.35 6.86 -0.42
N CYS A 18 5.33 5.98 -0.51
CA CYS A 18 5.08 4.56 -0.75
C CYS A 18 4.23 3.97 0.38
N ALA A 19 3.18 3.25 0.00
CA ALA A 19 2.30 2.62 0.97
C ALA A 19 2.85 1.27 1.42
N GLY A 20 4.14 1.07 1.23
CA GLY A 20 4.77 -0.18 1.63
C GLY A 20 5.99 0.02 2.48
N CYS A 21 6.75 1.08 2.19
CA CYS A 21 7.96 1.38 2.95
C CYS A 21 7.90 2.80 3.52
N LYS A 22 6.83 3.52 3.18
CA LYS A 22 6.65 4.88 3.68
C LYS A 22 7.80 5.79 3.22
N GLU A 23 8.08 5.75 1.92
CA GLU A 23 9.15 6.57 1.35
C GLU A 23 8.63 7.43 0.21
N GLU A 24 9.00 8.70 0.21
CA GLU A 24 8.57 9.63 -0.83
C GLU A 24 8.87 9.06 -2.21
N ILE A 25 7.86 8.99 -3.05
CA ILE A 25 8.01 8.47 -4.41
C ILE A 25 8.28 9.60 -5.40
N LYS A 26 9.54 10.01 -5.49
CA LYS A 26 9.93 11.08 -6.41
C LYS A 26 9.57 10.72 -7.85
N HIS A 27 8.89 11.64 -8.53
CA HIS A 27 8.48 11.42 -9.91
C HIS A 27 9.54 10.62 -10.66
N GLY A 28 9.10 9.56 -11.35
CA GLY A 28 10.01 8.73 -12.10
C GLY A 28 9.55 7.29 -12.18
N GLN A 29 9.16 6.73 -11.04
CA GLN A 29 8.70 5.34 -10.99
C GLN A 29 7.71 5.15 -9.85
N SER A 30 6.58 4.50 -10.16
CA SER A 30 5.55 4.26 -9.16
C SER A 30 4.53 3.26 -9.68
N LEU A 31 3.83 2.59 -8.76
CA LEU A 31 2.82 1.60 -9.13
C LEU A 31 1.46 1.96 -8.52
N LEU A 32 0.52 2.31 -9.39
CA LEU A 32 -0.83 2.68 -8.94
C LEU A 32 -1.61 1.44 -8.53
N ALA A 33 -2.21 1.51 -7.34
CA ALA A 33 -3.00 0.40 -6.82
C ALA A 33 -3.74 0.79 -5.55
N LEU A 34 -5.00 0.38 -5.44
CA LEU A 34 -5.82 0.69 -4.28
C LEU A 34 -5.80 2.19 -3.99
N ASP A 35 -5.89 2.99 -5.04
CA ASP A 35 -5.90 4.44 -4.91
C ASP A 35 -4.68 4.91 -4.12
N LYS A 36 -3.60 4.13 -4.17
CA LYS A 36 -2.37 4.47 -3.46
C LYS A 36 -1.17 4.37 -4.39
N GLN A 37 0.00 4.73 -3.86
CA GLN A 37 1.23 4.68 -4.65
C GLN A 37 2.27 3.80 -3.98
N TRP A 38 2.63 2.71 -4.64
CA TRP A 38 3.62 1.78 -4.10
C TRP A 38 4.79 1.60 -5.08
N HIS A 39 5.93 1.15 -4.55
CA HIS A 39 7.11 0.94 -5.37
C HIS A 39 7.01 -0.37 -6.15
N VAL A 40 7.90 -0.54 -7.12
CA VAL A 40 7.91 -1.75 -7.94
C VAL A 40 8.37 -2.97 -7.13
N SER A 41 9.05 -2.70 -6.03
CA SER A 41 9.55 -3.77 -5.17
C SER A 41 8.89 -3.72 -3.79
N CYS A 42 7.76 -3.03 -3.72
CA CYS A 42 7.01 -2.91 -2.47
C CYS A 42 5.60 -3.44 -2.62
N PHE A 43 5.04 -3.29 -3.82
CA PHE A 43 3.68 -3.75 -4.09
C PHE A 43 3.63 -5.28 -4.19
N LYS A 44 3.21 -5.92 -3.10
CA LYS A 44 3.13 -7.37 -3.05
C LYS A 44 1.99 -7.82 -2.13
N CYS A 45 1.70 -9.11 -2.16
CA CYS A 45 0.65 -9.67 -1.32
C CYS A 45 0.83 -9.26 0.14
N GLN A 46 -0.20 -9.48 0.95
CA GLN A 46 -0.15 -9.13 2.36
C GLN A 46 -0.06 -10.39 3.22
N THR A 47 -0.36 -11.55 2.62
CA THR A 47 -0.31 -12.81 3.34
C THR A 47 0.97 -13.57 3.02
N CYS A 48 1.38 -13.54 1.75
CA CYS A 48 2.60 -14.22 1.33
C CYS A 48 3.71 -13.21 1.01
N SER A 49 3.31 -11.96 0.77
CA SER A 49 4.28 -10.91 0.45
C SER A 49 5.01 -11.21 -0.86
N VAL A 50 4.24 -11.45 -1.91
CA VAL A 50 4.81 -11.75 -3.22
C VAL A 50 4.58 -10.59 -4.20
N ILE A 51 5.61 -10.27 -4.97
CA ILE A 51 5.53 -9.19 -5.93
C ILE A 51 4.37 -9.40 -6.89
N LEU A 52 3.54 -8.37 -7.03
CA LEU A 52 2.38 -8.43 -7.92
C LEU A 52 2.51 -7.44 -9.07
N THR A 53 2.77 -7.96 -10.26
CA THR A 53 2.93 -7.13 -11.44
C THR A 53 1.97 -7.54 -12.55
N GLY A 54 1.74 -8.85 -12.66
CA GLY A 54 0.84 -9.36 -13.67
C GLY A 54 -0.62 -9.27 -13.26
N GLU A 55 -1.03 -10.14 -12.34
CA GLU A 55 -2.40 -10.14 -11.86
C GLU A 55 -2.45 -10.14 -10.33
N TYR A 56 -3.51 -9.56 -9.78
CA TYR A 56 -3.67 -9.49 -8.32
C TYR A 56 -5.10 -9.14 -7.95
N ILE A 57 -5.45 -9.37 -6.69
CA ILE A 57 -6.79 -9.07 -6.21
C ILE A 57 -6.74 -8.29 -4.90
N SER A 58 -7.53 -7.22 -4.83
CA SER A 58 -7.57 -6.38 -3.63
C SER A 58 -8.81 -6.72 -2.79
N LYS A 59 -8.59 -6.88 -1.49
CA LYS A 59 -9.69 -7.19 -0.57
C LYS A 59 -9.68 -6.24 0.63
N ASP A 60 -10.85 -5.70 0.95
CA ASP A 60 -10.98 -4.78 2.07
C ASP A 60 -9.85 -3.77 2.08
N GLY A 61 -9.38 -3.39 0.89
CA GLY A 61 -8.29 -2.43 0.79
C GLY A 61 -6.94 -3.06 1.08
N VAL A 62 -6.77 -4.30 0.64
CA VAL A 62 -5.51 -5.01 0.86
C VAL A 62 -5.14 -5.85 -0.36
N PRO A 63 -3.90 -5.68 -0.84
CA PRO A 63 -3.39 -6.42 -2.01
C PRO A 63 -3.17 -7.90 -1.70
N TYR A 64 -3.69 -8.76 -2.57
CA TYR A 64 -3.54 -10.20 -2.39
C TYR A 64 -3.33 -10.90 -3.73
N CYS A 65 -2.65 -12.04 -3.69
CA CYS A 65 -2.38 -12.81 -4.91
C CYS A 65 -3.48 -13.83 -5.16
N GLU A 66 -3.42 -14.48 -6.32
CA GLU A 66 -4.43 -15.48 -6.68
C GLU A 66 -4.28 -16.72 -5.82
N SER A 67 -3.24 -16.75 -4.99
CA SER A 67 -2.99 -17.89 -4.11
C SER A 67 -3.71 -17.71 -2.78
N ASP A 68 -3.22 -16.78 -1.96
CA ASP A 68 -3.82 -16.51 -0.67
C ASP A 68 -5.28 -16.10 -0.81
N TYR A 69 -5.52 -15.04 -1.58
CA TYR A 69 -6.88 -14.55 -1.79
C TYR A 69 -7.84 -15.70 -2.02
N HIS A 70 -7.56 -16.52 -3.05
CA HIS A 70 -8.41 -17.66 -3.37
C HIS A 70 -8.47 -18.65 -2.20
N ALA A 71 -7.47 -18.57 -1.33
CA ALA A 71 -7.40 -19.45 -0.17
C ALA A 71 -8.04 -18.81 1.05
N GLN A 72 -8.22 -17.49 0.99
CA GLN A 72 -8.82 -16.76 2.10
C GLN A 72 -10.31 -16.55 1.87
N PHE A 73 -10.65 -15.80 0.82
CA PHE A 73 -12.04 -15.52 0.48
C PHE A 73 -12.46 -16.27 -0.78
N GLY A 74 -11.70 -17.30 -1.14
CA GLY A 74 -12.00 -18.07 -2.33
C GLY A 74 -12.64 -19.41 -2.00
N SER A 75 -12.24 -20.00 -0.88
CA SER A 75 -12.77 -21.28 -0.46
C SER A 75 -14.30 -21.23 -0.33
N GLY A 76 -14.96 -22.35 -0.63
CA GLY A 76 -16.40 -22.39 -0.53
C GLY A 76 -16.88 -23.39 0.51
N PRO A 77 -17.44 -24.51 0.05
CA PRO A 77 -17.96 -25.56 0.94
C PRO A 77 -16.84 -26.31 1.66
N SER A 78 -15.71 -26.50 0.97
CA SER A 78 -14.57 -27.20 1.54
C SER A 78 -13.58 -26.21 2.15
N SER A 79 -13.31 -26.35 3.44
CA SER A 79 -12.38 -25.48 4.13
C SER A 79 -10.96 -26.05 4.09
N GLY A 80 -9.98 -25.19 4.38
CA GLY A 80 -8.59 -25.63 4.37
C GLY A 80 -8.08 -25.93 5.76
N GLY A 1 3.69 45.34 31.09
CA GLY A 1 3.14 44.59 29.97
C GLY A 1 4.11 43.56 29.43
N SER A 2 3.70 42.84 28.39
CA SER A 2 4.54 41.80 27.79
C SER A 2 3.96 41.36 26.45
N SER A 3 4.80 40.69 25.65
CA SER A 3 4.38 40.21 24.34
C SER A 3 5.19 38.99 23.93
N GLY A 4 4.69 38.27 22.92
CA GLY A 4 5.38 37.09 22.45
C GLY A 4 5.01 36.73 21.03
N SER A 5 5.35 35.51 20.62
CA SER A 5 5.05 35.04 19.26
C SER A 5 5.33 33.55 19.13
N SER A 6 4.57 32.89 18.26
CA SER A 6 4.74 31.46 18.04
C SER A 6 4.77 31.13 16.55
N GLY A 7 5.14 29.90 16.23
CA GLY A 7 5.21 29.49 14.84
C GLY A 7 4.06 28.60 14.44
N LYS A 8 3.93 28.34 13.13
CA LYS A 8 2.86 27.50 12.62
C LYS A 8 3.35 26.65 11.45
N PRO A 9 3.01 25.35 11.49
CA PRO A 9 3.41 24.41 10.44
C PRO A 9 2.68 24.67 9.12
N ILE A 10 2.89 23.77 8.15
CA ILE A 10 2.25 23.91 6.85
C ILE A 10 1.73 22.56 6.35
N LYS A 11 0.71 22.62 5.50
CA LYS A 11 0.12 21.40 4.95
C LYS A 11 0.62 21.14 3.53
N ILE A 12 1.78 20.50 3.43
CA ILE A 12 2.36 20.19 2.13
C ILE A 12 1.38 19.41 1.26
N ARG A 13 0.96 18.24 1.73
CA ARG A 13 0.02 17.41 0.99
C ARG A 13 0.26 17.53 -0.51
N GLY A 14 1.52 17.41 -0.92
CA GLY A 14 1.85 17.51 -2.33
C GLY A 14 2.26 16.18 -2.93
N PRO A 15 3.49 15.74 -2.61
CA PRO A 15 4.03 14.47 -3.11
C PRO A 15 3.33 13.27 -2.49
N SER A 16 3.62 12.08 -3.03
CA SER A 16 3.00 10.85 -2.54
C SER A 16 4.08 9.89 -2.03
N HIS A 17 3.92 9.42 -0.80
CA HIS A 17 4.86 8.49 -0.19
C HIS A 17 4.43 7.05 -0.41
N CYS A 18 5.39 6.17 -0.64
CA CYS A 18 5.10 4.76 -0.86
C CYS A 18 4.26 4.19 0.28
N ALA A 19 3.18 3.51 -0.07
CA ALA A 19 2.30 2.91 0.93
C ALA A 19 2.83 1.57 1.41
N GLY A 20 4.12 1.33 1.16
CA GLY A 20 4.73 0.08 1.57
C GLY A 20 5.93 0.29 2.47
N CYS A 21 6.74 1.30 2.16
CA CYS A 21 7.92 1.61 2.95
C CYS A 21 7.87 3.05 3.47
N LYS A 22 6.83 3.78 3.07
CA LYS A 22 6.67 5.17 3.50
C LYS A 22 7.83 6.01 3.01
N GLU A 23 8.12 5.93 1.72
CA GLU A 23 9.21 6.70 1.13
C GLU A 23 8.71 7.56 -0.03
N GLU A 24 9.08 8.83 -0.03
CA GLU A 24 8.66 9.75 -1.08
C GLU A 24 8.95 9.17 -2.45
N ILE A 25 7.92 9.10 -3.29
CA ILE A 25 8.07 8.57 -4.64
C ILE A 25 8.28 9.69 -5.66
N LYS A 26 9.46 10.31 -5.60
CA LYS A 26 9.78 11.40 -6.52
C LYS A 26 10.58 10.88 -7.72
N HIS A 27 11.44 9.90 -7.46
CA HIS A 27 12.26 9.32 -8.51
C HIS A 27 11.49 9.22 -9.82
N GLY A 28 10.20 8.89 -9.72
CA GLY A 28 9.37 8.77 -10.90
C GLY A 28 8.55 7.49 -10.91
N GLN A 29 9.24 6.35 -11.04
CA GLN A 29 8.57 5.06 -11.07
C GLN A 29 7.56 4.95 -9.93
N SER A 30 6.41 4.36 -10.22
CA SER A 30 5.36 4.19 -9.22
C SER A 30 4.35 3.14 -9.66
N LEU A 31 3.66 2.54 -8.70
CA LEU A 31 2.66 1.52 -8.98
C LEU A 31 1.29 1.91 -8.42
N LEU A 32 0.37 2.27 -9.31
CA LEU A 32 -0.97 2.65 -8.90
C LEU A 32 -1.77 1.44 -8.43
N ALA A 33 -2.09 1.43 -7.14
CA ALA A 33 -2.86 0.33 -6.57
C ALA A 33 -3.65 0.80 -5.34
N LEU A 34 -4.88 0.34 -5.22
CA LEU A 34 -5.74 0.71 -4.10
C LEU A 34 -5.76 2.23 -3.91
N ASP A 35 -5.88 2.96 -5.02
CA ASP A 35 -5.91 4.41 -4.96
C ASP A 35 -4.69 4.96 -4.22
N LYS A 36 -3.61 4.19 -4.23
CA LYS A 36 -2.39 4.59 -3.55
C LYS A 36 -1.18 4.46 -4.48
N GLN A 37 0.00 4.76 -3.95
CA GLN A 37 1.22 4.67 -4.75
C GLN A 37 2.25 3.78 -4.04
N TRP A 38 2.60 2.68 -4.68
CA TRP A 38 3.57 1.74 -4.13
C TRP A 38 4.76 1.55 -5.07
N HIS A 39 5.90 1.17 -4.52
CA HIS A 39 7.10 0.94 -5.32
C HIS A 39 7.00 -0.38 -6.07
N VAL A 40 7.88 -0.55 -7.06
CA VAL A 40 7.90 -1.76 -7.86
C VAL A 40 8.42 -2.95 -7.06
N SER A 41 8.97 -2.66 -5.88
CA SER A 41 9.50 -3.70 -5.01
C SER A 41 8.87 -3.63 -3.63
N CYS A 42 7.70 -2.99 -3.55
CA CYS A 42 6.99 -2.84 -2.28
C CYS A 42 5.57 -3.40 -2.39
N PHE A 43 5.00 -3.30 -3.58
CA PHE A 43 3.63 -3.78 -3.82
C PHE A 43 3.62 -5.30 -3.94
N LYS A 44 3.21 -5.97 -2.87
CA LYS A 44 3.15 -7.43 -2.85
C LYS A 44 2.02 -7.92 -1.95
N CYS A 45 1.67 -9.19 -2.09
CA CYS A 45 0.61 -9.78 -1.29
C CYS A 45 0.77 -9.42 0.19
N GLN A 46 -0.28 -9.67 0.96
CA GLN A 46 -0.25 -9.37 2.39
C GLN A 46 -0.14 -10.65 3.21
N THR A 47 -0.40 -11.79 2.57
CA THR A 47 -0.34 -13.08 3.24
C THR A 47 0.98 -13.79 2.95
N CYS A 48 1.39 -13.76 1.69
CA CYS A 48 2.64 -14.40 1.27
C CYS A 48 3.72 -13.35 1.00
N SER A 49 3.29 -12.13 0.74
CA SER A 49 4.23 -11.03 0.45
C SER A 49 4.94 -11.27 -0.88
N VAL A 50 4.17 -11.65 -1.89
CA VAL A 50 4.74 -11.89 -3.22
C VAL A 50 4.55 -10.69 -4.13
N ILE A 51 5.61 -10.32 -4.84
CA ILE A 51 5.56 -9.18 -5.75
C ILE A 51 4.44 -9.34 -6.77
N LEU A 52 3.51 -8.38 -6.77
CA LEU A 52 2.38 -8.42 -7.69
C LEU A 52 2.56 -7.39 -8.81
N THR A 53 2.85 -7.87 -10.01
CA THR A 53 3.05 -7.00 -11.17
C THR A 53 2.08 -7.35 -12.28
N GLY A 54 1.79 -8.64 -12.44
CA GLY A 54 0.88 -9.08 -13.48
C GLY A 54 -0.57 -9.03 -13.04
N GLU A 55 -1.01 -10.04 -12.32
CA GLU A 55 -2.39 -10.11 -11.84
C GLU A 55 -2.43 -10.18 -10.32
N TYR A 56 -3.50 -9.62 -9.74
CA TYR A 56 -3.66 -9.61 -8.28
C TYR A 56 -5.08 -9.22 -7.90
N ILE A 57 -5.44 -9.46 -6.65
CA ILE A 57 -6.77 -9.12 -6.16
C ILE A 57 -6.69 -8.32 -4.86
N SER A 58 -7.47 -7.24 -4.80
CA SER A 58 -7.48 -6.39 -3.62
C SER A 58 -8.70 -6.69 -2.74
N LYS A 59 -8.45 -6.87 -1.44
CA LYS A 59 -9.52 -7.16 -0.49
C LYS A 59 -9.44 -6.23 0.71
N ASP A 60 -10.59 -5.66 1.09
CA ASP A 60 -10.66 -4.75 2.23
C ASP A 60 -9.49 -3.77 2.21
N GLY A 61 -9.08 -3.37 1.01
CA GLY A 61 -7.97 -2.43 0.88
C GLY A 61 -6.63 -3.09 1.12
N VAL A 62 -6.50 -4.33 0.67
CA VAL A 62 -5.24 -5.07 0.84
C VAL A 62 -4.95 -5.93 -0.39
N PRO A 63 -3.74 -5.75 -0.96
CA PRO A 63 -3.31 -6.50 -2.13
C PRO A 63 -3.05 -7.98 -1.82
N TYR A 64 -3.65 -8.86 -2.61
CA TYR A 64 -3.50 -10.29 -2.42
C TYR A 64 -3.25 -11.00 -3.75
N CYS A 65 -2.63 -12.16 -3.70
CA CYS A 65 -2.34 -12.94 -4.90
C CYS A 65 -3.48 -13.91 -5.20
N GLU A 66 -3.44 -14.50 -6.39
CA GLU A 66 -4.48 -15.45 -6.81
C GLU A 66 -4.40 -16.72 -5.98
N SER A 67 -3.37 -16.82 -5.13
CA SER A 67 -3.19 -17.99 -4.28
C SER A 67 -3.90 -17.80 -2.95
N ASP A 68 -3.35 -16.93 -2.11
CA ASP A 68 -3.93 -16.65 -0.80
C ASP A 68 -5.38 -16.22 -0.93
N TYR A 69 -5.61 -15.15 -1.68
CA TYR A 69 -6.97 -14.63 -1.89
C TYR A 69 -7.94 -15.77 -2.16
N HIS A 70 -7.66 -16.56 -3.19
CA HIS A 70 -8.52 -17.67 -3.55
C HIS A 70 -8.64 -18.66 -2.40
N ALA A 71 -7.68 -18.62 -1.49
CA ALA A 71 -7.67 -19.53 -0.34
C ALA A 71 -8.33 -18.87 0.87
N GLN A 72 -8.38 -17.54 0.87
CA GLN A 72 -8.99 -16.80 1.96
C GLN A 72 -10.49 -16.63 1.73
N PHE A 73 -10.84 -15.93 0.66
CA PHE A 73 -12.24 -15.69 0.33
C PHE A 73 -12.63 -16.40 -0.96
N GLY A 74 -11.85 -17.42 -1.32
CA GLY A 74 -12.13 -18.17 -2.53
C GLY A 74 -12.54 -19.61 -2.25
N SER A 75 -11.88 -20.22 -1.26
CA SER A 75 -12.17 -21.60 -0.89
C SER A 75 -13.52 -21.70 -0.20
N GLY A 76 -14.05 -22.92 -0.11
CA GLY A 76 -15.33 -23.13 0.52
C GLY A 76 -15.63 -24.61 0.76
N PRO A 77 -15.75 -24.99 2.04
CA PRO A 77 -16.03 -26.38 2.42
C PRO A 77 -17.44 -26.80 2.06
N SER A 78 -17.56 -27.76 1.14
CA SER A 78 -18.85 -28.25 0.70
C SER A 78 -19.59 -28.96 1.83
N SER A 79 -18.95 -29.99 2.38
CA SER A 79 -19.53 -30.76 3.47
C SER A 79 -19.99 -29.83 4.59
N GLY A 80 -21.13 -30.15 5.21
CA GLY A 80 -21.65 -29.35 6.29
C GLY A 80 -20.68 -29.24 7.45
N GLY A 1 3.31 29.07 41.27
CA GLY A 1 2.58 29.22 40.02
C GLY A 1 3.40 29.91 38.96
N SER A 2 3.80 29.15 37.94
CA SER A 2 4.61 29.69 36.84
C SER A 2 4.60 28.75 35.65
N SER A 3 4.41 29.31 34.45
CA SER A 3 4.38 28.52 33.23
C SER A 3 4.62 29.40 32.01
N GLY A 4 4.71 28.78 30.84
CA GLY A 4 4.93 29.52 29.61
C GLY A 4 5.83 28.78 28.65
N SER A 5 5.23 28.12 27.66
CA SER A 5 5.99 27.36 26.67
C SER A 5 5.08 26.88 25.54
N SER A 6 5.45 27.21 24.31
CA SER A 6 4.67 26.82 23.14
C SER A 6 5.57 26.26 22.05
N GLY A 7 5.02 25.36 21.24
CA GLY A 7 5.79 24.76 20.17
C GLY A 7 5.18 23.46 19.67
N LYS A 8 4.28 23.56 18.70
CA LYS A 8 3.63 22.39 18.13
C LYS A 8 4.13 22.11 16.72
N PRO A 9 4.25 20.82 16.38
CA PRO A 9 4.72 20.40 15.06
C PRO A 9 3.70 20.68 13.97
N ILE A 10 4.17 20.77 12.73
CA ILE A 10 3.30 21.04 11.59
C ILE A 10 3.21 19.83 10.66
N LYS A 11 1.99 19.43 10.34
CA LYS A 11 1.77 18.28 9.47
C LYS A 11 1.85 18.70 8.01
N ILE A 12 3.07 18.73 7.47
CA ILE A 12 3.29 19.11 6.08
C ILE A 12 3.07 17.92 5.15
N ARG A 13 1.93 17.90 4.47
CA ARG A 13 1.61 16.82 3.55
C ARG A 13 1.65 17.31 2.10
N GLY A 14 2.22 16.49 1.22
CA GLY A 14 2.31 16.86 -0.18
C GLY A 14 2.84 15.73 -1.04
N PRO A 15 4.11 15.37 -0.85
CA PRO A 15 4.77 14.30 -1.61
C PRO A 15 4.22 12.93 -1.24
N SER A 16 3.72 12.21 -2.23
CA SER A 16 3.17 10.88 -2.02
C SER A 16 4.23 9.93 -1.48
N HIS A 17 3.89 9.20 -0.42
CA HIS A 17 4.82 8.26 0.20
C HIS A 17 4.37 6.82 -0.03
N CYS A 18 5.32 5.94 -0.36
CA CYS A 18 5.02 4.54 -0.59
C CYS A 18 4.17 3.96 0.53
N ALA A 19 3.07 3.31 0.17
CA ALA A 19 2.18 2.70 1.16
C ALA A 19 2.70 1.34 1.61
N GLY A 20 4.00 1.12 1.44
CA GLY A 20 4.61 -0.14 1.83
C GLY A 20 5.85 0.05 2.66
N CYS A 21 6.72 0.95 2.22
CA CYS A 21 7.96 1.22 2.94
C CYS A 21 7.95 2.63 3.53
N LYS A 22 6.94 3.41 3.17
CA LYS A 22 6.81 4.77 3.68
C LYS A 22 8.00 5.62 3.22
N GLU A 23 8.31 5.57 1.92
CA GLU A 23 9.41 6.33 1.37
C GLU A 23 8.95 7.18 0.18
N GLU A 24 9.28 8.46 0.21
CA GLU A 24 8.90 9.38 -0.86
C GLU A 24 9.17 8.76 -2.23
N ILE A 25 8.12 8.70 -3.05
CA ILE A 25 8.25 8.13 -4.39
C ILE A 25 8.60 9.20 -5.41
N LYS A 26 9.76 9.06 -6.04
CA LYS A 26 10.21 10.02 -7.05
C LYS A 26 9.21 10.12 -8.19
N HIS A 27 9.18 11.29 -8.84
CA HIS A 27 8.27 11.51 -9.95
C HIS A 27 8.65 10.65 -11.16
N GLY A 28 8.01 9.49 -11.29
CA GLY A 28 8.30 8.61 -12.40
C GLY A 28 8.08 7.16 -12.05
N GLN A 29 9.02 6.57 -11.32
CA GLN A 29 8.92 5.17 -10.92
C GLN A 29 7.89 5.00 -9.81
N SER A 30 6.68 4.60 -10.18
CA SER A 30 5.61 4.40 -9.21
C SER A 30 4.60 3.37 -9.72
N LEU A 31 3.75 2.90 -8.82
CA LEU A 31 2.73 1.91 -9.18
C LEU A 31 1.39 2.27 -8.56
N LEU A 32 0.39 2.48 -9.42
CA LEU A 32 -0.95 2.83 -8.95
C LEU A 32 -1.71 1.60 -8.50
N ALA A 33 -2.25 1.65 -7.29
CA ALA A 33 -3.00 0.54 -6.72
C ALA A 33 -3.76 0.96 -5.47
N LEU A 34 -5.04 0.60 -5.41
CA LEU A 34 -5.87 0.95 -4.26
C LEU A 34 -5.82 2.45 -3.99
N ASP A 35 -5.88 3.25 -5.04
CA ASP A 35 -5.85 4.69 -4.91
C ASP A 35 -4.61 5.14 -4.13
N LYS A 36 -3.57 4.32 -4.16
CA LYS A 36 -2.34 4.63 -3.45
C LYS A 36 -1.13 4.50 -4.37
N GLN A 37 0.05 4.86 -3.86
CA GLN A 37 1.27 4.78 -4.64
C GLN A 37 2.28 3.85 -3.99
N TRP A 38 2.61 2.77 -4.68
CA TRP A 38 3.56 1.79 -4.15
C TRP A 38 4.73 1.60 -5.12
N HIS A 39 5.87 1.17 -4.59
CA HIS A 39 7.06 0.94 -5.40
C HIS A 39 6.92 -0.33 -6.23
N VAL A 40 7.80 -0.49 -7.21
CA VAL A 40 7.78 -1.67 -8.07
C VAL A 40 8.19 -2.91 -7.30
N SER A 41 8.83 -2.71 -6.15
CA SER A 41 9.29 -3.82 -5.33
C SER A 41 8.65 -3.76 -3.95
N CYS A 42 7.51 -3.09 -3.86
CA CYS A 42 6.79 -2.96 -2.59
C CYS A 42 5.36 -3.45 -2.72
N PHE A 43 4.78 -3.27 -3.90
CA PHE A 43 3.41 -3.69 -4.15
C PHE A 43 3.32 -5.20 -4.26
N LYS A 44 3.19 -5.86 -3.11
CA LYS A 44 3.09 -7.32 -3.06
C LYS A 44 1.96 -7.75 -2.15
N CYS A 45 1.65 -9.04 -2.17
CA CYS A 45 0.58 -9.60 -1.34
C CYS A 45 0.73 -9.14 0.11
N GLN A 46 -0.30 -9.38 0.90
CA GLN A 46 -0.28 -9.00 2.31
C GLN A 46 -0.17 -10.23 3.20
N THR A 47 -0.48 -11.39 2.65
CA THR A 47 -0.41 -12.64 3.40
C THR A 47 0.90 -13.38 3.13
N CYS A 48 1.33 -13.35 1.87
CA CYS A 48 2.57 -14.01 1.48
C CYS A 48 3.66 -12.99 1.16
N SER A 49 3.24 -11.77 0.84
CA SER A 49 4.17 -10.70 0.52
C SER A 49 4.93 -11.02 -0.77
N VAL A 50 4.19 -11.30 -1.83
CA VAL A 50 4.80 -11.63 -3.12
C VAL A 50 4.61 -10.49 -4.12
N ILE A 51 5.67 -10.16 -4.84
CA ILE A 51 5.63 -9.09 -5.83
C ILE A 51 4.50 -9.32 -6.82
N LEU A 52 3.59 -8.36 -6.91
CA LEU A 52 2.46 -8.46 -7.84
C LEU A 52 2.62 -7.49 -9.00
N THR A 53 2.89 -8.03 -10.18
CA THR A 53 3.07 -7.20 -11.37
C THR A 53 2.00 -7.51 -12.42
N GLY A 54 1.80 -8.80 -12.68
CA GLY A 54 0.80 -9.20 -13.65
C GLY A 54 -0.62 -9.00 -13.17
N GLU A 55 -1.20 -10.03 -12.57
CA GLU A 55 -2.56 -9.96 -12.06
C GLU A 55 -2.57 -10.06 -10.53
N TYR A 56 -3.57 -9.46 -9.91
CA TYR A 56 -3.70 -9.49 -8.46
C TYR A 56 -5.13 -9.16 -8.03
N ILE A 57 -5.46 -9.49 -6.78
CA ILE A 57 -6.79 -9.24 -6.25
C ILE A 57 -6.73 -8.32 -5.03
N SER A 58 -7.66 -7.36 -4.98
CA SER A 58 -7.71 -6.42 -3.87
C SER A 58 -8.90 -6.72 -2.96
N LYS A 59 -8.62 -6.87 -1.67
CA LYS A 59 -9.66 -7.15 -0.69
C LYS A 59 -9.64 -6.14 0.44
N ASP A 60 -10.81 -5.63 0.81
CA ASP A 60 -10.93 -4.65 1.88
C ASP A 60 -9.79 -3.63 1.81
N GLY A 61 -9.34 -3.34 0.59
CA GLY A 61 -8.26 -2.38 0.41
C GLY A 61 -6.91 -2.98 0.69
N VAL A 62 -6.73 -4.25 0.32
CA VAL A 62 -5.47 -4.95 0.53
C VAL A 62 -5.13 -5.85 -0.65
N PRO A 63 -3.92 -5.71 -1.18
CA PRO A 63 -3.44 -6.51 -2.31
C PRO A 63 -3.21 -7.97 -1.93
N TYR A 64 -3.72 -8.87 -2.77
CA TYR A 64 -3.57 -10.30 -2.52
C TYR A 64 -3.34 -11.06 -3.83
N CYS A 65 -2.63 -12.17 -3.73
CA CYS A 65 -2.34 -13.00 -4.90
C CYS A 65 -3.44 -14.03 -5.14
N GLU A 66 -3.46 -14.62 -6.32
CA GLU A 66 -4.45 -15.63 -6.66
C GLU A 66 -4.30 -16.87 -5.79
N SER A 67 -3.25 -16.88 -4.97
CA SER A 67 -2.98 -18.01 -4.08
C SER A 67 -3.66 -17.80 -2.73
N ASP A 68 -3.12 -16.88 -1.94
CA ASP A 68 -3.67 -16.57 -0.62
C ASP A 68 -5.15 -16.20 -0.72
N TYR A 69 -5.44 -15.17 -1.51
CA TYR A 69 -6.80 -14.70 -1.69
C TYR A 69 -7.76 -15.88 -1.89
N HIS A 70 -7.48 -16.69 -2.90
CA HIS A 70 -8.32 -17.85 -3.20
C HIS A 70 -8.31 -18.85 -2.05
N ALA A 71 -7.33 -18.70 -1.15
CA ALA A 71 -7.22 -19.57 0.00
C ALA A 71 -7.90 -18.97 1.22
N GLN A 72 -8.02 -17.65 1.24
CA GLN A 72 -8.66 -16.95 2.34
C GLN A 72 -10.17 -16.86 2.13
N PHE A 73 -10.58 -16.15 1.08
CA PHE A 73 -11.99 -15.99 0.77
C PHE A 73 -12.44 -16.98 -0.30
N GLY A 74 -11.47 -17.48 -1.07
CA GLY A 74 -11.78 -18.43 -2.12
C GLY A 74 -12.22 -19.77 -1.57
N SER A 75 -11.46 -20.30 -0.61
CA SER A 75 -11.78 -21.59 -0.01
C SER A 75 -13.08 -21.52 0.76
N GLY A 76 -13.13 -20.66 1.78
CA GLY A 76 -14.34 -20.51 2.58
C GLY A 76 -15.26 -19.45 2.04
N PRO A 77 -16.55 -19.52 2.43
CA PRO A 77 -17.56 -18.56 1.99
C PRO A 77 -17.36 -17.18 2.59
N SER A 78 -16.94 -16.23 1.76
CA SER A 78 -16.70 -14.87 2.21
C SER A 78 -17.82 -14.39 3.13
N SER A 79 -17.47 -13.57 4.11
CA SER A 79 -18.45 -13.06 5.06
C SER A 79 -18.99 -11.71 4.60
N GLY A 80 -18.10 -10.74 4.43
CA GLY A 80 -18.51 -9.41 4.00
C GLY A 80 -17.35 -8.43 3.94
N GLY A 1 4.89 30.10 37.54
CA GLY A 1 4.84 28.84 36.83
C GLY A 1 5.61 28.88 35.53
N SER A 2 5.24 28.00 34.60
CA SER A 2 5.91 27.93 33.31
C SER A 2 5.20 26.95 32.38
N SER A 3 4.85 27.41 31.19
CA SER A 3 4.16 26.58 30.21
C SER A 3 4.92 26.55 28.89
N GLY A 4 4.41 25.78 27.93
CA GLY A 4 5.05 25.67 26.64
C GLY A 4 4.11 25.15 25.56
N SER A 5 4.68 24.81 24.41
CA SER A 5 3.88 24.30 23.30
C SER A 5 4.65 23.22 22.54
N SER A 6 3.97 22.11 22.25
CA SER A 6 4.59 21.00 21.54
C SER A 6 3.68 20.51 20.41
N GLY A 7 4.26 20.33 19.23
CA GLY A 7 3.49 19.86 18.09
C GLY A 7 4.02 18.57 17.52
N LYS A 8 3.59 18.23 16.32
CA LYS A 8 4.03 17.00 15.66
C LYS A 8 5.25 17.26 14.79
N PRO A 9 6.21 16.33 14.83
CA PRO A 9 7.45 16.43 14.06
C PRO A 9 7.21 16.26 12.56
N ILE A 10 8.30 16.25 11.79
CA ILE A 10 8.21 16.09 10.34
C ILE A 10 6.87 16.61 9.82
N LYS A 11 6.50 17.81 10.25
CA LYS A 11 5.25 18.42 9.81
C LYS A 11 5.40 19.06 8.44
N ILE A 12 6.16 18.40 7.57
CA ILE A 12 6.38 18.91 6.21
C ILE A 12 5.75 17.98 5.17
N ARG A 13 4.68 17.31 5.56
CA ARG A 13 3.98 16.39 4.65
C ARG A 13 3.59 17.10 3.37
N GLY A 14 3.73 16.40 2.25
CA GLY A 14 3.39 16.97 0.96
C GLY A 14 3.49 15.97 -0.17
N PRO A 15 4.71 15.50 -0.44
CA PRO A 15 4.96 14.52 -1.51
C PRO A 15 4.39 13.14 -1.18
N SER A 16 3.86 12.47 -2.19
CA SER A 16 3.28 11.15 -2.01
C SER A 16 4.34 10.14 -1.57
N HIS A 17 4.09 9.48 -0.45
CA HIS A 17 5.02 8.49 0.08
C HIS A 17 4.49 7.08 -0.10
N CYS A 18 5.37 6.17 -0.50
CA CYS A 18 4.98 4.78 -0.72
C CYS A 18 3.99 4.31 0.34
N ALA A 19 3.20 3.29 0.00
CA ALA A 19 2.21 2.75 0.92
C ALA A 19 2.71 1.47 1.58
N GLY A 20 3.90 1.03 1.16
CA GLY A 20 4.47 -0.19 1.72
C GLY A 20 5.65 0.09 2.62
N CYS A 21 6.57 0.93 2.15
CA CYS A 21 7.76 1.27 2.92
C CYS A 21 7.64 2.69 3.49
N LYS A 22 6.66 3.43 3.00
CA LYS A 22 6.44 4.80 3.46
C LYS A 22 7.63 5.69 3.11
N GLU A 23 8.14 5.52 1.89
CA GLU A 23 9.29 6.31 1.44
C GLU A 23 8.88 7.26 0.31
N GLU A 24 9.34 8.50 0.40
CA GLU A 24 9.03 9.50 -0.62
C GLU A 24 9.26 8.94 -2.02
N ILE A 25 8.22 8.98 -2.83
CA ILE A 25 8.30 8.49 -4.21
C ILE A 25 8.52 9.62 -5.19
N LYS A 26 9.78 9.99 -5.41
CA LYS A 26 10.12 11.07 -6.33
C LYS A 26 10.22 10.54 -7.76
N HIS A 27 11.14 9.61 -7.98
CA HIS A 27 11.33 9.02 -9.30
C HIS A 27 10.01 8.57 -9.90
N GLY A 28 9.91 8.61 -11.22
CA GLY A 28 8.70 8.21 -11.90
C GLY A 28 8.55 6.69 -11.97
N GLN A 29 8.80 6.02 -10.86
CA GLN A 29 8.70 4.57 -10.80
C GLN A 29 7.70 4.13 -9.75
N SER A 30 6.46 4.59 -9.88
CA SER A 30 5.41 4.25 -8.92
C SER A 30 4.42 3.26 -9.54
N LEU A 31 3.69 2.55 -8.69
CA LEU A 31 2.71 1.58 -9.15
C LEU A 31 1.32 1.91 -8.62
N LEU A 32 0.43 2.29 -9.52
CA LEU A 32 -0.94 2.64 -9.15
C LEU A 32 -1.70 1.41 -8.66
N ALA A 33 -2.22 1.50 -7.44
CA ALA A 33 -2.97 0.39 -6.85
C ALA A 33 -3.66 0.82 -5.57
N LEU A 34 -4.96 0.52 -5.46
CA LEU A 34 -5.74 0.87 -4.28
C LEU A 34 -5.69 2.38 -4.04
N ASP A 35 -5.82 3.15 -5.11
CA ASP A 35 -5.80 4.60 -5.01
C ASP A 35 -4.58 5.09 -4.25
N LYS A 36 -3.53 4.28 -4.25
CA LYS A 36 -2.29 4.62 -3.57
C LYS A 36 -1.08 4.46 -4.48
N GLN A 37 0.09 4.83 -3.98
CA GLN A 37 1.32 4.73 -4.76
C GLN A 37 2.30 3.77 -4.10
N TRP A 38 2.61 2.67 -4.78
CA TRP A 38 3.53 1.68 -4.26
C TRP A 38 4.70 1.46 -5.22
N HIS A 39 5.90 1.29 -4.67
CA HIS A 39 7.09 1.07 -5.48
C HIS A 39 6.94 -0.18 -6.35
N VAL A 40 7.95 -0.45 -7.16
CA VAL A 40 7.92 -1.62 -8.04
C VAL A 40 8.29 -2.88 -7.29
N SER A 41 8.83 -2.71 -6.09
CA SER A 41 9.23 -3.85 -5.27
C SER A 41 8.56 -3.79 -3.89
N CYS A 42 7.49 -3.01 -3.80
CA CYS A 42 6.76 -2.87 -2.55
C CYS A 42 5.33 -3.40 -2.69
N PHE A 43 4.78 -3.28 -3.89
CA PHE A 43 3.42 -3.75 -4.16
C PHE A 43 3.39 -5.26 -4.25
N LYS A 44 3.12 -5.91 -3.12
CA LYS A 44 3.05 -7.37 -3.06
C LYS A 44 1.94 -7.82 -2.14
N CYS A 45 1.65 -9.12 -2.17
CA CYS A 45 0.59 -9.68 -1.33
C CYS A 45 0.78 -9.29 0.13
N GLN A 46 -0.24 -9.53 0.95
CA GLN A 46 -0.18 -9.19 2.37
C GLN A 46 -0.06 -10.45 3.21
N THR A 47 -0.36 -11.60 2.61
CA THR A 47 -0.30 -12.87 3.32
C THR A 47 1.00 -13.61 3.01
N CYS A 48 1.45 -13.53 1.76
CA CYS A 48 2.67 -14.18 1.34
C CYS A 48 3.75 -13.15 1.01
N SER A 49 3.34 -11.92 0.78
CA SER A 49 4.27 -10.84 0.45
C SER A 49 5.00 -11.13 -0.85
N VAL A 50 4.24 -11.42 -1.90
CA VAL A 50 4.82 -11.71 -3.21
C VAL A 50 4.62 -10.54 -4.17
N ILE A 51 5.66 -10.21 -4.91
CA ILE A 51 5.60 -9.12 -5.88
C ILE A 51 4.46 -9.32 -6.87
N LEU A 52 3.54 -8.36 -6.91
CA LEU A 52 2.39 -8.44 -7.81
C LEU A 52 2.53 -7.42 -8.94
N THR A 53 2.93 -7.90 -10.12
CA THR A 53 3.10 -7.05 -11.29
C THR A 53 2.07 -7.36 -12.36
N GLY A 54 1.82 -8.66 -12.56
CA GLY A 54 0.86 -9.08 -13.57
C GLY A 54 -0.57 -8.96 -13.09
N GLU A 55 -1.07 -10.02 -12.44
CA GLU A 55 -2.43 -10.02 -11.93
C GLU A 55 -2.44 -10.02 -10.40
N TYR A 56 -3.55 -9.58 -9.83
CA TYR A 56 -3.69 -9.51 -8.37
C TYR A 56 -5.13 -9.16 -7.98
N ILE A 57 -5.47 -9.45 -6.72
CA ILE A 57 -6.80 -9.16 -6.22
C ILE A 57 -6.74 -8.28 -4.97
N SER A 58 -7.61 -7.27 -4.92
CA SER A 58 -7.64 -6.36 -3.77
C SER A 58 -8.83 -6.68 -2.88
N LYS A 59 -8.57 -6.78 -1.58
CA LYS A 59 -9.62 -7.08 -0.61
C LYS A 59 -9.57 -6.10 0.55
N ASP A 60 -10.74 -5.59 0.94
CA ASP A 60 -10.83 -4.64 2.05
C ASP A 60 -9.68 -3.64 2.00
N GLY A 61 -9.23 -3.31 0.79
CA GLY A 61 -8.14 -2.37 0.64
C GLY A 61 -6.78 -3.01 0.90
N VAL A 62 -6.63 -4.27 0.49
CA VAL A 62 -5.38 -4.98 0.68
C VAL A 62 -5.07 -5.88 -0.52
N PRO A 63 -3.87 -5.72 -1.07
CA PRO A 63 -3.42 -6.51 -2.23
C PRO A 63 -3.17 -7.96 -1.88
N TYR A 64 -3.73 -8.86 -2.68
CA TYR A 64 -3.56 -10.30 -2.46
C TYR A 64 -3.35 -11.04 -3.78
N CYS A 65 -2.65 -12.17 -3.70
CA CYS A 65 -2.38 -12.97 -4.89
C CYS A 65 -3.50 -13.98 -5.14
N GLU A 66 -3.47 -14.61 -6.30
CA GLU A 66 -4.49 -15.59 -6.66
C GLU A 66 -4.37 -16.85 -5.80
N SER A 67 -3.31 -16.90 -4.98
CA SER A 67 -3.07 -18.04 -4.11
C SER A 67 -3.75 -17.84 -2.76
N ASP A 68 -3.22 -16.94 -1.96
CA ASP A 68 -3.76 -16.65 -0.64
C ASP A 68 -5.22 -16.24 -0.74
N TYR A 69 -5.48 -15.18 -1.51
CA TYR A 69 -6.84 -14.68 -1.69
C TYR A 69 -7.82 -15.82 -1.92
N HIS A 70 -7.55 -16.62 -2.93
CA HIS A 70 -8.42 -17.76 -3.25
C HIS A 70 -8.46 -18.75 -2.09
N ALA A 71 -7.45 -18.69 -1.23
CA ALA A 71 -7.39 -19.59 -0.07
C ALA A 71 -7.99 -18.92 1.16
N GLN A 72 -8.11 -17.61 1.13
CA GLN A 72 -8.68 -16.86 2.24
C GLN A 72 -10.18 -16.68 2.08
N PHE A 73 -10.57 -15.96 1.04
CA PHE A 73 -11.98 -15.71 0.76
C PHE A 73 -12.49 -16.65 -0.33
N GLY A 74 -11.58 -17.20 -1.12
CA GLY A 74 -11.95 -18.10 -2.18
C GLY A 74 -12.52 -19.41 -1.66
N SER A 75 -11.79 -20.05 -0.76
CA SER A 75 -12.22 -21.32 -0.20
C SER A 75 -13.05 -21.10 1.06
N GLY A 76 -14.09 -21.92 1.23
CA GLY A 76 -14.95 -21.79 2.38
C GLY A 76 -16.33 -22.36 2.15
N PRO A 77 -17.35 -21.78 2.79
CA PRO A 77 -18.74 -22.23 2.67
C PRO A 77 -19.32 -21.92 1.29
N SER A 78 -20.62 -22.16 1.14
CA SER A 78 -21.29 -21.91 -0.14
C SER A 78 -21.66 -20.43 -0.28
N SER A 79 -22.11 -19.83 0.82
CA SER A 79 -22.50 -18.42 0.81
C SER A 79 -23.81 -18.23 0.07
N GLY A 80 -24.76 -19.12 0.31
CA GLY A 80 -26.06 -19.04 -0.34
C GLY A 80 -27.21 -19.17 0.63
N GLY A 1 -2.71 39.29 31.09
CA GLY A 1 -2.17 38.08 30.51
C GLY A 1 -1.08 38.36 29.49
N SER A 2 -0.15 37.42 29.34
CA SER A 2 0.94 37.58 28.38
C SER A 2 1.57 36.24 28.05
N SER A 3 1.51 35.86 26.77
CA SER A 3 2.07 34.60 26.32
C SER A 3 2.24 34.59 24.80
N GLY A 4 3.15 33.75 24.32
CA GLY A 4 3.40 33.66 22.90
C GLY A 4 3.99 32.32 22.49
N SER A 5 4.07 32.08 21.18
CA SER A 5 4.61 30.83 20.67
C SER A 5 5.09 31.00 19.23
N SER A 6 6.34 30.61 18.97
CA SER A 6 6.92 30.72 17.64
C SER A 6 8.15 29.83 17.51
N GLY A 7 8.50 29.50 16.27
CA GLY A 7 9.66 28.66 16.03
C GLY A 7 9.29 27.21 15.80
N LYS A 8 9.10 26.84 14.54
CA LYS A 8 8.75 25.47 14.18
C LYS A 8 9.26 25.11 12.79
N PRO A 9 9.99 24.00 12.70
CA PRO A 9 10.55 23.52 11.43
C PRO A 9 9.47 23.01 10.48
N ILE A 10 9.70 23.19 9.18
CA ILE A 10 8.75 22.74 8.17
C ILE A 10 9.27 21.51 7.43
N LYS A 11 8.51 20.42 7.52
CA LYS A 11 8.89 19.17 6.85
C LYS A 11 8.52 19.20 5.37
N ILE A 12 9.29 19.96 4.60
CA ILE A 12 9.04 20.08 3.16
C ILE A 12 9.64 18.90 2.41
N ARG A 13 8.79 18.18 1.67
CA ARG A 13 9.23 17.03 0.90
C ARG A 13 8.15 16.57 -0.06
N GLY A 14 8.53 15.74 -1.03
CA GLY A 14 7.58 15.24 -2.00
C GLY A 14 6.58 14.28 -1.40
N PRO A 15 5.29 14.60 -1.52
CA PRO A 15 4.20 13.77 -0.98
C PRO A 15 4.06 12.45 -1.73
N SER A 16 2.92 11.79 -1.54
CA SER A 16 2.65 10.52 -2.20
C SER A 16 3.70 9.48 -1.83
N HIS A 17 4.01 9.41 -0.54
CA HIS A 17 5.00 8.44 -0.05
C HIS A 17 4.51 7.01 -0.24
N CYS A 18 5.44 6.11 -0.58
CA CYS A 18 5.09 4.71 -0.78
C CYS A 18 4.22 4.19 0.36
N ALA A 19 3.11 3.55 0.00
CA ALA A 19 2.20 2.99 1.00
C ALA A 19 2.66 1.63 1.48
N GLY A 20 3.96 1.37 1.34
CA GLY A 20 4.51 0.10 1.77
C GLY A 20 5.74 0.26 2.63
N CYS A 21 6.58 1.23 2.28
CA CYS A 21 7.81 1.49 3.04
C CYS A 21 7.84 2.93 3.55
N LYS A 22 6.85 3.71 3.15
CA LYS A 22 6.76 5.10 3.57
C LYS A 22 7.97 5.89 3.09
N GLU A 23 8.27 5.80 1.80
CA GLU A 23 9.40 6.50 1.22
C GLU A 23 8.97 7.34 0.02
N GLU A 24 9.40 8.59 -0.01
CA GLU A 24 9.06 9.50 -1.10
C GLU A 24 9.29 8.84 -2.45
N ILE A 25 8.25 8.79 -3.27
CA ILE A 25 8.34 8.17 -4.59
C ILE A 25 8.65 9.23 -5.66
N LYS A 26 9.67 8.95 -6.46
CA LYS A 26 10.07 9.87 -7.53
C LYS A 26 8.88 10.26 -8.38
N HIS A 27 9.06 11.29 -9.20
CA HIS A 27 7.98 11.76 -10.08
C HIS A 27 7.94 10.95 -11.36
N GLY A 28 8.05 9.63 -11.22
CA GLY A 28 8.02 8.75 -12.39
C GLY A 28 7.75 7.30 -12.02
N GLN A 29 8.76 6.65 -11.44
CA GLN A 29 8.63 5.26 -11.05
C GLN A 29 7.62 5.10 -9.91
N SER A 30 6.46 4.56 -10.24
CA SER A 30 5.40 4.37 -9.25
C SER A 30 4.40 3.32 -9.72
N LEU A 31 3.69 2.72 -8.77
CA LEU A 31 2.69 1.70 -9.09
C LEU A 31 1.33 2.07 -8.52
N LEU A 32 0.39 2.39 -9.40
CA LEU A 32 -0.96 2.77 -8.99
C LEU A 32 -1.75 1.54 -8.55
N ALA A 33 -2.26 1.56 -7.32
CA ALA A 33 -3.03 0.47 -6.78
C ALA A 33 -3.75 0.86 -5.50
N LEU A 34 -5.00 0.45 -5.37
CA LEU A 34 -5.80 0.76 -4.19
C LEU A 34 -5.81 2.27 -3.92
N ASP A 35 -5.89 3.05 -4.99
CA ASP A 35 -5.92 4.50 -4.88
C ASP A 35 -4.70 5.00 -4.09
N LYS A 36 -3.63 4.21 -4.11
CA LYS A 36 -2.41 4.57 -3.40
C LYS A 36 -1.20 4.50 -4.32
N GLN A 37 -0.02 4.79 -3.78
CA GLN A 37 1.21 4.75 -4.56
C GLN A 37 2.24 3.83 -3.91
N TRP A 38 2.59 2.76 -4.62
CA TRP A 38 3.56 1.80 -4.12
C TRP A 38 4.73 1.65 -5.08
N HIS A 39 5.86 1.16 -4.57
CA HIS A 39 7.05 0.96 -5.39
C HIS A 39 6.92 -0.29 -6.25
N VAL A 40 7.90 -0.51 -7.11
CA VAL A 40 7.89 -1.67 -8.00
C VAL A 40 8.29 -2.93 -7.24
N SER A 41 8.83 -2.75 -6.03
CA SER A 41 9.27 -3.86 -5.21
C SER A 41 8.62 -3.81 -3.83
N CYS A 42 7.52 -3.08 -3.73
CA CYS A 42 6.80 -2.94 -2.47
C CYS A 42 5.37 -3.46 -2.60
N PHE A 43 4.78 -3.28 -3.77
CA PHE A 43 3.42 -3.73 -4.02
C PHE A 43 3.36 -5.25 -4.13
N LYS A 44 3.22 -5.91 -2.98
CA LYS A 44 3.15 -7.36 -2.94
C LYS A 44 2.02 -7.83 -2.03
N CYS A 45 1.69 -9.11 -2.11
CA CYS A 45 0.63 -9.69 -1.29
C CYS A 45 0.80 -9.29 0.17
N GLN A 46 -0.23 -9.55 0.97
CA GLN A 46 -0.19 -9.22 2.39
C GLN A 46 -0.08 -10.47 3.25
N THR A 47 -0.43 -11.62 2.65
CA THR A 47 -0.36 -12.89 3.36
C THR A 47 0.94 -13.63 3.05
N CYS A 48 1.37 -13.56 1.80
CA CYS A 48 2.60 -14.21 1.37
C CYS A 48 3.69 -13.19 1.08
N SER A 49 3.27 -11.95 0.81
CA SER A 49 4.21 -10.88 0.50
C SER A 49 4.97 -11.18 -0.79
N VAL A 50 4.23 -11.47 -1.86
CA VAL A 50 4.82 -11.76 -3.16
C VAL A 50 4.59 -10.62 -4.13
N ILE A 51 5.66 -10.17 -4.77
CA ILE A 51 5.57 -9.09 -5.74
C ILE A 51 4.42 -9.30 -6.70
N LEU A 52 3.53 -8.31 -6.78
CA LEU A 52 2.38 -8.39 -7.68
C LEU A 52 2.53 -7.45 -8.86
N THR A 53 2.74 -8.02 -10.05
CA THR A 53 2.91 -7.23 -11.26
C THR A 53 1.91 -7.65 -12.33
N GLY A 54 1.69 -8.96 -12.44
CA GLY A 54 0.75 -9.47 -13.43
C GLY A 54 -0.69 -9.42 -12.94
N GLU A 55 -1.11 -10.48 -12.26
CA GLU A 55 -2.48 -10.56 -11.74
C GLU A 55 -2.49 -10.41 -10.22
N TYR A 56 -3.45 -9.64 -9.72
CA TYR A 56 -3.58 -9.41 -8.28
C TYR A 56 -5.00 -9.03 -7.92
N ILE A 57 -5.41 -9.36 -6.70
CA ILE A 57 -6.75 -9.04 -6.23
C ILE A 57 -6.70 -8.24 -4.92
N SER A 58 -7.53 -7.20 -4.85
CA SER A 58 -7.58 -6.36 -3.66
C SER A 58 -8.78 -6.71 -2.80
N LYS A 59 -8.54 -6.83 -1.49
CA LYS A 59 -9.60 -7.17 -0.55
C LYS A 59 -9.60 -6.20 0.63
N ASP A 60 -10.79 -5.72 0.99
CA ASP A 60 -10.93 -4.79 2.11
C ASP A 60 -9.77 -3.80 2.14
N GLY A 61 -9.29 -3.42 0.95
CA GLY A 61 -8.19 -2.49 0.86
C GLY A 61 -6.84 -3.13 1.13
N VAL A 62 -6.67 -4.36 0.66
CA VAL A 62 -5.42 -5.09 0.86
C VAL A 62 -5.08 -5.94 -0.36
N PRO A 63 -3.85 -5.75 -0.89
CA PRO A 63 -3.37 -6.48 -2.06
C PRO A 63 -3.13 -7.96 -1.75
N TYR A 64 -3.69 -8.82 -2.60
CA TYR A 64 -3.53 -10.26 -2.42
C TYR A 64 -3.32 -10.95 -3.76
N CYS A 65 -2.64 -12.10 -3.73
CA CYS A 65 -2.35 -12.86 -4.94
C CYS A 65 -3.45 -13.88 -5.20
N GLU A 66 -3.45 -14.45 -6.41
CA GLU A 66 -4.45 -15.44 -6.78
C GLU A 66 -4.30 -16.71 -5.94
N SER A 67 -3.24 -16.75 -5.13
CA SER A 67 -2.98 -17.90 -4.28
C SER A 67 -3.68 -17.75 -2.92
N ASP A 68 -3.18 -16.84 -2.10
CA ASP A 68 -3.76 -16.59 -0.79
C ASP A 68 -5.23 -16.20 -0.90
N TYR A 69 -5.50 -15.11 -1.62
CA TYR A 69 -6.86 -14.64 -1.80
C TYR A 69 -7.81 -15.79 -2.11
N HIS A 70 -7.47 -16.57 -3.14
CA HIS A 70 -8.28 -17.71 -3.55
C HIS A 70 -8.41 -18.71 -2.41
N ALA A 71 -7.45 -18.68 -1.49
CA ALA A 71 -7.46 -19.58 -0.35
C ALA A 71 -8.14 -18.96 0.86
N GLN A 72 -8.20 -17.63 0.87
CA GLN A 72 -8.84 -16.90 1.97
C GLN A 72 -10.31 -16.68 1.69
N PHE A 73 -10.61 -16.00 0.59
CA PHE A 73 -11.99 -15.70 0.21
C PHE A 73 -12.36 -16.44 -1.07
N GLY A 74 -11.61 -17.50 -1.38
CA GLY A 74 -11.89 -18.27 -2.58
C GLY A 74 -12.04 -19.75 -2.30
N SER A 75 -12.07 -20.11 -1.01
CA SER A 75 -12.21 -21.50 -0.61
C SER A 75 -13.10 -21.62 0.62
N GLY A 76 -13.53 -22.85 0.91
CA GLY A 76 -14.39 -23.08 2.05
C GLY A 76 -15.24 -24.33 1.91
N PRO A 77 -14.73 -25.46 2.42
CA PRO A 77 -15.44 -26.74 2.35
C PRO A 77 -16.68 -26.77 3.24
N SER A 78 -16.92 -25.67 3.94
CA SER A 78 -18.08 -25.57 4.83
C SER A 78 -19.37 -25.92 4.08
N SER A 79 -20.46 -26.02 4.83
CA SER A 79 -21.76 -26.34 4.23
C SER A 79 -22.38 -25.11 3.58
N GLY A 80 -22.02 -24.88 2.32
CA GLY A 80 -22.56 -23.74 1.59
C GLY A 80 -24.02 -23.89 1.25
N GLY A 1 -14.34 25.00 19.48
CA GLY A 1 -13.31 25.59 20.31
C GLY A 1 -12.90 26.98 19.84
N SER A 2 -12.15 27.69 20.67
CA SER A 2 -11.70 29.02 20.34
C SER A 2 -10.29 29.00 19.77
N SER A 3 -10.02 28.04 18.90
CA SER A 3 -8.70 27.91 18.28
C SER A 3 -8.81 27.95 16.76
N GLY A 4 -7.72 28.34 16.11
CA GLY A 4 -7.70 28.42 14.66
C GLY A 4 -6.85 29.56 14.16
N SER A 5 -5.53 29.39 14.24
CA SER A 5 -4.60 30.42 13.79
C SER A 5 -3.79 29.94 12.58
N SER A 6 -3.55 30.84 11.64
CA SER A 6 -2.80 30.50 10.44
C SER A 6 -1.52 31.32 10.35
N GLY A 7 -0.48 30.74 9.77
CA GLY A 7 0.79 31.44 9.62
C GLY A 7 1.96 30.48 9.50
N LYS A 8 2.01 29.76 8.39
CA LYS A 8 3.09 28.80 8.14
C LYS A 8 2.99 28.22 6.73
N PRO A 9 4.15 27.80 6.19
CA PRO A 9 4.21 27.21 4.85
C PRO A 9 3.56 25.83 4.78
N ILE A 10 3.04 25.49 3.60
CA ILE A 10 2.39 24.20 3.41
C ILE A 10 3.27 23.25 2.61
N LYS A 11 3.63 22.13 3.23
CA LYS A 11 4.48 21.14 2.57
C LYS A 11 3.64 20.13 1.81
N ILE A 12 2.97 20.58 0.76
CA ILE A 12 2.13 19.72 -0.05
C ILE A 12 2.64 19.65 -1.49
N ARG A 13 3.96 19.70 -1.66
CA ARG A 13 4.56 19.64 -2.97
C ARG A 13 4.11 18.40 -3.73
N GLY A 14 4.08 17.26 -3.05
CA GLY A 14 3.66 16.03 -3.68
C GLY A 14 3.72 14.84 -2.73
N PRO A 15 2.77 14.77 -1.80
CA PRO A 15 2.71 13.68 -0.81
C PRO A 15 2.33 12.34 -1.44
N SER A 16 3.32 11.67 -2.03
CA SER A 16 3.09 10.38 -2.67
C SER A 16 4.02 9.33 -2.10
N HIS A 17 4.22 9.35 -0.79
CA HIS A 17 5.08 8.38 -0.12
C HIS A 17 4.60 6.96 -0.36
N CYS A 18 5.54 6.04 -0.55
CA CYS A 18 5.21 4.64 -0.79
C CYS A 18 4.36 4.08 0.34
N ALA A 19 3.28 3.39 -0.02
CA ALA A 19 2.40 2.80 0.96
C ALA A 19 2.93 1.46 1.47
N GLY A 20 4.24 1.25 1.28
CA GLY A 20 4.86 0.02 1.72
C GLY A 20 6.04 0.26 2.63
N CYS A 21 6.93 1.15 2.22
CA CYS A 21 8.12 1.48 3.01
C CYS A 21 8.06 2.92 3.51
N LYS A 22 7.01 3.63 3.13
CA LYS A 22 6.83 5.02 3.54
C LYS A 22 7.99 5.89 3.04
N GLU A 23 8.27 5.81 1.75
CA GLU A 23 9.34 6.59 1.15
C GLU A 23 8.84 7.38 -0.05
N GLU A 24 9.21 8.66 -0.11
CA GLU A 24 8.81 9.53 -1.21
C GLU A 24 9.14 8.90 -2.56
N ILE A 25 8.16 8.83 -3.45
CA ILE A 25 8.36 8.26 -4.77
C ILE A 25 8.70 9.33 -5.80
N LYS A 26 9.99 9.65 -5.91
CA LYS A 26 10.45 10.65 -6.85
C LYS A 26 11.66 10.16 -7.63
N HIS A 27 12.56 9.46 -6.94
CA HIS A 27 13.76 8.93 -7.57
C HIS A 27 13.44 7.69 -8.39
N GLY A 28 12.67 6.78 -7.81
CA GLY A 28 12.30 5.56 -8.50
C GLY A 28 10.95 5.67 -9.19
N GLN A 29 10.25 4.55 -9.29
CA GLN A 29 8.94 4.52 -9.93
C GLN A 29 7.83 4.27 -8.92
N SER A 30 6.60 4.17 -9.40
CA SER A 30 5.46 3.93 -8.53
C SER A 30 4.53 2.89 -9.13
N LEU A 31 3.52 2.48 -8.36
CA LEU A 31 2.56 1.49 -8.80
C LEU A 31 1.15 1.81 -8.32
N LEU A 32 0.26 2.13 -9.25
CA LEU A 32 -1.11 2.47 -8.92
C LEU A 32 -1.86 1.24 -8.40
N ALA A 33 -2.37 1.34 -7.17
CA ALA A 33 -3.11 0.24 -6.56
C ALA A 33 -3.82 0.70 -5.30
N LEU A 34 -5.09 0.34 -5.17
CA LEU A 34 -5.88 0.71 -4.00
C LEU A 34 -5.84 2.22 -3.78
N ASP A 35 -5.96 2.98 -4.86
CA ASP A 35 -5.94 4.43 -4.79
C ASP A 35 -4.73 4.92 -3.99
N LYS A 36 -3.63 4.17 -4.08
CA LYS A 36 -2.42 4.52 -3.38
C LYS A 36 -1.21 4.45 -4.31
N GLN A 37 -0.03 4.78 -3.78
CA GLN A 37 1.20 4.74 -4.57
C GLN A 37 2.25 3.86 -3.90
N TRP A 38 2.61 2.77 -4.56
CA TRP A 38 3.61 1.84 -4.03
C TRP A 38 4.76 1.66 -5.01
N HIS A 39 5.88 1.17 -4.50
CA HIS A 39 7.06 0.95 -5.34
C HIS A 39 6.92 -0.33 -6.15
N VAL A 40 7.72 -0.45 -7.20
CA VAL A 40 7.69 -1.63 -8.06
C VAL A 40 8.18 -2.86 -7.33
N SER A 41 8.84 -2.64 -6.19
CA SER A 41 9.37 -3.74 -5.39
C SER A 41 8.80 -3.71 -3.98
N CYS A 42 7.61 -3.11 -3.83
CA CYS A 42 6.96 -3.01 -2.54
C CYS A 42 5.52 -3.52 -2.62
N PHE A 43 4.89 -3.31 -3.78
CA PHE A 43 3.51 -3.75 -3.98
C PHE A 43 3.44 -5.26 -4.10
N LYS A 44 3.17 -5.93 -2.98
CA LYS A 44 3.07 -7.38 -2.96
C LYS A 44 1.94 -7.84 -2.04
N CYS A 45 1.62 -9.13 -2.10
CA CYS A 45 0.56 -9.69 -1.28
C CYS A 45 0.73 -9.27 0.19
N GLN A 46 -0.30 -9.50 0.99
CA GLN A 46 -0.27 -9.14 2.40
C GLN A 46 -0.15 -10.39 3.27
N THR A 47 -0.46 -11.55 2.69
CA THR A 47 -0.39 -12.81 3.42
C THR A 47 0.91 -13.54 3.11
N CYS A 48 1.34 -13.50 1.85
CA CYS A 48 2.56 -14.16 1.43
C CYS A 48 3.65 -13.14 1.13
N SER A 49 3.24 -11.91 0.86
CA SER A 49 4.18 -10.84 0.55
C SER A 49 4.91 -11.12 -0.77
N VAL A 50 4.14 -11.38 -1.82
CA VAL A 50 4.72 -11.66 -3.13
C VAL A 50 4.46 -10.52 -4.10
N ILE A 51 5.48 -10.16 -4.87
CA ILE A 51 5.37 -9.09 -5.85
C ILE A 51 4.13 -9.26 -6.72
N LEU A 52 3.43 -8.16 -6.97
CA LEU A 52 2.23 -8.18 -7.79
C LEU A 52 2.33 -7.19 -8.95
N THR A 53 2.54 -7.72 -10.15
CA THR A 53 2.65 -6.88 -11.34
C THR A 53 1.81 -7.42 -12.48
N GLY A 54 1.79 -8.75 -12.61
CA GLY A 54 1.02 -9.38 -13.67
C GLY A 54 -0.45 -9.48 -13.33
N GLU A 55 -0.76 -10.05 -12.18
CA GLU A 55 -2.14 -10.20 -11.75
C GLU A 55 -2.23 -10.22 -10.22
N TYR A 56 -3.32 -9.68 -9.69
CA TYR A 56 -3.54 -9.62 -8.25
C TYR A 56 -4.99 -9.27 -7.92
N ILE A 57 -5.35 -9.41 -6.65
CA ILE A 57 -6.70 -9.10 -6.21
C ILE A 57 -6.69 -8.24 -4.96
N SER A 58 -7.55 -7.22 -4.94
CA SER A 58 -7.63 -6.31 -3.81
C SER A 58 -8.87 -6.61 -2.96
N LYS A 59 -8.66 -6.80 -1.66
CA LYS A 59 -9.77 -7.09 -0.76
C LYS A 59 -9.77 -6.11 0.42
N ASP A 60 -10.94 -5.55 0.72
CA ASP A 60 -11.08 -4.61 1.82
C ASP A 60 -9.92 -3.61 1.83
N GLY A 61 -9.40 -3.30 0.65
CA GLY A 61 -8.29 -2.37 0.55
C GLY A 61 -6.96 -3.02 0.86
N VAL A 62 -6.85 -4.31 0.56
CA VAL A 62 -5.63 -5.05 0.81
C VAL A 62 -5.22 -5.89 -0.40
N PRO A 63 -4.01 -5.67 -0.89
CA PRO A 63 -3.48 -6.39 -2.05
C PRO A 63 -3.19 -7.86 -1.75
N TYR A 64 -3.71 -8.75 -2.59
CA TYR A 64 -3.52 -10.18 -2.40
C TYR A 64 -3.24 -10.87 -3.73
N CYS A 65 -2.65 -12.06 -3.66
CA CYS A 65 -2.33 -12.83 -4.86
C CYS A 65 -3.40 -13.88 -5.13
N GLU A 66 -3.40 -14.42 -6.35
CA GLU A 66 -4.37 -15.44 -6.74
C GLU A 66 -4.20 -16.71 -5.89
N SER A 67 -3.15 -16.72 -5.07
CA SER A 67 -2.87 -17.86 -4.21
C SER A 67 -3.59 -17.74 -2.88
N ASP A 68 -3.12 -16.81 -2.05
CA ASP A 68 -3.72 -16.58 -0.73
C ASP A 68 -5.19 -16.18 -0.88
N TYR A 69 -5.44 -15.14 -1.67
CA TYR A 69 -6.79 -14.66 -1.89
C TYR A 69 -7.76 -15.81 -2.14
N HIS A 70 -7.48 -16.58 -3.18
CA HIS A 70 -8.33 -17.73 -3.53
C HIS A 70 -8.36 -18.75 -2.40
N ALA A 71 -7.40 -18.65 -1.49
CA ALA A 71 -7.31 -19.56 -0.35
C ALA A 71 -8.02 -18.97 0.87
N GLN A 72 -8.14 -17.64 0.90
CA GLN A 72 -8.78 -16.96 2.02
C GLN A 72 -10.27 -16.79 1.75
N PHE A 73 -10.59 -16.03 0.71
CA PHE A 73 -11.99 -15.78 0.36
C PHE A 73 -12.45 -16.74 -0.74
N GLY A 74 -11.50 -17.28 -1.49
CA GLY A 74 -11.82 -18.21 -2.55
C GLY A 74 -12.39 -19.52 -2.02
N SER A 75 -11.69 -20.12 -1.08
CA SER A 75 -12.13 -21.38 -0.50
C SER A 75 -13.22 -21.15 0.55
N GLY A 76 -13.96 -22.21 0.86
CA GLY A 76 -15.02 -22.11 1.86
C GLY A 76 -15.29 -23.42 2.56
N PRO A 77 -16.54 -23.61 3.01
CA PRO A 77 -16.95 -24.83 3.71
C PRO A 77 -17.00 -26.04 2.79
N SER A 78 -17.40 -27.18 3.34
CA SER A 78 -17.48 -28.42 2.57
C SER A 78 -18.90 -28.66 2.08
N SER A 79 -19.27 -27.99 1.00
CA SER A 79 -20.61 -28.13 0.43
C SER A 79 -20.54 -28.29 -1.09
N GLY A 80 -21.51 -29.00 -1.65
CA GLY A 80 -21.55 -29.21 -3.08
C GLY A 80 -21.70 -27.91 -3.86
N GLY A 1 1.45 50.73 20.16
CA GLY A 1 2.21 49.78 20.94
C GLY A 1 2.53 48.52 20.17
N SER A 2 2.54 47.39 20.87
CA SER A 2 2.83 46.10 20.24
C SER A 2 1.87 45.02 20.74
N SER A 3 1.50 44.10 19.84
CA SER A 3 0.59 43.03 20.19
C SER A 3 1.27 41.67 20.02
N GLY A 4 2.51 41.59 20.48
CA GLY A 4 3.26 40.34 20.38
C GLY A 4 3.02 39.62 19.06
N SER A 5 2.94 40.40 17.97
CA SER A 5 2.71 39.83 16.65
C SER A 5 3.93 39.07 16.17
N SER A 6 3.87 37.74 16.26
CA SER A 6 4.98 36.89 15.83
C SER A 6 4.48 35.51 15.43
N GLY A 7 4.67 35.17 14.16
CA GLY A 7 4.24 33.87 13.67
C GLY A 7 5.17 33.30 12.61
N LYS A 8 4.78 32.18 12.02
CA LYS A 8 5.58 31.54 10.99
C LYS A 8 4.79 30.45 10.28
N PRO A 9 4.48 30.68 9.00
CA PRO A 9 3.72 29.74 8.18
C PRO A 9 4.53 28.48 7.85
N ILE A 10 3.94 27.59 7.07
CA ILE A 10 4.61 26.35 6.68
C ILE A 10 4.40 26.06 5.19
N LYS A 11 5.36 25.36 4.60
CA LYS A 11 5.30 25.02 3.18
C LYS A 11 4.84 23.58 3.00
N ILE A 12 3.52 23.38 3.00
CA ILE A 12 2.95 22.05 2.84
C ILE A 12 2.37 21.89 1.43
N ARG A 13 2.93 20.94 0.68
CA ARG A 13 2.47 20.68 -0.68
C ARG A 13 1.73 19.34 -0.76
N GLY A 14 2.24 18.35 -0.01
CA GLY A 14 1.61 17.04 0.00
C GLY A 14 2.26 16.08 -0.99
N PRO A 15 3.53 15.72 -0.71
CA PRO A 15 4.30 14.82 -1.57
C PRO A 15 3.77 13.38 -1.50
N SER A 16 4.10 12.59 -2.52
CA SER A 16 3.66 11.20 -2.58
C SER A 16 4.68 10.27 -1.93
N HIS A 17 4.21 9.40 -1.04
CA HIS A 17 5.09 8.46 -0.36
C HIS A 17 4.61 7.03 -0.55
N CYS A 18 5.54 6.09 -0.61
CA CYS A 18 5.22 4.69 -0.79
C CYS A 18 4.29 4.20 0.31
N ALA A 19 3.20 3.53 -0.08
CA ALA A 19 2.23 3.01 0.87
C ALA A 19 2.71 1.68 1.46
N GLY A 20 4.00 1.39 1.31
CA GLY A 20 4.55 0.15 1.82
C GLY A 20 5.72 0.39 2.77
N CYS A 21 6.59 1.33 2.41
CA CYS A 21 7.75 1.65 3.22
C CYS A 21 7.71 3.11 3.67
N LYS A 22 6.67 3.82 3.26
CA LYS A 22 6.51 5.23 3.63
C LYS A 22 7.73 6.04 3.19
N GLU A 23 8.13 5.88 1.93
CA GLU A 23 9.27 6.59 1.39
C GLU A 23 8.89 7.37 0.12
N GLU A 24 9.28 8.63 0.07
CA GLU A 24 8.98 9.47 -1.08
C GLU A 24 9.32 8.76 -2.39
N ILE A 25 8.36 8.70 -3.31
CA ILE A 25 8.57 8.04 -4.59
C ILE A 25 8.96 9.05 -5.66
N LYS A 26 8.54 10.30 -5.49
CA LYS A 26 8.84 11.36 -6.44
C LYS A 26 10.24 11.17 -7.03
N HIS A 27 10.39 11.54 -8.30
CA HIS A 27 11.67 11.40 -8.99
C HIS A 27 12.07 9.94 -9.11
N GLY A 28 11.10 9.07 -9.39
CA GLY A 28 11.38 7.66 -9.52
C GLY A 28 10.28 6.92 -10.26
N GLN A 29 9.63 5.99 -9.58
CA GLN A 29 8.56 5.20 -10.19
C GLN A 29 7.52 4.80 -9.15
N SER A 30 6.25 4.86 -9.53
CA SER A 30 5.17 4.50 -8.62
C SER A 30 4.31 3.38 -9.21
N LEU A 31 3.46 2.78 -8.38
CA LEU A 31 2.59 1.71 -8.82
C LEU A 31 1.15 1.97 -8.39
N LEU A 32 0.29 2.27 -9.35
CA LEU A 32 -1.12 2.53 -9.07
C LEU A 32 -1.82 1.26 -8.59
N ALA A 33 -2.28 1.29 -7.33
CA ALA A 33 -2.97 0.15 -6.75
C ALA A 33 -3.71 0.55 -5.48
N LEU A 34 -5.01 0.32 -5.45
CA LEU A 34 -5.84 0.66 -4.30
C LEU A 34 -5.82 2.16 -4.04
N ASP A 35 -5.98 2.94 -5.10
CA ASP A 35 -5.98 4.39 -4.99
C ASP A 35 -4.78 4.88 -4.20
N LYS A 36 -3.70 4.11 -4.23
CA LYS A 36 -2.48 4.46 -3.52
C LYS A 36 -1.26 4.37 -4.42
N GLN A 37 -0.10 4.71 -3.88
CA GLN A 37 1.14 4.67 -4.64
C GLN A 37 2.19 3.81 -3.94
N TRP A 38 2.57 2.71 -4.57
CA TRP A 38 3.57 1.81 -4.00
C TRP A 38 4.75 1.63 -4.95
N HIS A 39 5.91 1.31 -4.39
CA HIS A 39 7.12 1.10 -5.18
C HIS A 39 6.99 -0.14 -6.05
N VAL A 40 7.88 -0.27 -7.03
CA VAL A 40 7.87 -1.41 -7.92
C VAL A 40 8.37 -2.67 -7.22
N SER A 41 8.92 -2.48 -6.02
CA SER A 41 9.44 -3.61 -5.24
C SER A 41 8.83 -3.63 -3.84
N CYS A 42 7.67 -2.99 -3.70
CA CYS A 42 6.99 -2.93 -2.42
C CYS A 42 5.56 -3.47 -2.54
N PHE A 43 4.97 -3.29 -3.72
CA PHE A 43 3.61 -3.76 -3.97
C PHE A 43 3.57 -5.28 -4.09
N LYS A 44 3.23 -5.95 -2.98
CA LYS A 44 3.16 -7.40 -2.96
C LYS A 44 2.03 -7.87 -2.05
N CYS A 45 1.73 -9.17 -2.10
CA CYS A 45 0.67 -9.74 -1.27
C CYS A 45 0.87 -9.37 0.20
N GLN A 46 -0.15 -9.63 1.01
CA GLN A 46 -0.09 -9.32 2.43
C GLN A 46 0.04 -10.61 3.25
N THR A 47 -0.29 -11.73 2.64
CA THR A 47 -0.22 -13.02 3.32
C THR A 47 1.09 -13.75 2.97
N CYS A 48 1.46 -13.71 1.69
CA CYS A 48 2.68 -14.36 1.24
C CYS A 48 3.78 -13.33 0.95
N SER A 49 3.37 -12.09 0.74
CA SER A 49 4.31 -11.01 0.45
C SER A 49 5.03 -11.26 -0.86
N VAL A 50 4.26 -11.54 -1.91
CA VAL A 50 4.82 -11.80 -3.23
C VAL A 50 4.60 -10.63 -4.16
N ILE A 51 5.63 -10.27 -4.91
CA ILE A 51 5.54 -9.15 -5.86
C ILE A 51 4.41 -9.37 -6.86
N LEU A 52 3.48 -8.42 -6.91
CA LEU A 52 2.35 -8.50 -7.82
C LEU A 52 2.49 -7.50 -8.96
N THR A 53 2.77 -8.01 -10.15
CA THR A 53 2.94 -7.17 -11.33
C THR A 53 1.94 -7.53 -12.42
N GLY A 54 1.66 -8.84 -12.55
CA GLY A 54 0.73 -9.29 -13.56
C GLY A 54 -0.72 -9.15 -13.11
N GLU A 55 -1.22 -10.17 -12.43
CA GLU A 55 -2.60 -10.15 -11.95
C GLU A 55 -2.65 -10.28 -10.43
N TYR A 56 -3.57 -9.55 -9.81
CA TYR A 56 -3.72 -9.57 -8.37
C TYR A 56 -5.15 -9.22 -7.96
N ILE A 57 -5.46 -9.43 -6.69
CA ILE A 57 -6.79 -9.13 -6.17
C ILE A 57 -6.72 -8.27 -4.91
N SER A 58 -7.55 -7.24 -4.86
CA SER A 58 -7.57 -6.33 -3.71
C SER A 58 -8.76 -6.65 -2.80
N LYS A 59 -8.49 -6.76 -1.50
CA LYS A 59 -9.52 -7.05 -0.52
C LYS A 59 -9.52 -6.02 0.60
N ASP A 60 -10.70 -5.49 0.92
CA ASP A 60 -10.83 -4.50 1.97
C ASP A 60 -9.66 -3.53 1.95
N GLY A 61 -9.12 -3.28 0.77
CA GLY A 61 -8.00 -2.37 0.64
C GLY A 61 -6.67 -3.04 0.93
N VAL A 62 -6.54 -4.30 0.51
CA VAL A 62 -5.32 -5.05 0.72
C VAL A 62 -4.99 -5.93 -0.49
N PRO A 63 -3.77 -5.77 -1.02
CA PRO A 63 -3.31 -6.54 -2.18
C PRO A 63 -3.08 -8.01 -1.85
N TYR A 64 -3.67 -8.89 -2.66
CA TYR A 64 -3.53 -10.32 -2.45
C TYR A 64 -3.33 -11.05 -3.77
N CYS A 65 -2.62 -12.17 -3.73
CA CYS A 65 -2.36 -12.97 -4.93
C CYS A 65 -3.48 -13.97 -5.17
N GLU A 66 -3.49 -14.56 -6.36
CA GLU A 66 -4.51 -15.54 -6.72
C GLU A 66 -4.38 -16.80 -5.87
N SER A 67 -3.33 -16.85 -5.06
CA SER A 67 -3.10 -18.00 -4.19
C SER A 67 -3.78 -17.82 -2.84
N ASP A 68 -3.26 -16.91 -2.03
CA ASP A 68 -3.83 -16.63 -0.72
C ASP A 68 -5.30 -16.22 -0.84
N TYR A 69 -5.54 -15.14 -1.56
CA TYR A 69 -6.90 -14.63 -1.74
C TYR A 69 -7.87 -15.77 -2.03
N HIS A 70 -7.60 -16.51 -3.11
CA HIS A 70 -8.45 -17.64 -3.49
C HIS A 70 -8.57 -18.64 -2.35
N ALA A 71 -7.58 -18.65 -1.47
CA ALA A 71 -7.57 -19.56 -0.33
C ALA A 71 -8.16 -18.90 0.91
N GLN A 72 -8.23 -17.57 0.89
CA GLN A 72 -8.78 -16.82 2.01
C GLN A 72 -10.29 -16.65 1.87
N PHE A 73 -10.71 -15.94 0.82
CA PHE A 73 -12.12 -15.70 0.57
C PHE A 73 -12.59 -16.47 -0.67
N GLY A 74 -11.66 -17.17 -1.30
CA GLY A 74 -12.01 -17.94 -2.48
C GLY A 74 -12.61 -19.29 -2.15
N SER A 75 -12.07 -19.93 -1.12
CA SER A 75 -12.55 -21.24 -0.70
C SER A 75 -13.09 -21.20 0.74
N GLY A 76 -13.77 -22.25 1.14
CA GLY A 76 -14.33 -22.32 2.47
C GLY A 76 -13.42 -23.05 3.45
N PRO A 77 -13.45 -22.63 4.72
CA PRO A 77 -12.62 -23.24 5.77
C PRO A 77 -13.08 -24.66 6.12
N SER A 78 -14.12 -25.12 5.44
CA SER A 78 -14.66 -26.46 5.68
C SER A 78 -14.36 -27.39 4.49
N SER A 79 -14.47 -28.68 4.73
CA SER A 79 -14.22 -29.67 3.68
C SER A 79 -15.19 -30.84 3.79
N GLY A 80 -15.09 -31.78 2.85
CA GLY A 80 -15.96 -32.94 2.86
C GLY A 80 -15.28 -34.18 2.35
N GLY A 1 -18.72 8.87 33.37
CA GLY A 1 -17.46 8.63 32.70
C GLY A 1 -17.41 9.23 31.31
N SER A 2 -16.35 9.97 31.02
CA SER A 2 -16.19 10.61 29.73
C SER A 2 -14.76 11.10 29.53
N SER A 3 -14.23 10.92 28.32
CA SER A 3 -12.88 11.34 28.00
C SER A 3 -12.58 11.16 26.51
N GLY A 4 -11.75 12.05 25.97
CA GLY A 4 -11.40 11.97 24.57
C GLY A 4 -10.22 12.85 24.22
N SER A 5 -9.69 12.68 23.01
CA SER A 5 -8.54 13.45 22.56
C SER A 5 -8.47 13.47 21.04
N SER A 6 -8.11 14.63 20.48
CA SER A 6 -8.01 14.78 19.04
C SER A 6 -6.90 15.75 18.67
N GLY A 7 -6.03 15.33 17.74
CA GLY A 7 -4.93 16.18 17.32
C GLY A 7 -4.59 16.00 15.85
N LYS A 8 -5.54 16.36 14.99
CA LYS A 8 -5.34 16.25 13.54
C LYS A 8 -4.36 17.30 13.04
N PRO A 9 -3.20 16.85 12.54
CA PRO A 9 -2.16 17.75 12.01
C PRO A 9 -2.59 18.42 10.71
N ILE A 10 -1.77 19.35 10.24
CA ILE A 10 -2.05 20.07 9.00
C ILE A 10 -1.02 19.73 7.93
N LYS A 11 -1.51 19.40 6.74
CA LYS A 11 -0.64 19.06 5.63
C LYS A 11 -0.19 20.32 4.89
N ILE A 12 0.97 20.84 5.28
CA ILE A 12 1.52 22.05 4.65
C ILE A 12 2.35 21.69 3.43
N ARG A 13 3.32 20.79 3.61
CA ARG A 13 4.18 20.37 2.53
C ARG A 13 4.53 18.89 2.64
N GLY A 14 4.62 18.21 1.52
CA GLY A 14 4.94 16.80 1.51
C GLY A 14 4.33 16.06 0.34
N PRO A 15 5.19 15.57 -0.57
CA PRO A 15 4.75 14.84 -1.76
C PRO A 15 4.18 13.47 -1.42
N SER A 16 3.98 12.64 -2.44
CA SER A 16 3.44 11.30 -2.26
C SER A 16 4.51 10.35 -1.74
N HIS A 17 4.12 9.44 -0.85
CA HIS A 17 5.05 8.47 -0.28
C HIS A 17 4.55 7.05 -0.49
N CYS A 18 5.47 6.11 -0.60
CA CYS A 18 5.12 4.71 -0.79
C CYS A 18 4.23 4.20 0.33
N ALA A 19 3.11 3.59 -0.04
CA ALA A 19 2.16 3.06 0.94
C ALA A 19 2.62 1.69 1.44
N GLY A 20 3.88 1.36 1.19
CA GLY A 20 4.40 0.07 1.63
C GLY A 20 5.58 0.22 2.57
N CYS A 21 6.48 1.16 2.26
CA CYS A 21 7.65 1.40 3.08
C CYS A 21 7.66 2.83 3.62
N LYS A 22 6.68 3.61 3.20
CA LYS A 22 6.56 5.00 3.63
C LYS A 22 7.79 5.80 3.20
N GLU A 23 8.14 5.71 1.92
CA GLU A 23 9.28 6.42 1.38
C GLU A 23 8.88 7.29 0.20
N GLU A 24 9.36 8.53 0.20
CA GLU A 24 9.05 9.47 -0.89
C GLU A 24 9.40 8.87 -2.24
N ILE A 25 8.41 8.81 -3.13
CA ILE A 25 8.61 8.27 -4.46
C ILE A 25 9.03 9.35 -5.45
N LYS A 26 10.32 9.70 -5.42
CA LYS A 26 10.85 10.72 -6.31
C LYS A 26 11.94 10.15 -7.22
N HIS A 27 12.98 9.60 -6.60
CA HIS A 27 14.08 9.01 -7.35
C HIS A 27 13.67 7.69 -7.98
N GLY A 28 12.98 6.85 -7.20
CA GLY A 28 12.54 5.57 -7.70
C GLY A 28 11.29 5.67 -8.56
N GLN A 29 10.53 4.59 -8.63
CA GLN A 29 9.31 4.57 -9.42
C GLN A 29 8.08 4.38 -8.53
N SER A 30 6.92 4.27 -9.15
CA SER A 30 5.67 4.09 -8.41
C SER A 30 4.75 3.10 -9.13
N LEU A 31 3.76 2.58 -8.40
CA LEU A 31 2.82 1.63 -8.96
C LEU A 31 1.39 1.95 -8.52
N LEU A 32 0.53 2.23 -9.49
CA LEU A 32 -0.86 2.55 -9.20
C LEU A 32 -1.60 1.32 -8.67
N ALA A 33 -2.11 1.43 -7.45
CA ALA A 33 -2.85 0.33 -6.83
C ALA A 33 -3.64 0.82 -5.63
N LEU A 34 -4.93 0.48 -5.59
CA LEU A 34 -5.79 0.88 -4.48
C LEU A 34 -5.76 2.39 -4.29
N ASP A 35 -5.89 3.13 -5.39
CA ASP A 35 -5.87 4.59 -5.33
C ASP A 35 -4.68 5.09 -4.51
N LYS A 36 -3.62 4.28 -4.47
CA LYS A 36 -2.42 4.64 -3.73
C LYS A 36 -1.18 4.53 -4.61
N GLN A 37 -0.02 4.80 -4.02
CA GLN A 37 1.24 4.73 -4.76
C GLN A 37 2.24 3.83 -4.04
N TRP A 38 2.62 2.74 -4.70
CA TRP A 38 3.57 1.79 -4.12
C TRP A 38 4.77 1.60 -5.04
N HIS A 39 5.88 1.16 -4.47
CA HIS A 39 7.11 0.93 -5.23
C HIS A 39 6.99 -0.34 -6.08
N VAL A 40 7.94 -0.51 -6.99
CA VAL A 40 7.95 -1.69 -7.86
C VAL A 40 8.38 -2.94 -7.09
N SER A 41 8.90 -2.74 -5.90
CA SER A 41 9.35 -3.85 -5.07
C SER A 41 8.67 -3.82 -3.70
N CYS A 42 7.56 -3.10 -3.62
CA CYS A 42 6.80 -3.00 -2.37
C CYS A 42 5.37 -3.51 -2.56
N PHE A 43 4.84 -3.34 -3.76
CA PHE A 43 3.48 -3.78 -4.07
C PHE A 43 3.42 -5.31 -4.17
N LYS A 44 3.29 -5.96 -3.02
CA LYS A 44 3.21 -7.42 -2.98
C LYS A 44 2.10 -7.87 -2.03
N CYS A 45 1.70 -9.14 -2.17
CA CYS A 45 0.64 -9.70 -1.34
C CYS A 45 0.84 -9.30 0.13
N GLN A 46 -0.21 -9.49 0.93
CA GLN A 46 -0.15 -9.15 2.34
C GLN A 46 -0.01 -10.40 3.21
N THR A 47 -0.24 -11.56 2.59
CA THR A 47 -0.14 -12.84 3.30
C THR A 47 1.15 -13.56 2.95
N CYS A 48 1.49 -13.57 1.67
CA CYS A 48 2.70 -14.24 1.19
C CYS A 48 3.79 -13.22 0.87
N SER A 49 3.38 -11.97 0.65
CA SER A 49 4.32 -10.91 0.33
C SER A 49 5.00 -11.16 -1.01
N VAL A 50 4.19 -11.46 -2.02
CA VAL A 50 4.71 -11.74 -3.36
C VAL A 50 4.42 -10.59 -4.31
N ILE A 51 5.44 -10.12 -5.01
CA ILE A 51 5.29 -9.02 -5.96
C ILE A 51 4.05 -9.21 -6.82
N LEU A 52 3.31 -8.12 -7.04
CA LEU A 52 2.10 -8.17 -7.85
C LEU A 52 2.17 -7.15 -8.99
N THR A 53 2.33 -7.65 -10.21
CA THR A 53 2.41 -6.80 -11.38
C THR A 53 1.52 -7.30 -12.50
N GLY A 54 1.53 -8.61 -12.71
CA GLY A 54 0.71 -9.21 -13.75
C GLY A 54 -0.75 -9.30 -13.35
N GLU A 55 -1.04 -10.05 -12.29
CA GLU A 55 -2.41 -10.22 -11.82
C GLU A 55 -2.45 -10.20 -10.29
N TYR A 56 -3.56 -9.72 -9.75
CA TYR A 56 -3.73 -9.65 -8.30
C TYR A 56 -5.18 -9.32 -7.94
N ILE A 57 -5.50 -9.41 -6.66
CA ILE A 57 -6.85 -9.14 -6.18
C ILE A 57 -6.82 -8.32 -4.88
N SER A 58 -7.59 -7.24 -4.85
CA SER A 58 -7.64 -6.38 -3.67
C SER A 58 -8.82 -6.76 -2.79
N LYS A 59 -8.56 -6.91 -1.49
CA LYS A 59 -9.60 -7.26 -0.53
C LYS A 59 -9.59 -6.32 0.66
N ASP A 60 -10.76 -5.82 1.03
CA ASP A 60 -10.88 -4.91 2.17
C ASP A 60 -9.78 -3.85 2.14
N GLY A 61 -9.36 -3.48 0.92
CA GLY A 61 -8.32 -2.49 0.78
C GLY A 61 -6.93 -3.06 1.01
N VAL A 62 -6.75 -4.33 0.67
CA VAL A 62 -5.46 -4.99 0.85
C VAL A 62 -5.10 -5.83 -0.37
N PRO A 63 -3.88 -5.64 -0.89
CA PRO A 63 -3.39 -6.37 -2.05
C PRO A 63 -3.13 -7.84 -1.75
N TYR A 64 -3.69 -8.72 -2.58
CA TYR A 64 -3.52 -10.16 -2.40
C TYR A 64 -3.30 -10.85 -3.74
N CYS A 65 -2.69 -12.03 -3.69
CA CYS A 65 -2.40 -12.79 -4.90
C CYS A 65 -3.48 -13.85 -5.13
N GLU A 66 -3.47 -14.45 -6.32
CA GLU A 66 -4.44 -15.49 -6.65
C GLU A 66 -4.25 -16.73 -5.78
N SER A 67 -3.20 -16.71 -4.97
CA SER A 67 -2.90 -17.83 -4.08
C SER A 67 -3.62 -17.68 -2.75
N ASP A 68 -3.18 -16.72 -1.94
CA ASP A 68 -3.79 -16.47 -0.64
C ASP A 68 -5.26 -16.09 -0.79
N TYR A 69 -5.53 -15.05 -1.57
CA TYR A 69 -6.89 -14.60 -1.80
C TYR A 69 -7.83 -15.77 -2.02
N HIS A 70 -7.52 -16.59 -3.02
CA HIS A 70 -8.35 -17.75 -3.35
C HIS A 70 -8.29 -18.78 -2.21
N ALA A 71 -7.29 -18.64 -1.34
CA ALA A 71 -7.13 -19.56 -0.22
C ALA A 71 -7.82 -19.01 1.03
N GLN A 72 -8.12 -17.71 1.02
CA GLN A 72 -8.77 -17.07 2.16
C GLN A 72 -10.28 -16.99 1.95
N PHE A 73 -10.69 -16.24 0.92
CA PHE A 73 -12.10 -16.08 0.61
C PHE A 73 -12.52 -17.00 -0.54
N GLY A 74 -11.53 -17.46 -1.31
CA GLY A 74 -11.81 -18.33 -2.43
C GLY A 74 -12.53 -19.60 -2.02
N SER A 75 -12.02 -20.24 -0.96
CA SER A 75 -12.61 -21.48 -0.46
C SER A 75 -14.12 -21.38 -0.44
N GLY A 76 -14.63 -20.22 -0.05
CA GLY A 76 -16.07 -20.02 0.02
C GLY A 76 -16.47 -18.59 -0.30
N PRO A 77 -16.93 -18.36 -1.54
CA PRO A 77 -17.35 -17.02 -1.99
C PRO A 77 -18.65 -16.57 -1.32
N SER A 78 -19.11 -15.38 -1.68
CA SER A 78 -20.34 -14.83 -1.11
C SER A 78 -21.17 -14.13 -2.18
N SER A 79 -22.37 -14.66 -2.42
CA SER A 79 -23.26 -14.08 -3.42
C SER A 79 -22.47 -13.60 -4.64
N GLY A 80 -21.52 -14.41 -5.08
CA GLY A 80 -20.71 -14.06 -6.23
C GLY A 80 -20.66 -15.15 -7.28
N GLY A 1 0.09 29.09 39.58
CA GLY A 1 1.39 29.05 38.96
C GLY A 1 1.63 27.80 38.14
N SER A 2 1.43 27.91 36.82
CA SER A 2 1.62 26.78 35.93
C SER A 2 1.94 27.26 34.51
N SER A 3 2.85 26.56 33.86
CA SER A 3 3.25 26.90 32.49
C SER A 3 3.94 25.73 31.81
N GLY A 4 3.74 25.61 30.50
CA GLY A 4 4.35 24.52 29.76
C GLY A 4 3.63 24.24 28.46
N SER A 5 3.77 25.13 27.49
CA SER A 5 3.13 24.97 26.19
C SER A 5 4.16 24.89 25.07
N SER A 6 3.71 24.48 23.89
CA SER A 6 4.58 24.35 22.73
C SER A 6 3.81 24.54 21.43
N GLY A 7 4.54 24.58 20.33
CA GLY A 7 3.91 24.77 19.03
C GLY A 7 4.90 25.09 17.93
N LYS A 8 5.60 24.07 17.44
CA LYS A 8 6.59 24.26 16.39
C LYS A 8 6.14 23.58 15.10
N PRO A 9 5.66 24.39 14.14
CA PRO A 9 5.19 23.89 12.85
C PRO A 9 6.33 23.38 11.98
N ILE A 10 6.10 22.25 11.32
CA ILE A 10 7.11 21.66 10.45
C ILE A 10 7.07 22.28 9.05
N LYS A 11 8.24 22.44 8.45
CA LYS A 11 8.34 23.02 7.11
C LYS A 11 8.55 21.93 6.06
N ILE A 12 7.51 21.13 5.82
CA ILE A 12 7.60 20.05 4.84
C ILE A 12 6.31 19.97 4.02
N ARG A 13 6.44 19.44 2.81
CA ARG A 13 5.29 19.29 1.92
C ARG A 13 4.61 17.94 2.11
N GLY A 14 3.47 17.76 1.48
CA GLY A 14 2.74 16.50 1.60
C GLY A 14 2.69 15.74 0.29
N PRO A 15 3.86 15.39 -0.25
CA PRO A 15 3.97 14.65 -1.50
C PRO A 15 3.49 13.21 -1.38
N SER A 16 3.63 12.44 -2.44
CA SER A 16 3.20 11.04 -2.46
C SER A 16 4.27 10.14 -1.83
N HIS A 17 3.83 9.24 -0.96
CA HIS A 17 4.75 8.32 -0.29
C HIS A 17 4.31 6.88 -0.50
N CYS A 18 5.29 5.98 -0.63
CA CYS A 18 5.01 4.57 -0.84
C CYS A 18 4.16 4.00 0.29
N ALA A 19 3.09 3.31 -0.07
CA ALA A 19 2.20 2.72 0.93
C ALA A 19 2.72 1.38 1.41
N GLY A 20 4.03 1.18 1.25
CA GLY A 20 4.65 -0.07 1.68
C GLY A 20 5.85 0.16 2.58
N CYS A 21 6.68 1.12 2.22
CA CYS A 21 7.87 1.45 2.99
C CYS A 21 7.83 2.89 3.49
N LYS A 22 6.76 3.60 3.13
CA LYS A 22 6.60 4.99 3.54
C LYS A 22 7.76 5.84 3.05
N GLU A 23 8.03 5.75 1.74
CA GLU A 23 9.11 6.52 1.14
C GLU A 23 8.60 7.39 -0.01
N GLU A 24 8.99 8.65 -0.02
CA GLU A 24 8.56 9.58 -1.05
C GLU A 24 8.82 8.99 -2.44
N ILE A 25 7.77 8.94 -3.26
CA ILE A 25 7.88 8.40 -4.61
C ILE A 25 8.09 9.51 -5.63
N LYS A 26 9.33 10.02 -5.70
CA LYS A 26 9.66 11.08 -6.64
C LYS A 26 10.42 10.53 -7.84
N HIS A 27 9.72 9.78 -8.68
CA HIS A 27 10.32 9.19 -9.87
C HIS A 27 9.28 8.52 -10.74
N GLY A 28 9.61 8.30 -12.01
CA GLY A 28 8.68 7.66 -12.92
C GLY A 28 8.67 6.15 -12.76
N GLN A 29 8.65 5.69 -11.51
CA GLN A 29 8.64 4.26 -11.22
C GLN A 29 7.61 3.94 -10.14
N SER A 30 6.43 4.56 -10.24
CA SER A 30 5.36 4.34 -9.28
C SER A 30 4.43 3.23 -9.75
N LEU A 31 3.68 2.66 -8.81
CA LEU A 31 2.75 1.59 -9.13
C LEU A 31 1.36 1.88 -8.56
N LEU A 32 0.44 2.28 -9.44
CA LEU A 32 -0.92 2.60 -9.03
C LEU A 32 -1.67 1.34 -8.60
N ALA A 33 -2.19 1.34 -7.38
CA ALA A 33 -2.94 0.20 -6.86
C ALA A 33 -3.70 0.58 -5.60
N LEU A 34 -5.00 0.27 -5.60
CA LEU A 34 -5.85 0.58 -4.46
C LEU A 34 -5.85 2.08 -4.16
N ASP A 35 -5.93 2.88 -5.21
CA ASP A 35 -5.95 4.33 -5.07
C ASP A 35 -4.74 4.80 -4.27
N LYS A 36 -3.66 4.04 -4.32
CA LYS A 36 -2.44 4.38 -3.60
C LYS A 36 -1.22 4.29 -4.51
N GLN A 37 -0.06 4.64 -3.97
CA GLN A 37 1.18 4.58 -4.74
C GLN A 37 2.22 3.72 -4.04
N TRP A 38 2.61 2.63 -4.70
CA TRP A 38 3.59 1.70 -4.14
C TRP A 38 4.77 1.53 -5.09
N HIS A 39 5.90 1.09 -4.56
CA HIS A 39 7.09 0.87 -5.36
C HIS A 39 7.00 -0.44 -6.13
N VAL A 40 7.93 -0.63 -7.07
CA VAL A 40 7.95 -1.84 -7.89
C VAL A 40 8.39 -3.05 -7.07
N SER A 41 9.06 -2.78 -5.95
CA SER A 41 9.54 -3.85 -5.08
C SER A 41 8.87 -3.78 -3.71
N CYS A 42 7.72 -3.12 -3.66
CA CYS A 42 6.97 -2.98 -2.42
C CYS A 42 5.56 -3.52 -2.56
N PHE A 43 4.98 -3.35 -3.75
CA PHE A 43 3.64 -3.83 -4.02
C PHE A 43 3.60 -5.35 -4.12
N LYS A 44 3.26 -6.00 -3.01
CA LYS A 44 3.19 -7.46 -2.95
C LYS A 44 2.05 -7.91 -2.05
N CYS A 45 1.73 -9.20 -2.11
CA CYS A 45 0.67 -9.77 -1.29
C CYS A 45 0.85 -9.39 0.17
N GLN A 46 -0.19 -9.62 0.97
CA GLN A 46 -0.15 -9.29 2.39
C GLN A 46 -0.04 -10.56 3.23
N THR A 47 -0.34 -11.70 2.61
CA THR A 47 -0.29 -12.99 3.30
C THR A 47 1.01 -13.72 2.99
N CYS A 48 1.41 -13.71 1.73
CA CYS A 48 2.64 -14.38 1.31
C CYS A 48 3.74 -13.35 1.02
N SER A 49 3.33 -12.12 0.78
CA SER A 49 4.28 -11.03 0.49
C SER A 49 5.02 -11.31 -0.82
N VAL A 50 4.25 -11.52 -1.89
CA VAL A 50 4.83 -11.79 -3.20
C VAL A 50 4.59 -10.64 -4.15
N ILE A 51 5.65 -10.22 -4.85
CA ILE A 51 5.55 -9.12 -5.80
C ILE A 51 4.34 -9.27 -6.71
N LEU A 52 3.53 -8.22 -6.79
CA LEU A 52 2.34 -8.24 -7.63
C LEU A 52 2.48 -7.28 -8.80
N THR A 53 2.83 -7.81 -9.97
CA THR A 53 2.99 -6.99 -11.16
C THR A 53 2.00 -7.41 -12.25
N GLY A 54 1.84 -8.71 -12.43
CA GLY A 54 0.94 -9.22 -13.45
C GLY A 54 -0.51 -9.13 -13.00
N GLU A 55 -0.90 -10.03 -12.10
CA GLU A 55 -2.27 -10.06 -11.60
C GLU A 55 -2.30 -9.97 -10.07
N TYR A 56 -3.40 -9.47 -9.53
CA TYR A 56 -3.54 -9.32 -8.09
C TYR A 56 -4.98 -8.96 -7.72
N ILE A 57 -5.36 -9.25 -6.48
CA ILE A 57 -6.70 -8.96 -6.00
C ILE A 57 -6.66 -8.14 -4.72
N SER A 58 -7.49 -7.11 -4.66
CA SER A 58 -7.55 -6.25 -3.48
C SER A 58 -8.75 -6.60 -2.61
N LYS A 59 -8.49 -6.77 -1.31
CA LYS A 59 -9.55 -7.12 -0.37
C LYS A 59 -9.50 -6.21 0.86
N ASP A 60 -10.66 -5.67 1.23
CA ASP A 60 -10.75 -4.79 2.39
C ASP A 60 -9.57 -3.82 2.43
N GLY A 61 -9.17 -3.34 1.26
CA GLY A 61 -8.04 -2.41 1.20
C GLY A 61 -6.71 -3.10 1.44
N VAL A 62 -6.59 -4.33 0.94
CA VAL A 62 -5.35 -5.10 1.11
C VAL A 62 -5.03 -5.91 -0.13
N PRO A 63 -3.84 -5.68 -0.70
CA PRO A 63 -3.40 -6.39 -1.91
C PRO A 63 -3.09 -7.86 -1.64
N TYR A 64 -3.64 -8.74 -2.46
CA TYR A 64 -3.44 -10.17 -2.31
C TYR A 64 -3.18 -10.84 -3.67
N CYS A 65 -2.60 -12.03 -3.63
CA CYS A 65 -2.30 -12.77 -4.85
C CYS A 65 -3.40 -13.79 -5.15
N GLU A 66 -3.40 -14.30 -6.38
CA GLU A 66 -4.40 -15.28 -6.80
C GLU A 66 -4.28 -16.57 -5.98
N SER A 67 -3.24 -16.63 -5.15
CA SER A 67 -2.99 -17.81 -4.31
C SER A 67 -3.73 -17.68 -2.98
N ASP A 68 -3.24 -16.79 -2.12
CA ASP A 68 -3.85 -16.58 -0.81
C ASP A 68 -5.31 -16.15 -0.95
N TYR A 69 -5.53 -15.04 -1.66
CA TYR A 69 -6.88 -14.53 -1.87
C TYR A 69 -7.85 -15.66 -2.21
N HIS A 70 -7.53 -16.41 -3.24
CA HIS A 70 -8.37 -17.52 -3.68
C HIS A 70 -8.56 -18.52 -2.53
N ALA A 71 -7.62 -18.53 -1.60
CA ALA A 71 -7.69 -19.44 -0.46
C ALA A 71 -8.37 -18.77 0.73
N GLN A 72 -8.36 -17.45 0.75
CA GLN A 72 -8.96 -16.69 1.84
C GLN A 72 -10.45 -16.44 1.56
N PHE A 73 -10.74 -15.74 0.48
CA PHE A 73 -12.12 -15.44 0.10
C PHE A 73 -12.49 -16.13 -1.21
N GLY A 74 -11.76 -17.18 -1.55
CA GLY A 74 -12.03 -17.91 -2.77
C GLY A 74 -12.48 -19.33 -2.52
N SER A 75 -11.89 -19.97 -1.51
CA SER A 75 -12.24 -21.33 -1.16
C SER A 75 -13.73 -21.58 -1.32
N GLY A 76 -14.53 -20.66 -0.80
CA GLY A 76 -15.97 -20.79 -0.88
C GLY A 76 -16.43 -22.23 -0.81
N PRO A 77 -17.18 -22.67 -1.84
CA PRO A 77 -17.70 -24.04 -1.90
C PRO A 77 -16.60 -25.06 -2.15
N SER A 78 -16.13 -25.70 -1.07
CA SER A 78 -15.08 -26.69 -1.16
C SER A 78 -15.43 -27.75 -2.21
N SER A 79 -14.39 -28.39 -2.76
CA SER A 79 -14.59 -29.42 -3.78
C SER A 79 -13.87 -30.71 -3.39
N GLY A 80 -14.54 -31.53 -2.58
CA GLY A 80 -13.96 -32.78 -2.14
C GLY A 80 -14.04 -33.85 -3.21
N GLY A 1 11.24 37.42 35.60
CA GLY A 1 10.13 37.04 34.75
C GLY A 1 10.44 37.18 33.28
N SER A 2 11.35 36.34 32.79
CA SER A 2 11.74 36.39 31.38
C SER A 2 11.20 35.18 30.62
N SER A 3 10.83 35.39 29.37
CA SER A 3 10.29 34.31 28.53
C SER A 3 10.23 34.74 27.07
N GLY A 4 10.39 33.78 26.17
CA GLY A 4 10.35 34.06 24.75
C GLY A 4 10.80 32.88 23.91
N SER A 5 9.86 32.30 23.18
CA SER A 5 10.17 31.15 22.32
C SER A 5 9.20 31.08 21.14
N SER A 6 9.75 31.25 19.94
CA SER A 6 8.94 31.21 18.72
C SER A 6 9.51 30.20 17.72
N GLY A 7 8.81 30.04 16.60
CA GLY A 7 9.27 29.11 15.58
C GLY A 7 8.45 27.83 15.56
N LYS A 8 7.22 27.91 15.08
CA LYS A 8 6.35 26.76 15.01
C LYS A 8 6.38 26.13 13.61
N PRO A 9 6.13 24.81 13.55
CA PRO A 9 6.13 24.07 12.29
C PRO A 9 4.94 24.42 11.41
N ILE A 10 5.22 24.90 10.20
CA ILE A 10 4.18 25.28 9.27
C ILE A 10 3.26 24.10 8.95
N LYS A 11 2.27 24.33 8.10
CA LYS A 11 1.33 23.29 7.71
C LYS A 11 1.93 22.40 6.62
N ILE A 12 2.68 21.38 7.04
CA ILE A 12 3.30 20.45 6.11
C ILE A 12 2.36 19.31 5.76
N ARG A 13 1.59 19.49 4.68
CA ARG A 13 0.65 18.47 4.23
C ARG A 13 1.35 17.13 4.03
N GLY A 14 2.38 17.14 3.19
CA GLY A 14 3.12 15.92 2.93
C GLY A 14 2.87 15.38 1.53
N PRO A 15 3.94 15.18 0.76
CA PRO A 15 3.85 14.67 -0.61
C PRO A 15 3.44 13.21 -0.65
N SER A 16 3.58 12.59 -1.82
CA SER A 16 3.21 11.19 -2.00
C SER A 16 4.30 10.27 -1.44
N HIS A 17 3.89 9.34 -0.58
CA HIS A 17 4.82 8.40 0.03
C HIS A 17 4.38 6.97 -0.20
N CYS A 18 5.34 6.08 -0.46
CA CYS A 18 5.04 4.68 -0.69
C CYS A 18 4.21 4.09 0.44
N ALA A 19 3.15 3.38 0.09
CA ALA A 19 2.27 2.77 1.08
C ALA A 19 2.85 1.44 1.58
N GLY A 20 4.15 1.25 1.36
CA GLY A 20 4.80 0.03 1.80
C GLY A 20 6.00 0.30 2.69
N CYS A 21 6.79 1.31 2.32
CA CYS A 21 7.98 1.66 3.08
C CYS A 21 7.92 3.11 3.53
N LYS A 22 6.82 3.79 3.20
CA LYS A 22 6.64 5.18 3.57
C LYS A 22 7.80 6.04 3.06
N GLU A 23 8.12 5.89 1.78
CA GLU A 23 9.21 6.65 1.18
C GLU A 23 8.71 7.48 0.00
N GLU A 24 9.15 8.73 -0.06
CA GLU A 24 8.74 9.62 -1.13
C GLU A 24 8.95 8.97 -2.50
N ILE A 25 7.88 8.90 -3.28
CA ILE A 25 7.95 8.30 -4.61
C ILE A 25 8.22 9.35 -5.68
N LYS A 26 9.06 9.00 -6.64
CA LYS A 26 9.40 9.92 -7.72
C LYS A 26 8.36 9.88 -8.83
N HIS A 27 8.44 10.82 -9.77
CA HIS A 27 7.51 10.88 -10.88
C HIS A 27 8.02 10.07 -12.06
N GLY A 28 7.44 8.90 -12.26
CA GLY A 28 7.85 8.04 -13.37
C GLY A 28 7.92 6.58 -12.98
N GLN A 29 8.54 6.30 -11.84
CA GLN A 29 8.66 4.92 -11.37
C GLN A 29 7.77 4.69 -10.15
N SER A 30 6.49 4.38 -10.42
CA SER A 30 5.53 4.14 -9.36
C SER A 30 4.50 3.08 -9.78
N LEU A 31 3.79 2.54 -8.81
CA LEU A 31 2.78 1.52 -9.08
C LEU A 31 1.44 1.91 -8.46
N LEU A 32 0.46 2.18 -9.32
CA LEU A 32 -0.87 2.57 -8.86
C LEU A 32 -1.66 1.34 -8.37
N ALA A 33 -2.16 1.41 -7.15
CA ALA A 33 -2.92 0.32 -6.58
C ALA A 33 -3.71 0.78 -5.36
N LEU A 34 -4.97 0.38 -5.29
CA LEU A 34 -5.84 0.74 -4.17
C LEU A 34 -5.81 2.25 -3.93
N ASP A 35 -5.88 3.02 -5.03
CA ASP A 35 -5.87 4.47 -4.94
C ASP A 35 -4.65 4.96 -4.16
N LYS A 36 -3.58 4.15 -4.16
CA LYS A 36 -2.36 4.50 -3.46
C LYS A 36 -1.15 4.40 -4.38
N GLN A 37 0.03 4.68 -3.83
CA GLN A 37 1.26 4.63 -4.61
C GLN A 37 2.28 3.72 -3.95
N TRP A 38 2.63 2.63 -4.62
CA TRP A 38 3.60 1.68 -4.09
C TRP A 38 4.77 1.49 -5.06
N HIS A 39 5.94 1.19 -4.52
CA HIS A 39 7.13 0.97 -5.33
C HIS A 39 7.00 -0.30 -6.16
N VAL A 40 7.94 -0.50 -7.08
CA VAL A 40 7.93 -1.69 -7.94
C VAL A 40 8.39 -2.92 -7.17
N SER A 41 9.00 -2.70 -6.00
CA SER A 41 9.48 -3.80 -5.17
C SER A 41 8.81 -3.78 -3.80
N CYS A 42 7.69 -3.06 -3.71
CA CYS A 42 6.96 -2.97 -2.45
C CYS A 42 5.55 -3.52 -2.60
N PHE A 43 4.93 -3.27 -3.75
CA PHE A 43 3.58 -3.74 -4.02
C PHE A 43 3.55 -5.27 -4.08
N LYS A 44 3.40 -5.91 -2.93
CA LYS A 44 3.35 -7.36 -2.86
C LYS A 44 2.20 -7.82 -1.97
N CYS A 45 1.85 -9.10 -2.08
CA CYS A 45 0.76 -9.67 -1.30
C CYS A 45 0.92 -9.32 0.18
N GLN A 46 -0.13 -9.56 0.96
CA GLN A 46 -0.11 -9.27 2.39
C GLN A 46 -0.05 -10.55 3.21
N THR A 47 -0.34 -11.67 2.55
CA THR A 47 -0.33 -12.97 3.22
C THR A 47 0.98 -13.72 2.94
N CYS A 48 1.42 -13.66 1.69
CA CYS A 48 2.66 -14.32 1.30
C CYS A 48 3.76 -13.32 1.02
N SER A 49 3.37 -12.07 0.75
CA SER A 49 4.33 -11.01 0.47
C SER A 49 5.02 -11.25 -0.86
N VAL A 50 4.24 -11.60 -1.88
CA VAL A 50 4.78 -11.86 -3.21
C VAL A 50 4.48 -10.69 -4.16
N ILE A 51 5.52 -10.21 -4.83
CA ILE A 51 5.37 -9.11 -5.77
C ILE A 51 4.14 -9.29 -6.65
N LEU A 52 3.40 -8.22 -6.86
CA LEU A 52 2.20 -8.26 -7.69
C LEU A 52 2.27 -7.25 -8.83
N THR A 53 2.48 -7.76 -10.04
CA THR A 53 2.57 -6.89 -11.22
C THR A 53 1.70 -7.42 -12.36
N GLY A 54 1.68 -8.74 -12.52
CA GLY A 54 0.89 -9.34 -13.57
C GLY A 54 -0.58 -9.43 -13.21
N GLU A 55 -0.89 -10.18 -12.16
CA GLU A 55 -2.27 -10.35 -11.71
C GLU A 55 -2.36 -10.33 -10.20
N TYR A 56 -3.43 -9.75 -9.67
CA TYR A 56 -3.64 -9.68 -8.23
C TYR A 56 -5.06 -9.21 -7.91
N ILE A 57 -5.50 -9.50 -6.69
CA ILE A 57 -6.84 -9.12 -6.25
C ILE A 57 -6.78 -8.32 -4.96
N SER A 58 -7.56 -7.24 -4.91
CA SER A 58 -7.60 -6.39 -3.72
C SER A 58 -8.80 -6.74 -2.84
N LYS A 59 -8.56 -6.85 -1.54
CA LYS A 59 -9.61 -7.18 -0.59
C LYS A 59 -9.61 -6.20 0.58
N ASP A 60 -10.80 -5.74 0.97
CA ASP A 60 -10.92 -4.81 2.09
C ASP A 60 -9.79 -3.79 2.08
N GLY A 61 -9.31 -3.44 0.88
CA GLY A 61 -8.24 -2.48 0.77
C GLY A 61 -6.88 -3.11 1.04
N VAL A 62 -6.69 -4.34 0.59
CA VAL A 62 -5.44 -5.05 0.80
C VAL A 62 -5.08 -5.91 -0.41
N PRO A 63 -3.86 -5.73 -0.93
CA PRO A 63 -3.37 -6.48 -2.10
C PRO A 63 -3.13 -7.95 -1.78
N TYR A 64 -3.67 -8.83 -2.62
CA TYR A 64 -3.52 -10.26 -2.42
C TYR A 64 -3.30 -10.97 -3.76
N CYS A 65 -2.57 -12.08 -3.73
CA CYS A 65 -2.29 -12.85 -4.93
C CYS A 65 -3.43 -13.83 -5.22
N GLU A 66 -3.38 -14.43 -6.41
CA GLU A 66 -4.41 -15.39 -6.81
C GLU A 66 -4.34 -16.67 -5.97
N SER A 67 -3.30 -16.75 -5.14
CA SER A 67 -3.10 -17.91 -4.28
C SER A 67 -3.80 -17.72 -2.94
N ASP A 68 -3.24 -16.82 -2.12
CA ASP A 68 -3.80 -16.55 -0.80
C ASP A 68 -5.27 -16.13 -0.91
N TYR A 69 -5.52 -15.05 -1.65
CA TYR A 69 -6.88 -14.54 -1.83
C TYR A 69 -7.84 -15.68 -2.11
N HIS A 70 -7.55 -16.47 -3.14
CA HIS A 70 -8.40 -17.60 -3.50
C HIS A 70 -8.53 -18.58 -2.35
N ALA A 71 -7.56 -18.55 -1.44
CA ALA A 71 -7.57 -19.44 -0.27
C ALA A 71 -8.22 -18.76 0.93
N GLN A 72 -8.25 -17.43 0.91
CA GLN A 72 -8.84 -16.67 2.00
C GLN A 72 -10.33 -16.46 1.77
N PHE A 73 -10.67 -15.80 0.66
CA PHE A 73 -12.06 -15.53 0.33
C PHE A 73 -12.45 -16.24 -0.95
N GLY A 74 -11.70 -17.28 -1.31
CA GLY A 74 -12.00 -18.03 -2.52
C GLY A 74 -12.35 -19.47 -2.23
N SER A 75 -11.66 -20.08 -1.27
CA SER A 75 -11.91 -21.47 -0.90
C SER A 75 -12.40 -21.57 0.55
N GLY A 76 -11.64 -20.97 1.46
CA GLY A 76 -12.00 -21.01 2.86
C GLY A 76 -13.50 -20.85 3.07
N PRO A 77 -13.99 -21.36 4.21
CA PRO A 77 -15.42 -21.28 4.56
C PRO A 77 -15.86 -19.87 4.89
N SER A 78 -16.31 -19.13 3.87
CA SER A 78 -16.76 -17.76 4.04
C SER A 78 -18.24 -17.64 3.74
N SER A 79 -19.07 -17.84 4.75
CA SER A 79 -20.52 -17.75 4.59
C SER A 79 -21.03 -16.38 4.98
N GLY A 80 -22.11 -15.94 4.32
CA GLY A 80 -22.67 -14.63 4.61
C GLY A 80 -21.70 -13.50 4.31
N GLY A 1 -10.58 37.76 25.57
CA GLY A 1 -9.62 36.77 25.12
C GLY A 1 -8.25 37.35 24.87
N SER A 2 -7.29 36.49 24.55
CA SER A 2 -5.93 36.93 24.29
C SER A 2 -5.23 35.98 23.31
N SER A 3 -4.21 36.50 22.64
CA SER A 3 -3.46 35.71 21.66
C SER A 3 -1.96 35.85 21.89
N GLY A 4 -1.22 34.79 21.57
CA GLY A 4 0.22 34.82 21.75
C GLY A 4 0.97 34.63 20.44
N SER A 5 2.12 33.97 20.51
CA SER A 5 2.93 33.73 19.32
C SER A 5 3.02 32.24 19.01
N SER A 6 3.27 31.92 17.75
CA SER A 6 3.38 30.53 17.32
C SER A 6 4.02 30.43 15.94
N GLY A 7 4.91 29.46 15.77
CA GLY A 7 5.58 29.28 14.50
C GLY A 7 5.14 28.02 13.79
N LYS A 8 4.76 28.16 12.52
CA LYS A 8 4.31 27.04 11.72
C LYS A 8 4.98 27.03 10.35
N PRO A 9 5.79 25.99 10.10
CA PRO A 9 6.51 25.85 8.83
C PRO A 9 5.58 25.52 7.67
N ILE A 10 5.86 26.11 6.51
CA ILE A 10 5.04 25.88 5.32
C ILE A 10 5.46 24.60 4.61
N LYS A 11 4.61 24.14 3.69
CA LYS A 11 4.89 22.92 2.94
C LYS A 11 5.54 23.26 1.59
N ILE A 12 6.86 23.33 1.58
CA ILE A 12 7.60 23.63 0.36
C ILE A 12 7.33 22.60 -0.72
N ARG A 13 7.36 21.33 -0.34
CA ARG A 13 7.11 20.24 -1.28
C ARG A 13 6.68 18.97 -0.54
N GLY A 14 5.56 18.41 -0.96
CA GLY A 14 5.05 17.20 -0.33
C GLY A 14 4.60 16.16 -1.34
N PRO A 15 5.56 15.49 -1.99
CA PRO A 15 5.28 14.48 -2.99
C PRO A 15 4.68 13.21 -2.38
N SER A 16 4.08 12.38 -3.22
CA SER A 16 3.46 11.14 -2.76
C SER A 16 4.51 10.20 -2.17
N HIS A 17 4.15 9.52 -1.09
CA HIS A 17 5.05 8.58 -0.43
C HIS A 17 4.57 7.15 -0.61
N CYS A 18 5.52 6.22 -0.71
CA CYS A 18 5.19 4.81 -0.88
C CYS A 18 4.26 4.33 0.24
N ALA A 19 3.20 3.64 -0.14
CA ALA A 19 2.23 3.12 0.82
C ALA A 19 2.71 1.79 1.40
N GLY A 20 3.99 1.52 1.26
CA GLY A 20 4.54 0.28 1.78
C GLY A 20 5.72 0.52 2.71
N CYS A 21 6.59 1.45 2.33
CA CYS A 21 7.76 1.77 3.14
C CYS A 21 7.74 3.23 3.58
N LYS A 22 6.73 3.96 3.14
CA LYS A 22 6.59 5.37 3.49
C LYS A 22 7.82 6.16 3.05
N GLU A 23 8.18 6.03 1.78
CA GLU A 23 9.33 6.73 1.25
C GLU A 23 8.97 7.49 -0.03
N GLU A 24 9.38 8.75 -0.10
CA GLU A 24 9.09 9.57 -1.27
C GLU A 24 9.38 8.81 -2.57
N ILE A 25 8.39 8.76 -3.45
CA ILE A 25 8.54 8.07 -4.72
C ILE A 25 9.00 9.03 -5.82
N LYS A 26 10.31 9.18 -5.96
CA LYS A 26 10.87 10.06 -6.97
C LYS A 26 11.91 9.33 -7.82
N HIS A 27 12.95 8.84 -7.17
CA HIS A 27 14.02 8.11 -7.86
C HIS A 27 13.53 6.75 -8.34
N GLY A 28 12.84 6.74 -9.47
CA GLY A 28 12.33 5.50 -10.02
C GLY A 28 10.89 5.63 -10.51
N GLN A 29 9.97 4.96 -9.81
CA GLN A 29 8.56 5.01 -10.19
C GLN A 29 7.70 4.34 -9.12
N SER A 30 6.38 4.44 -9.28
CA SER A 30 5.45 3.84 -8.33
C SER A 30 4.50 2.88 -9.03
N LEU A 31 3.56 2.33 -8.28
CA LEU A 31 2.58 1.39 -8.83
C LEU A 31 1.17 1.72 -8.35
N LEU A 32 0.30 2.06 -9.29
CA LEU A 32 -1.08 2.40 -8.96
C LEU A 32 -1.85 1.17 -8.48
N ALA A 33 -2.24 1.19 -7.21
CA ALA A 33 -2.99 0.06 -6.64
C ALA A 33 -3.71 0.48 -5.37
N LEU A 34 -5.01 0.22 -5.31
CA LEU A 34 -5.82 0.57 -4.15
C LEU A 34 -5.82 2.09 -3.93
N ASP A 35 -5.92 2.84 -5.02
CA ASP A 35 -5.94 4.29 -4.94
C ASP A 35 -4.74 4.81 -4.14
N LYS A 36 -3.66 4.03 -4.13
CA LYS A 36 -2.45 4.40 -3.41
C LYS A 36 -1.23 4.31 -4.31
N GLN A 37 -0.08 4.70 -3.78
CA GLN A 37 1.17 4.67 -4.55
C GLN A 37 2.21 3.78 -3.86
N TRP A 38 2.58 2.70 -4.52
CA TRP A 38 3.57 1.77 -3.98
C TRP A 38 4.74 1.60 -4.93
N HIS A 39 5.91 1.28 -4.38
CA HIS A 39 7.11 1.08 -5.18
C HIS A 39 7.00 -0.18 -6.03
N VAL A 40 7.86 -0.28 -7.05
CA VAL A 40 7.84 -1.43 -7.93
C VAL A 40 8.37 -2.67 -7.22
N SER A 41 8.93 -2.47 -6.03
CA SER A 41 9.48 -3.58 -5.26
C SER A 41 8.86 -3.61 -3.86
N CYS A 42 7.71 -2.98 -3.71
CA CYS A 42 7.02 -2.92 -2.42
C CYS A 42 5.59 -3.46 -2.54
N PHE A 43 5.00 -3.28 -3.71
CA PHE A 43 3.64 -3.75 -3.95
C PHE A 43 3.60 -5.27 -4.08
N LYS A 44 3.21 -5.93 -2.99
CA LYS A 44 3.12 -7.39 -2.97
C LYS A 44 1.99 -7.85 -2.06
N CYS A 45 1.69 -9.14 -2.12
CA CYS A 45 0.63 -9.72 -1.29
C CYS A 45 0.81 -9.34 0.17
N GLN A 46 -0.22 -9.58 0.97
CA GLN A 46 -0.18 -9.26 2.40
C GLN A 46 -0.10 -10.53 3.23
N THR A 47 -0.46 -11.66 2.63
CA THR A 47 -0.43 -12.94 3.32
C THR A 47 0.85 -13.71 3.01
N CYS A 48 1.30 -13.62 1.76
CA CYS A 48 2.52 -14.30 1.33
C CYS A 48 3.63 -13.29 1.03
N SER A 49 3.24 -12.04 0.78
CA SER A 49 4.21 -10.99 0.48
C SER A 49 4.94 -11.28 -0.82
N VAL A 50 4.17 -11.48 -1.89
CA VAL A 50 4.74 -11.76 -3.20
C VAL A 50 4.53 -10.60 -4.16
N ILE A 51 5.58 -10.26 -4.91
CA ILE A 51 5.50 -9.16 -5.86
C ILE A 51 4.35 -9.35 -6.84
N LEU A 52 3.46 -8.37 -6.90
CA LEU A 52 2.30 -8.43 -7.79
C LEU A 52 2.44 -7.42 -8.93
N THR A 53 2.77 -7.92 -10.11
CA THR A 53 2.93 -7.07 -11.28
C THR A 53 1.92 -7.43 -12.37
N GLY A 54 1.71 -8.73 -12.56
CA GLY A 54 0.77 -9.17 -13.58
C GLY A 54 -0.67 -9.10 -13.11
N GLU A 55 -1.10 -10.14 -12.39
CA GLU A 55 -2.47 -10.19 -11.89
C GLU A 55 -2.49 -10.19 -10.36
N TYR A 56 -3.54 -9.60 -9.78
CA TYR A 56 -3.66 -9.54 -8.33
C TYR A 56 -5.08 -9.12 -7.94
N ILE A 57 -5.46 -9.46 -6.71
CA ILE A 57 -6.79 -9.13 -6.21
C ILE A 57 -6.70 -8.35 -4.90
N SER A 58 -7.51 -7.31 -4.79
CA SER A 58 -7.53 -6.47 -3.59
C SER A 58 -8.73 -6.80 -2.71
N LYS A 59 -8.49 -6.93 -1.41
CA LYS A 59 -9.55 -7.24 -0.46
C LYS A 59 -9.52 -6.27 0.71
N ASP A 60 -10.71 -5.84 1.13
CA ASP A 60 -10.82 -4.90 2.25
C ASP A 60 -9.72 -3.85 2.20
N GLY A 61 -9.23 -3.57 0.99
CA GLY A 61 -8.18 -2.59 0.83
C GLY A 61 -6.80 -3.17 1.06
N VAL A 62 -6.60 -4.41 0.64
CA VAL A 62 -5.31 -5.09 0.80
C VAL A 62 -4.98 -5.93 -0.42
N PRO A 63 -3.75 -5.77 -0.93
CA PRO A 63 -3.28 -6.50 -2.11
C PRO A 63 -3.06 -7.98 -1.81
N TYR A 64 -3.62 -8.84 -2.64
CA TYR A 64 -3.50 -10.29 -2.47
C TYR A 64 -3.28 -10.99 -3.81
N CYS A 65 -2.62 -12.12 -3.77
CA CYS A 65 -2.35 -12.90 -4.98
C CYS A 65 -3.49 -13.87 -5.28
N GLU A 66 -3.45 -14.48 -6.46
CA GLU A 66 -4.47 -15.42 -6.86
C GLU A 66 -4.41 -16.70 -6.02
N SER A 67 -3.37 -16.80 -5.20
CA SER A 67 -3.17 -17.97 -4.35
C SER A 67 -3.83 -17.76 -2.99
N ASP A 68 -3.25 -16.89 -2.18
CA ASP A 68 -3.78 -16.60 -0.85
C ASP A 68 -5.24 -16.15 -0.94
N TYR A 69 -5.49 -15.11 -1.73
CA TYR A 69 -6.84 -14.59 -1.90
C TYR A 69 -7.84 -15.71 -2.16
N HIS A 70 -7.54 -16.53 -3.17
CA HIS A 70 -8.41 -17.64 -3.53
C HIS A 70 -8.54 -18.62 -2.37
N ALA A 71 -7.57 -18.59 -1.46
CA ALA A 71 -7.57 -19.47 -0.30
C ALA A 71 -8.22 -18.80 0.91
N GLN A 72 -8.28 -17.47 0.87
CA GLN A 72 -8.86 -16.70 1.96
C GLN A 72 -10.36 -16.48 1.73
N PHE A 73 -10.69 -15.83 0.63
CA PHE A 73 -12.09 -15.55 0.29
C PHE A 73 -12.48 -16.26 -1.01
N GLY A 74 -11.72 -17.30 -1.35
CA GLY A 74 -12.02 -18.04 -2.57
C GLY A 74 -12.43 -19.47 -2.29
N SER A 75 -11.82 -20.08 -1.27
CA SER A 75 -12.12 -21.45 -0.90
C SER A 75 -13.57 -21.57 -0.40
N GLY A 76 -14.07 -20.49 0.17
CA GLY A 76 -15.43 -20.50 0.69
C GLY A 76 -15.75 -19.25 1.49
N PRO A 77 -16.68 -19.38 2.45
CA PRO A 77 -17.08 -18.25 3.31
C PRO A 77 -15.99 -17.83 4.28
N SER A 78 -16.30 -16.85 5.12
CA SER A 78 -15.34 -16.34 6.09
C SER A 78 -16.04 -15.91 7.37
N SER A 79 -15.26 -15.62 8.41
CA SER A 79 -15.80 -15.20 9.69
C SER A 79 -15.11 -13.92 10.17
N GLY A 80 -14.86 -13.00 9.25
CA GLY A 80 -14.21 -11.75 9.62
C GLY A 80 -13.00 -11.47 8.75
N GLY A 1 -2.06 24.69 30.51
CA GLY A 1 -2.25 25.38 29.24
C GLY A 1 -0.99 25.41 28.39
N SER A 2 -1.15 25.77 27.13
CA SER A 2 -0.02 25.82 26.20
C SER A 2 -0.17 26.98 25.23
N SER A 3 0.77 27.93 25.29
CA SER A 3 0.74 29.10 24.41
C SER A 3 2.01 29.17 23.57
N GLY A 4 1.91 29.87 22.44
CA GLY A 4 3.06 30.00 21.56
C GLY A 4 3.14 28.88 20.53
N SER A 5 4.36 28.49 20.19
CA SER A 5 4.58 27.43 19.21
C SER A 5 3.65 27.61 18.01
N SER A 6 3.52 28.84 17.55
CA SER A 6 2.67 29.15 16.41
C SER A 6 3.50 29.69 15.24
N GLY A 7 3.23 29.17 14.05
CA GLY A 7 3.96 29.60 12.87
C GLY A 7 5.13 28.70 12.54
N LYS A 8 4.91 27.74 11.66
CA LYS A 8 5.95 26.81 11.26
C LYS A 8 5.86 26.49 9.78
N PRO A 9 6.97 26.70 9.05
CA PRO A 9 7.03 26.45 7.61
C PRO A 9 7.00 24.96 7.28
N ILE A 10 6.03 24.56 6.46
CA ILE A 10 5.89 23.16 6.07
C ILE A 10 6.22 22.97 4.59
N LYS A 11 6.52 21.73 4.21
CA LYS A 11 6.85 21.39 2.83
C LYS A 11 5.59 21.19 2.00
N ILE A 12 5.26 22.17 1.17
CA ILE A 12 4.08 22.09 0.32
C ILE A 12 4.37 21.31 -0.96
N ARG A 13 4.26 19.99 -0.88
CA ARG A 13 4.51 19.13 -2.03
C ARG A 13 3.59 17.93 -2.03
N GLY A 14 3.21 17.48 -3.22
CA GLY A 14 2.32 16.33 -3.33
C GLY A 14 2.84 15.11 -2.59
N PRO A 15 2.20 14.77 -1.46
CA PRO A 15 2.59 13.63 -0.65
C PRO A 15 2.30 12.29 -1.33
N SER A 16 3.28 11.81 -2.10
CA SER A 16 3.12 10.55 -2.82
C SER A 16 4.11 9.50 -2.30
N HIS A 17 4.27 9.45 -0.98
CA HIS A 17 5.18 8.51 -0.35
C HIS A 17 4.65 7.08 -0.48
N CYS A 18 5.57 6.13 -0.67
CA CYS A 18 5.19 4.72 -0.82
C CYS A 18 4.30 4.28 0.33
N ALA A 19 3.17 3.67 0.00
CA ALA A 19 2.23 3.20 1.01
C ALA A 19 2.67 1.85 1.56
N GLY A 20 3.93 1.49 1.34
CA GLY A 20 4.44 0.23 1.82
C GLY A 20 5.65 0.40 2.73
N CYS A 21 6.53 1.33 2.37
CA CYS A 21 7.73 1.59 3.15
C CYS A 21 7.78 3.05 3.60
N LYS A 22 6.80 3.83 3.17
CA LYS A 22 6.73 5.24 3.53
C LYS A 22 7.96 5.99 3.02
N GLU A 23 8.24 5.86 1.72
CA GLU A 23 9.38 6.54 1.12
C GLU A 23 8.96 7.35 -0.10
N GLU A 24 9.43 8.59 -0.16
CA GLU A 24 9.10 9.48 -1.27
C GLU A 24 9.43 8.83 -2.61
N ILE A 25 8.44 8.73 -3.49
CA ILE A 25 8.62 8.12 -4.79
C ILE A 25 9.00 9.17 -5.84
N LYS A 26 10.29 9.47 -5.94
CA LYS A 26 10.78 10.45 -6.90
C LYS A 26 11.95 9.89 -7.70
N HIS A 27 12.93 9.33 -7.01
CA HIS A 27 14.10 8.75 -7.67
C HIS A 27 13.83 7.32 -8.09
N GLY A 28 12.78 7.12 -8.88
CA GLY A 28 12.44 5.78 -9.34
C GLY A 28 11.08 5.73 -10.01
N GLN A 29 10.22 4.85 -9.52
CA GLN A 29 8.88 4.70 -10.08
C GLN A 29 7.90 4.19 -9.03
N SER A 30 6.61 4.28 -9.34
CA SER A 30 5.57 3.84 -8.41
C SER A 30 4.63 2.85 -9.09
N LEU A 31 3.64 2.39 -8.34
CA LEU A 31 2.66 1.43 -8.88
C LEU A 31 1.26 1.77 -8.40
N LEU A 32 0.37 2.06 -9.34
CA LEU A 32 -1.01 2.41 -9.02
C LEU A 32 -1.76 1.19 -8.51
N ALA A 33 -2.29 1.28 -7.29
CA ALA A 33 -3.04 0.20 -6.69
C ALA A 33 -3.79 0.66 -5.45
N LEU A 34 -5.03 0.21 -5.31
CA LEU A 34 -5.86 0.58 -4.17
C LEU A 34 -5.86 2.09 -3.96
N ASP A 35 -5.92 2.83 -5.07
CA ASP A 35 -5.93 4.28 -5.02
C ASP A 35 -4.74 4.81 -4.23
N LYS A 36 -3.66 4.03 -4.22
CA LYS A 36 -2.45 4.42 -3.51
C LYS A 36 -1.23 4.30 -4.41
N GLN A 37 -0.07 4.70 -3.90
CA GLN A 37 1.17 4.63 -4.65
C GLN A 37 2.20 3.75 -3.95
N TRP A 38 2.56 2.65 -4.60
CA TRP A 38 3.54 1.72 -4.02
C TRP A 38 4.71 1.51 -4.98
N HIS A 39 5.87 1.17 -4.42
CA HIS A 39 7.06 0.94 -5.22
C HIS A 39 6.91 -0.32 -6.07
N VAL A 40 7.84 -0.51 -7.00
CA VAL A 40 7.81 -1.68 -7.88
C VAL A 40 8.25 -2.93 -7.14
N SER A 41 8.81 -2.75 -5.95
CA SER A 41 9.28 -3.86 -5.14
C SER A 41 8.64 -3.84 -3.76
N CYS A 42 7.54 -3.11 -3.64
CA CYS A 42 6.83 -3.01 -2.36
C CYS A 42 5.40 -3.52 -2.49
N PHE A 43 4.82 -3.34 -3.67
CA PHE A 43 3.45 -3.79 -3.94
C PHE A 43 3.38 -5.31 -4.03
N LYS A 44 3.33 -5.97 -2.87
CA LYS A 44 3.26 -7.42 -2.82
C LYS A 44 2.13 -7.87 -1.91
N CYS A 45 1.73 -9.13 -2.07
CA CYS A 45 0.65 -9.69 -1.26
C CYS A 45 0.80 -9.31 0.20
N GLN A 46 -0.24 -9.55 0.99
CA GLN A 46 -0.22 -9.22 2.42
C GLN A 46 -0.11 -10.49 3.25
N THR A 47 -0.34 -11.64 2.63
CA THR A 47 -0.27 -12.92 3.32
C THR A 47 1.02 -13.66 2.97
N CYS A 48 1.41 -13.57 1.69
CA CYS A 48 2.62 -14.23 1.23
C CYS A 48 3.71 -13.21 0.90
N SER A 49 3.30 -11.96 0.73
CA SER A 49 4.25 -10.89 0.41
C SER A 49 4.95 -11.16 -0.91
N VAL A 50 4.17 -11.50 -1.94
CA VAL A 50 4.71 -11.79 -3.26
C VAL A 50 4.44 -10.64 -4.22
N ILE A 51 5.51 -10.06 -4.77
CA ILE A 51 5.38 -8.96 -5.71
C ILE A 51 4.20 -9.17 -6.65
N LEU A 52 3.44 -8.10 -6.87
CA LEU A 52 2.27 -8.17 -7.75
C LEU A 52 2.38 -7.14 -8.87
N THR A 53 2.65 -7.61 -10.08
CA THR A 53 2.78 -6.74 -11.24
C THR A 53 1.84 -7.16 -12.35
N GLY A 54 1.70 -8.47 -12.55
CA GLY A 54 0.82 -8.97 -13.59
C GLY A 54 -0.62 -8.99 -13.16
N GLU A 55 -1.00 -10.00 -12.37
CA GLU A 55 -2.37 -10.13 -11.89
C GLU A 55 -2.42 -10.12 -10.37
N TYR A 56 -3.54 -9.66 -9.82
CA TYR A 56 -3.71 -9.59 -8.37
C TYR A 56 -5.14 -9.19 -8.01
N ILE A 57 -5.51 -9.42 -6.76
CA ILE A 57 -6.85 -9.08 -6.28
C ILE A 57 -6.78 -8.26 -5.00
N SER A 58 -7.61 -7.23 -4.91
CA SER A 58 -7.64 -6.37 -3.74
C SER A 58 -8.84 -6.71 -2.85
N LYS A 59 -8.59 -6.83 -1.55
CA LYS A 59 -9.64 -7.15 -0.60
C LYS A 59 -9.62 -6.19 0.59
N ASP A 60 -10.79 -5.69 0.96
CA ASP A 60 -10.90 -4.76 2.07
C ASP A 60 -9.74 -3.77 2.08
N GLY A 61 -9.31 -3.35 0.89
CA GLY A 61 -8.21 -2.41 0.78
C GLY A 61 -6.87 -3.07 1.06
N VAL A 62 -6.71 -4.30 0.59
CA VAL A 62 -5.46 -5.04 0.79
C VAL A 62 -5.12 -5.87 -0.43
N PRO A 63 -3.91 -5.68 -0.96
CA PRO A 63 -3.43 -6.41 -2.14
C PRO A 63 -3.17 -7.89 -1.83
N TYR A 64 -3.74 -8.77 -2.65
CA TYR A 64 -3.58 -10.21 -2.48
C TYR A 64 -3.36 -10.90 -3.81
N CYS A 65 -2.68 -12.04 -3.78
CA CYS A 65 -2.40 -12.80 -4.99
C CYS A 65 -3.48 -13.85 -5.23
N GLU A 66 -3.49 -14.41 -6.43
CA GLU A 66 -4.47 -15.42 -6.79
C GLU A 66 -4.30 -16.68 -5.94
N SER A 67 -3.24 -16.69 -5.15
CA SER A 67 -2.96 -17.83 -4.28
C SER A 67 -3.65 -17.68 -2.93
N ASP A 68 -3.18 -16.76 -2.12
CA ASP A 68 -3.76 -16.52 -0.80
C ASP A 68 -5.23 -16.13 -0.92
N TYR A 69 -5.50 -15.08 -1.67
CA TYR A 69 -6.87 -14.61 -1.87
C TYR A 69 -7.82 -15.78 -2.10
N HIS A 70 -7.55 -16.56 -3.14
CA HIS A 70 -8.38 -17.71 -3.48
C HIS A 70 -8.36 -18.73 -2.34
N ALA A 71 -7.35 -18.64 -1.48
CA ALA A 71 -7.22 -19.55 -0.36
C ALA A 71 -7.87 -18.98 0.90
N GLN A 72 -8.08 -17.67 0.91
CA GLN A 72 -8.69 -16.99 2.04
C GLN A 72 -10.20 -16.86 1.85
N PHE A 73 -10.60 -16.08 0.84
CA PHE A 73 -12.00 -15.86 0.56
C PHE A 73 -12.48 -16.78 -0.56
N GLY A 74 -11.53 -17.27 -1.36
CA GLY A 74 -11.86 -18.16 -2.46
C GLY A 74 -12.57 -19.41 -1.99
N SER A 75 -12.02 -20.06 -0.97
CA SER A 75 -12.59 -21.28 -0.43
C SER A 75 -13.58 -20.97 0.70
N GLY A 76 -14.76 -20.50 0.32
CA GLY A 76 -15.78 -20.17 1.31
C GLY A 76 -16.79 -21.28 1.49
N PRO A 77 -17.95 -20.93 2.08
CA PRO A 77 -19.02 -21.90 2.32
C PRO A 77 -19.70 -22.36 1.04
N SER A 78 -19.08 -23.32 0.36
CA SER A 78 -19.62 -23.84 -0.90
C SER A 78 -20.91 -24.63 -0.65
N SER A 79 -20.81 -25.62 0.24
CA SER A 79 -21.97 -26.45 0.57
C SER A 79 -22.62 -25.99 1.88
N GLY A 80 -23.94 -25.95 1.88
CA GLY A 80 -24.66 -25.53 3.08
C GLY A 80 -24.85 -24.04 3.15
N GLY A 1 -13.44 46.69 9.42
CA GLY A 1 -11.99 46.74 9.52
C GLY A 1 -11.48 45.93 10.69
N SER A 2 -10.46 45.11 10.44
CA SER A 2 -9.87 44.28 11.48
C SER A 2 -8.41 43.99 11.19
N SER A 3 -7.76 43.25 12.09
CA SER A 3 -6.35 42.91 11.93
C SER A 3 -5.91 41.91 12.99
N GLY A 4 -4.92 41.08 12.64
CA GLY A 4 -4.43 40.09 13.58
C GLY A 4 -3.21 39.35 13.05
N SER A 5 -2.93 38.19 13.64
CA SER A 5 -1.79 37.39 13.23
C SER A 5 -2.21 35.94 13.00
N SER A 6 -1.29 35.15 12.42
CA SER A 6 -1.57 33.74 12.14
C SER A 6 -0.31 33.02 11.68
N GLY A 7 -0.40 31.71 11.56
CA GLY A 7 0.75 30.92 11.13
C GLY A 7 0.41 29.46 10.93
N LYS A 8 0.44 29.00 9.68
CA LYS A 8 0.13 27.62 9.37
C LYS A 8 1.10 27.07 8.31
N PRO A 9 1.46 25.79 8.44
CA PRO A 9 2.37 25.12 7.51
C PRO A 9 1.73 24.91 6.14
N ILE A 10 2.02 25.81 5.21
CA ILE A 10 1.47 25.70 3.86
C ILE A 10 1.45 24.26 3.39
N LYS A 11 2.41 23.47 3.84
CA LYS A 11 2.50 22.06 3.46
C LYS A 11 2.91 21.92 1.99
N ILE A 12 4.02 22.55 1.63
CA ILE A 12 4.52 22.48 0.26
C ILE A 12 5.18 21.13 -0.01
N ARG A 13 6.23 20.83 0.76
CA ARG A 13 6.95 19.58 0.60
C ARG A 13 6.10 18.39 1.04
N GLY A 14 6.63 17.19 0.87
CA GLY A 14 5.90 15.99 1.26
C GLY A 14 5.13 15.38 0.10
N PRO A 15 5.86 14.97 -0.96
CA PRO A 15 5.26 14.36 -2.14
C PRO A 15 4.70 12.97 -1.86
N SER A 16 4.05 12.39 -2.87
CA SER A 16 3.46 11.06 -2.72
C SER A 16 4.48 10.08 -2.16
N HIS A 17 4.14 9.45 -1.03
CA HIS A 17 5.02 8.48 -0.39
C HIS A 17 4.50 7.06 -0.58
N CYS A 18 5.41 6.10 -0.56
CA CYS A 18 5.04 4.70 -0.72
C CYS A 18 4.08 4.25 0.38
N ALA A 19 3.18 3.32 0.03
CA ALA A 19 2.21 2.81 0.99
C ALA A 19 2.71 1.54 1.65
N GLY A 20 3.97 1.20 1.40
CA GLY A 20 4.55 0.00 1.98
C GLY A 20 5.71 0.30 2.91
N CYS A 21 6.65 1.11 2.43
CA CYS A 21 7.81 1.48 3.23
C CYS A 21 7.72 2.93 3.69
N LYS A 22 6.73 3.66 3.17
CA LYS A 22 6.53 5.06 3.53
C LYS A 22 7.74 5.90 3.13
N GLU A 23 8.23 5.68 1.90
CA GLU A 23 9.38 6.42 1.40
C GLU A 23 9.04 7.13 0.09
N GLU A 24 9.35 8.42 0.03
CA GLU A 24 9.09 9.21 -1.17
C GLU A 24 9.33 8.38 -2.43
N ILE A 25 8.35 8.40 -3.34
CA ILE A 25 8.46 7.65 -4.58
C ILE A 25 8.90 8.56 -5.73
N LYS A 26 9.04 9.84 -5.44
CA LYS A 26 9.46 10.81 -6.43
C LYS A 26 10.96 10.75 -6.67
N HIS A 27 11.48 9.53 -6.80
CA HIS A 27 12.91 9.33 -7.04
C HIS A 27 13.14 8.31 -8.15
N GLY A 28 12.33 7.26 -8.15
CA GLY A 28 12.47 6.22 -9.17
C GLY A 28 11.19 6.03 -9.97
N GLN A 29 10.36 5.07 -9.54
CA GLN A 29 9.11 4.79 -10.22
C GLN A 29 7.98 4.59 -9.22
N SER A 30 6.75 4.63 -9.72
CA SER A 30 5.57 4.45 -8.86
C SER A 30 4.62 3.43 -9.46
N LEU A 31 3.78 2.84 -8.61
CA LEU A 31 2.82 1.84 -9.05
C LEU A 31 1.43 2.13 -8.49
N LEU A 32 0.50 2.45 -9.36
CA LEU A 32 -0.88 2.76 -8.96
C LEU A 32 -1.61 1.49 -8.52
N ALA A 33 -2.11 1.50 -7.30
CA ALA A 33 -2.84 0.35 -6.76
C ALA A 33 -3.60 0.73 -5.49
N LEU A 34 -4.91 0.50 -5.50
CA LEU A 34 -5.75 0.82 -4.35
C LEU A 34 -5.72 2.32 -4.05
N ASP A 35 -5.90 3.13 -5.09
CA ASP A 35 -5.90 4.58 -4.93
C ASP A 35 -4.69 5.03 -4.11
N LYS A 36 -3.63 4.23 -4.14
CA LYS A 36 -2.41 4.54 -3.40
C LYS A 36 -1.19 4.42 -4.31
N GLN A 37 -0.04 4.81 -3.78
CA GLN A 37 1.22 4.76 -4.54
C GLN A 37 2.22 3.83 -3.87
N TRP A 38 2.57 2.75 -4.56
CA TRP A 38 3.52 1.78 -4.03
C TRP A 38 4.71 1.61 -4.97
N HIS A 39 5.85 1.21 -4.41
CA HIS A 39 7.06 1.01 -5.21
C HIS A 39 6.92 -0.21 -6.10
N VAL A 40 7.92 -0.44 -6.95
CA VAL A 40 7.91 -1.58 -7.86
C VAL A 40 8.26 -2.87 -7.12
N SER A 41 8.78 -2.73 -5.91
CA SER A 41 9.15 -3.89 -5.11
C SER A 41 8.47 -3.86 -3.74
N CYS A 42 7.40 -3.08 -3.65
CA CYS A 42 6.66 -2.95 -2.39
C CYS A 42 5.22 -3.43 -2.58
N PHE A 43 4.70 -3.29 -3.79
CA PHE A 43 3.34 -3.71 -4.09
C PHE A 43 3.25 -5.23 -4.20
N LYS A 44 3.19 -5.90 -3.06
CA LYS A 44 3.11 -7.36 -3.02
C LYS A 44 1.97 -7.81 -2.10
N CYS A 45 1.63 -9.08 -2.18
CA CYS A 45 0.57 -9.64 -1.36
C CYS A 45 0.72 -9.22 0.10
N GLN A 46 -0.32 -9.44 0.89
CA GLN A 46 -0.30 -9.08 2.30
C GLN A 46 -0.20 -10.32 3.18
N THR A 47 -0.46 -11.48 2.59
CA THR A 47 -0.40 -12.75 3.31
C THR A 47 0.90 -13.49 3.02
N CYS A 48 1.34 -13.42 1.77
CA CYS A 48 2.57 -14.09 1.36
C CYS A 48 3.67 -13.07 1.05
N SER A 49 3.26 -11.83 0.78
CA SER A 49 4.19 -10.77 0.45
C SER A 49 4.93 -11.07 -0.85
N VAL A 50 4.16 -11.37 -1.90
CA VAL A 50 4.75 -11.67 -3.20
C VAL A 50 4.54 -10.52 -4.18
N ILE A 51 5.58 -10.20 -4.94
CA ILE A 51 5.51 -9.11 -5.92
C ILE A 51 4.33 -9.32 -6.87
N LEU A 52 3.52 -8.29 -7.03
CA LEU A 52 2.37 -8.34 -7.92
C LEU A 52 2.49 -7.33 -9.05
N THR A 53 2.73 -7.83 -10.26
CA THR A 53 2.88 -6.97 -11.42
C THR A 53 1.86 -7.33 -12.51
N GLY A 54 1.53 -8.62 -12.59
CA GLY A 54 0.57 -9.06 -13.58
C GLY A 54 -0.85 -9.04 -13.07
N GLU A 55 -1.29 -10.16 -12.48
CA GLU A 55 -2.65 -10.25 -11.94
C GLU A 55 -2.62 -10.25 -10.41
N TYR A 56 -3.67 -9.67 -9.82
CA TYR A 56 -3.76 -9.59 -8.37
C TYR A 56 -5.18 -9.21 -7.94
N ILE A 57 -5.54 -9.57 -6.71
CA ILE A 57 -6.86 -9.27 -6.19
C ILE A 57 -6.77 -8.41 -4.92
N SER A 58 -7.60 -7.38 -4.85
CA SER A 58 -7.61 -6.48 -3.70
C SER A 58 -8.86 -6.70 -2.86
N LYS A 59 -8.66 -6.82 -1.55
CA LYS A 59 -9.77 -7.03 -0.62
C LYS A 59 -9.71 -6.03 0.54
N ASP A 60 -10.84 -5.39 0.82
CA ASP A 60 -10.92 -4.43 1.91
C ASP A 60 -9.71 -3.48 1.89
N GLY A 61 -9.24 -3.17 0.67
CA GLY A 61 -8.10 -2.28 0.53
C GLY A 61 -6.78 -2.98 0.81
N VAL A 62 -6.74 -4.28 0.58
CA VAL A 62 -5.54 -5.07 0.81
C VAL A 62 -5.18 -5.91 -0.41
N PRO A 63 -3.97 -5.71 -0.94
CA PRO A 63 -3.49 -6.45 -2.11
C PRO A 63 -3.22 -7.93 -1.80
N TYR A 64 -3.76 -8.81 -2.65
CA TYR A 64 -3.58 -10.25 -2.46
C TYR A 64 -3.34 -10.94 -3.80
N CYS A 65 -2.69 -12.09 -3.75
CA CYS A 65 -2.39 -12.86 -4.96
C CYS A 65 -3.50 -13.87 -5.24
N GLU A 66 -3.38 -14.56 -6.37
CA GLU A 66 -4.38 -15.56 -6.76
C GLU A 66 -4.25 -16.82 -5.90
N SER A 67 -3.19 -16.87 -5.09
CA SER A 67 -2.96 -18.02 -4.23
C SER A 67 -3.62 -17.83 -2.87
N ASP A 68 -3.07 -16.93 -2.06
CA ASP A 68 -3.61 -16.66 -0.73
C ASP A 68 -5.08 -16.28 -0.82
N TYR A 69 -5.38 -15.24 -1.58
CA TYR A 69 -6.75 -14.76 -1.74
C TYR A 69 -7.70 -15.93 -1.97
N HIS A 70 -7.42 -16.72 -3.01
CA HIS A 70 -8.25 -17.87 -3.33
C HIS A 70 -8.24 -18.89 -2.20
N ALA A 71 -7.24 -18.79 -1.32
CA ALA A 71 -7.11 -19.70 -0.19
C ALA A 71 -7.75 -19.10 1.06
N GLN A 72 -7.95 -17.79 1.05
CA GLN A 72 -8.54 -17.10 2.19
C GLN A 72 -10.03 -16.84 1.95
N PHE A 73 -10.33 -16.06 0.91
CA PHE A 73 -11.71 -15.73 0.58
C PHE A 73 -12.24 -16.65 -0.51
N GLY A 74 -11.32 -17.26 -1.26
CA GLY A 74 -11.71 -18.16 -2.33
C GLY A 74 -12.57 -19.31 -1.84
N SER A 75 -12.16 -19.93 -0.74
CA SER A 75 -12.89 -21.05 -0.16
C SER A 75 -12.91 -22.23 -1.12
N GLY A 76 -11.77 -22.49 -1.76
CA GLY A 76 -11.67 -23.60 -2.70
C GLY A 76 -10.57 -24.57 -2.33
N PRO A 77 -10.95 -25.79 -1.95
CA PRO A 77 -10.00 -26.84 -1.57
C PRO A 77 -9.21 -27.36 -2.76
N SER A 78 -8.30 -28.30 -2.50
CA SER A 78 -7.48 -28.88 -3.55
C SER A 78 -7.20 -30.36 -3.26
N SER A 79 -7.02 -31.13 -4.34
CA SER A 79 -6.73 -32.55 -4.20
C SER A 79 -7.60 -33.17 -3.10
N GLY A 80 -8.86 -32.77 -3.05
CA GLY A 80 -9.76 -33.29 -2.04
C GLY A 80 -10.82 -34.20 -2.62
N GLY A 1 -0.30 24.59 38.93
CA GLY A 1 -1.34 24.44 37.93
C GLY A 1 -0.82 24.63 36.52
N SER A 2 0.10 23.77 36.11
CA SER A 2 0.68 23.85 34.77
C SER A 2 1.35 22.54 34.39
N SER A 3 1.01 22.03 33.21
CA SER A 3 1.58 20.78 32.72
C SER A 3 1.23 20.56 31.26
N GLY A 4 2.18 19.99 30.51
CA GLY A 4 1.95 19.74 29.09
C GLY A 4 2.72 20.70 28.21
N SER A 5 2.63 20.48 26.90
CA SER A 5 3.33 21.34 25.93
C SER A 5 2.80 21.11 24.52
N SER A 6 2.92 22.12 23.68
CA SER A 6 2.46 22.04 22.30
C SER A 6 3.63 21.97 21.33
N GLY A 7 3.33 21.70 20.07
CA GLY A 7 4.37 21.61 19.05
C GLY A 7 4.04 20.60 17.97
N LYS A 8 4.51 20.87 16.76
CA LYS A 8 4.27 19.98 15.63
C LYS A 8 5.09 20.40 14.42
N PRO A 9 5.40 19.42 13.55
CA PRO A 9 6.18 19.66 12.34
C PRO A 9 5.41 20.48 11.30
N ILE A 10 6.14 20.98 10.31
CA ILE A 10 5.51 21.78 9.25
C ILE A 10 4.95 20.89 8.15
N LYS A 11 4.06 21.46 7.33
CA LYS A 11 3.45 20.71 6.24
C LYS A 11 3.79 21.36 4.90
N ILE A 12 5.07 21.54 4.65
CA ILE A 12 5.53 22.14 3.40
C ILE A 12 6.60 21.29 2.73
N ARG A 13 6.70 20.03 3.15
CA ARG A 13 7.68 19.10 2.60
C ARG A 13 7.26 17.66 2.83
N GLY A 14 7.15 16.90 1.74
CA GLY A 14 6.76 15.51 1.84
C GLY A 14 5.72 15.12 0.81
N PRO A 15 6.17 14.94 -0.44
CA PRO A 15 5.28 14.56 -1.55
C PRO A 15 4.75 13.14 -1.42
N SER A 16 4.11 12.66 -2.47
CA SER A 16 3.55 11.31 -2.48
C SER A 16 4.58 10.29 -1.97
N HIS A 17 4.22 9.56 -0.93
CA HIS A 17 5.11 8.55 -0.36
C HIS A 17 4.58 7.15 -0.62
N CYS A 18 5.47 6.17 -0.58
CA CYS A 18 5.10 4.78 -0.80
C CYS A 18 4.15 4.29 0.29
N ALA A 19 3.06 3.66 -0.12
CA ALA A 19 2.07 3.13 0.82
C ALA A 19 2.49 1.76 1.35
N GLY A 20 3.78 1.47 1.27
CA GLY A 20 4.28 0.20 1.74
C GLY A 20 5.46 0.33 2.69
N CYS A 21 6.35 1.26 2.38
CA CYS A 21 7.52 1.51 3.22
C CYS A 21 7.55 2.95 3.71
N LYS A 22 6.58 3.74 3.26
CA LYS A 22 6.50 5.14 3.66
C LYS A 22 7.73 5.92 3.20
N GLU A 23 8.16 5.66 1.97
CA GLU A 23 9.34 6.34 1.41
C GLU A 23 8.95 7.21 0.23
N GLU A 24 9.53 8.40 0.16
CA GLU A 24 9.24 9.33 -0.92
C GLU A 24 9.40 8.66 -2.28
N ILE A 25 8.36 8.73 -3.09
CA ILE A 25 8.38 8.12 -4.42
C ILE A 25 8.74 9.15 -5.49
N LYS A 26 9.72 8.82 -6.32
CA LYS A 26 10.15 9.71 -7.38
C LYS A 26 9.21 9.62 -8.58
N HIS A 27 9.31 10.61 -9.47
CA HIS A 27 8.46 10.65 -10.66
C HIS A 27 9.02 9.74 -11.75
N GLY A 28 8.32 8.64 -12.00
CA GLY A 28 8.76 7.70 -13.02
C GLY A 28 8.70 6.27 -12.55
N GLN A 29 9.16 6.03 -11.33
CA GLN A 29 9.16 4.68 -10.76
C GLN A 29 8.11 4.55 -9.67
N SER A 30 6.87 4.26 -10.08
CA SER A 30 5.77 4.12 -9.13
C SER A 30 4.74 3.13 -9.65
N LEU A 31 4.04 2.47 -8.73
CA LEU A 31 3.02 1.49 -9.11
C LEU A 31 1.67 1.86 -8.50
N LEU A 32 0.75 2.30 -9.35
CA LEU A 32 -0.58 2.68 -8.91
C LEU A 32 -1.41 1.46 -8.51
N ALA A 33 -2.05 1.54 -7.35
CA ALA A 33 -2.87 0.43 -6.87
C ALA A 33 -3.71 0.86 -5.67
N LEU A 34 -4.96 0.43 -5.64
CA LEU A 34 -5.86 0.77 -4.55
C LEU A 34 -5.85 2.27 -4.26
N ASP A 35 -5.91 3.07 -5.33
CA ASP A 35 -5.90 4.52 -5.20
C ASP A 35 -4.72 4.97 -4.35
N LYS A 36 -3.64 4.19 -4.36
CA LYS A 36 -2.45 4.53 -3.59
C LYS A 36 -1.21 4.46 -4.46
N GLN A 37 -0.06 4.77 -3.86
CA GLN A 37 1.20 4.75 -4.58
C GLN A 37 2.22 3.84 -3.89
N TRP A 38 2.61 2.77 -4.56
CA TRP A 38 3.57 1.84 -4.01
C TRP A 38 4.77 1.66 -4.95
N HIS A 39 5.89 1.19 -4.39
CA HIS A 39 7.10 0.98 -5.18
C HIS A 39 6.98 -0.26 -6.05
N VAL A 40 7.89 -0.42 -6.99
CA VAL A 40 7.89 -1.57 -7.89
C VAL A 40 8.32 -2.83 -7.17
N SER A 41 8.83 -2.67 -5.95
CA SER A 41 9.28 -3.80 -5.15
C SER A 41 8.63 -3.78 -3.78
N CYS A 42 7.49 -3.10 -3.67
CA CYS A 42 6.77 -3.01 -2.40
C CYS A 42 5.34 -3.50 -2.57
N PHE A 43 4.77 -3.30 -3.75
CA PHE A 43 3.40 -3.72 -4.03
C PHE A 43 3.32 -5.24 -4.17
N LYS A 44 3.25 -5.92 -3.03
CA LYS A 44 3.17 -7.38 -3.01
C LYS A 44 2.04 -7.85 -2.09
N CYS A 45 1.69 -9.12 -2.20
CA CYS A 45 0.63 -9.70 -1.37
C CYS A 45 0.80 -9.29 0.09
N GLN A 46 -0.24 -9.53 0.89
CA GLN A 46 -0.21 -9.18 2.30
C GLN A 46 -0.09 -10.43 3.17
N THR A 47 -0.41 -11.58 2.58
CA THR A 47 -0.34 -12.84 3.30
C THR A 47 0.97 -13.56 3.03
N CYS A 48 1.42 -13.52 1.78
CA CYS A 48 2.67 -14.16 1.40
C CYS A 48 3.76 -13.13 1.11
N SER A 49 3.34 -11.92 0.76
CA SER A 49 4.26 -10.84 0.45
C SER A 49 4.98 -11.10 -0.86
N VAL A 50 4.20 -11.34 -1.92
CA VAL A 50 4.76 -11.60 -3.24
C VAL A 50 4.45 -10.46 -4.20
N ILE A 51 5.44 -10.08 -4.99
CA ILE A 51 5.27 -9.00 -5.96
C ILE A 51 4.01 -9.20 -6.79
N LEU A 52 3.28 -8.11 -7.00
CA LEU A 52 2.05 -8.16 -7.80
C LEU A 52 2.08 -7.16 -8.93
N THR A 53 2.25 -7.65 -10.15
CA THR A 53 2.30 -6.80 -11.33
C THR A 53 1.39 -7.33 -12.43
N GLY A 54 1.37 -8.64 -12.60
CA GLY A 54 0.53 -9.24 -13.62
C GLY A 54 -0.92 -9.36 -13.18
N GLU A 55 -1.18 -10.24 -12.22
CA GLU A 55 -2.54 -10.45 -11.72
C GLU A 55 -2.56 -10.40 -10.19
N TYR A 56 -3.54 -9.70 -9.65
CA TYR A 56 -3.69 -9.58 -8.20
C TYR A 56 -5.11 -9.19 -7.82
N ILE A 57 -5.49 -9.50 -6.59
CA ILE A 57 -6.83 -9.20 -6.09
C ILE A 57 -6.76 -8.35 -4.82
N SER A 58 -7.57 -7.30 -4.78
CA SER A 58 -7.61 -6.41 -3.63
C SER A 58 -8.75 -6.79 -2.69
N LYS A 59 -8.44 -6.88 -1.39
CA LYS A 59 -9.44 -7.24 -0.39
C LYS A 59 -9.39 -6.26 0.78
N ASP A 60 -10.56 -5.76 1.18
CA ASP A 60 -10.66 -4.83 2.30
C ASP A 60 -9.49 -3.84 2.27
N GLY A 61 -9.12 -3.42 1.07
CA GLY A 61 -8.03 -2.47 0.92
C GLY A 61 -6.66 -3.11 1.14
N VAL A 62 -6.52 -4.35 0.68
CA VAL A 62 -5.26 -5.07 0.83
C VAL A 62 -4.98 -5.94 -0.40
N PRO A 63 -3.82 -5.72 -1.02
CA PRO A 63 -3.40 -6.46 -2.21
C PRO A 63 -3.07 -7.92 -1.89
N TYR A 64 -3.69 -8.83 -2.63
CA TYR A 64 -3.46 -10.25 -2.43
C TYR A 64 -3.21 -10.97 -3.75
N CYS A 65 -2.59 -12.14 -3.69
CA CYS A 65 -2.29 -12.92 -4.88
C CYS A 65 -3.38 -13.95 -5.15
N GLU A 66 -3.39 -14.50 -6.35
CA GLU A 66 -4.38 -15.50 -6.74
C GLU A 66 -4.21 -16.77 -5.90
N SER A 67 -3.17 -16.80 -5.09
CA SER A 67 -2.89 -17.96 -4.24
C SER A 67 -3.60 -17.82 -2.88
N ASP A 68 -3.10 -16.91 -2.07
CA ASP A 68 -3.67 -16.67 -0.74
C ASP A 68 -5.15 -16.29 -0.86
N TYR A 69 -5.42 -15.21 -1.58
CA TYR A 69 -6.79 -14.74 -1.76
C TYR A 69 -7.73 -15.90 -2.05
N HIS A 70 -7.42 -16.65 -3.11
CA HIS A 70 -8.24 -17.80 -3.50
C HIS A 70 -8.39 -18.78 -2.34
N ALA A 71 -7.44 -18.73 -1.41
CA ALA A 71 -7.46 -19.62 -0.25
C ALA A 71 -8.17 -18.95 0.93
N GLN A 72 -8.21 -17.63 0.92
CA GLN A 72 -8.84 -16.88 1.99
C GLN A 72 -10.34 -16.73 1.75
N PHE A 73 -10.69 -16.06 0.65
CA PHE A 73 -12.09 -15.85 0.31
C PHE A 73 -12.44 -16.58 -0.99
N GLY A 74 -11.63 -17.57 -1.34
CA GLY A 74 -11.88 -18.32 -2.57
C GLY A 74 -12.24 -19.77 -2.29
N SER A 75 -11.64 -20.34 -1.25
CA SER A 75 -11.90 -21.73 -0.89
C SER A 75 -11.91 -21.90 0.62
N GLY A 76 -13.00 -22.46 1.15
CA GLY A 76 -13.12 -22.66 2.57
C GLY A 76 -14.50 -23.12 2.98
N PRO A 77 -14.68 -24.44 3.16
CA PRO A 77 -15.95 -25.03 3.55
C PRO A 77 -16.34 -24.69 4.99
N SER A 78 -15.39 -24.88 5.90
CA SER A 78 -15.62 -24.59 7.31
C SER A 78 -14.99 -23.26 7.71
N SER A 79 -15.59 -22.59 8.69
CA SER A 79 -15.09 -21.30 9.17
C SER A 79 -15.66 -20.98 10.54
N GLY A 80 -15.22 -19.85 11.11
CA GLY A 80 -15.69 -19.45 12.42
C GLY A 80 -17.01 -18.69 12.34
N GLY A 1 31.80 38.22 28.40
CA GLY A 1 30.86 38.22 27.30
C GLY A 1 30.59 36.83 26.77
N SER A 2 29.40 36.63 26.21
CA SER A 2 29.02 35.33 25.66
C SER A 2 27.71 35.43 24.87
N SER A 3 27.79 35.16 23.57
CA SER A 3 26.61 35.22 22.71
C SER A 3 26.69 34.18 21.61
N GLY A 4 25.57 33.95 20.94
CA GLY A 4 25.53 32.97 19.86
C GLY A 4 24.17 32.90 19.19
N SER A 5 24.17 32.51 17.92
CA SER A 5 22.93 32.41 17.16
C SER A 5 23.17 31.74 15.81
N SER A 6 22.36 30.73 15.50
CA SER A 6 22.48 30.00 14.24
C SER A 6 21.18 29.31 13.88
N GLY A 7 21.05 28.93 12.61
CA GLY A 7 19.85 28.25 12.16
C GLY A 7 19.84 28.04 10.66
N LYS A 8 19.41 26.85 10.24
CA LYS A 8 19.36 26.51 8.82
C LYS A 8 18.17 25.60 8.53
N PRO A 9 17.20 26.11 7.77
CA PRO A 9 16.00 25.36 7.40
C PRO A 9 16.30 24.23 6.40
N ILE A 10 15.29 23.42 6.12
CA ILE A 10 15.46 22.30 5.19
C ILE A 10 14.79 22.60 3.86
N LYS A 11 15.33 22.02 2.80
CA LYS A 11 14.80 22.22 1.45
C LYS A 11 14.38 20.89 0.83
N ILE A 12 13.60 20.11 1.57
CA ILE A 12 13.13 18.82 1.09
C ILE A 12 11.68 18.91 0.61
N ARG A 13 11.32 18.02 -0.31
CA ARG A 13 9.97 18.00 -0.85
C ARG A 13 9.75 16.77 -1.73
N GLY A 14 9.01 15.80 -1.21
CA GLY A 14 8.75 14.58 -1.96
C GLY A 14 7.45 13.91 -1.55
N PRO A 15 6.33 14.39 -2.12
CA PRO A 15 5.00 13.84 -1.82
C PRO A 15 4.81 12.44 -2.38
N SER A 16 3.56 11.98 -2.41
CA SER A 16 3.25 10.65 -2.92
C SER A 16 4.20 9.61 -2.34
N HIS A 17 4.31 9.59 -1.01
CA HIS A 17 5.19 8.64 -0.34
C HIS A 17 4.65 7.22 -0.44
N CYS A 18 5.52 6.27 -0.76
CA CYS A 18 5.14 4.88 -0.88
C CYS A 18 4.15 4.48 0.22
N ALA A 19 3.38 3.43 -0.04
CA ALA A 19 2.40 2.95 0.92
C ALA A 19 2.92 1.73 1.67
N GLY A 20 4.07 1.22 1.24
CA GLY A 20 4.64 0.06 1.87
C GLY A 20 5.87 0.40 2.71
N CYS A 21 6.72 1.26 2.17
CA CYS A 21 7.93 1.68 2.88
C CYS A 21 7.82 3.12 3.35
N LYS A 22 6.79 3.82 2.87
CA LYS A 22 6.58 5.21 3.24
C LYS A 22 7.76 6.08 2.85
N GLU A 23 8.20 5.95 1.59
CA GLU A 23 9.33 6.72 1.10
C GLU A 23 8.97 7.43 -0.20
N GLU A 24 9.30 8.72 -0.27
CA GLU A 24 9.00 9.51 -1.45
C GLU A 24 9.28 8.72 -2.73
N ILE A 25 8.31 8.70 -3.64
CA ILE A 25 8.44 7.98 -4.89
C ILE A 25 8.86 8.91 -6.02
N LYS A 26 9.82 8.46 -6.83
CA LYS A 26 10.31 9.27 -7.95
C LYS A 26 9.22 9.43 -9.00
N HIS A 27 8.58 10.59 -9.02
CA HIS A 27 7.52 10.87 -9.98
C HIS A 27 7.87 10.30 -11.35
N GLY A 28 7.18 9.23 -11.73
CA GLY A 28 7.43 8.62 -13.02
C GLY A 28 7.41 7.09 -12.94
N GLN A 29 7.92 6.56 -11.84
CA GLN A 29 7.96 5.11 -11.65
C GLN A 29 7.18 4.70 -10.39
N SER A 30 5.87 4.90 -10.43
CA SER A 30 5.02 4.56 -9.28
C SER A 30 3.99 3.50 -9.68
N LEU A 31 3.64 2.66 -8.71
CA LEU A 31 2.66 1.59 -8.95
C LEU A 31 1.31 1.96 -8.35
N LEU A 32 0.36 2.33 -9.21
CA LEU A 32 -0.98 2.70 -8.75
C LEU A 32 -1.75 1.46 -8.31
N ALA A 33 -2.29 1.51 -7.09
CA ALA A 33 -3.06 0.41 -6.54
C ALA A 33 -3.74 0.80 -5.24
N LEU A 34 -5.04 0.56 -5.16
CA LEU A 34 -5.81 0.90 -3.96
C LEU A 34 -5.74 2.39 -3.68
N ASP A 35 -5.86 3.20 -4.73
CA ASP A 35 -5.82 4.65 -4.58
C ASP A 35 -4.55 5.08 -3.85
N LYS A 36 -3.51 4.27 -3.95
CA LYS A 36 -2.23 4.57 -3.30
C LYS A 36 -1.07 4.39 -4.27
N GLN A 37 0.13 4.74 -3.82
CA GLN A 37 1.32 4.62 -4.66
C GLN A 37 2.36 3.73 -3.98
N TRP A 38 2.68 2.61 -4.64
CA TRP A 38 3.66 1.68 -4.10
C TRP A 38 4.79 1.45 -5.10
N HIS A 39 6.00 1.22 -4.58
CA HIS A 39 7.16 0.99 -5.43
C HIS A 39 7.02 -0.32 -6.21
N VAL A 40 7.95 -0.56 -7.12
CA VAL A 40 7.93 -1.76 -7.94
C VAL A 40 8.41 -2.98 -7.13
N SER A 41 8.96 -2.72 -5.95
CA SER A 41 9.47 -3.78 -5.10
C SER A 41 8.81 -3.73 -3.73
N CYS A 42 7.69 -3.01 -3.64
CA CYS A 42 6.96 -2.88 -2.38
C CYS A 42 5.55 -3.46 -2.51
N PHE A 43 4.95 -3.29 -3.68
CA PHE A 43 3.60 -3.79 -3.93
C PHE A 43 3.60 -5.31 -4.01
N LYS A 44 3.08 -5.95 -2.96
CA LYS A 44 3.03 -7.41 -2.91
C LYS A 44 1.88 -7.87 -2.00
N CYS A 45 1.57 -9.16 -2.06
CA CYS A 45 0.51 -9.72 -1.25
C CYS A 45 0.67 -9.32 0.22
N GLN A 46 -0.37 -9.57 1.01
CA GLN A 46 -0.36 -9.23 2.43
C GLN A 46 -0.24 -10.50 3.28
N THR A 47 -0.59 -11.64 2.69
CA THR A 47 -0.53 -12.91 3.39
C THR A 47 0.77 -13.65 3.09
N CYS A 48 1.17 -13.63 1.82
CA CYS A 48 2.40 -14.30 1.40
C CYS A 48 3.51 -13.28 1.12
N SER A 49 3.11 -12.04 0.87
CA SER A 49 4.07 -10.97 0.60
C SER A 49 4.85 -11.26 -0.68
N VAL A 50 4.12 -11.47 -1.77
CA VAL A 50 4.73 -11.76 -3.06
C VAL A 50 4.57 -10.58 -4.02
N ILE A 51 5.64 -10.25 -4.72
CA ILE A 51 5.61 -9.14 -5.68
C ILE A 51 4.49 -9.32 -6.69
N LEU A 52 3.58 -8.35 -6.73
CA LEU A 52 2.45 -8.40 -7.65
C LEU A 52 2.65 -7.42 -8.81
N THR A 53 3.02 -7.95 -9.97
CA THR A 53 3.25 -7.13 -11.15
C THR A 53 2.24 -7.46 -12.25
N GLY A 54 1.95 -8.75 -12.41
CA GLY A 54 1.01 -9.18 -13.43
C GLY A 54 -0.43 -9.04 -12.98
N GLU A 55 -0.94 -10.04 -12.27
CA GLU A 55 -2.31 -10.01 -11.78
C GLU A 55 -2.35 -9.95 -10.26
N TYR A 56 -3.47 -9.48 -9.72
CA TYR A 56 -3.62 -9.37 -8.27
C TYR A 56 -5.07 -9.03 -7.91
N ILE A 57 -5.45 -9.34 -6.67
CA ILE A 57 -6.80 -9.07 -6.21
C ILE A 57 -6.79 -8.29 -4.89
N SER A 58 -7.52 -7.19 -4.86
CA SER A 58 -7.60 -6.35 -3.66
C SER A 58 -8.82 -6.69 -2.83
N LYS A 59 -8.62 -6.89 -1.54
CA LYS A 59 -9.71 -7.22 -0.62
C LYS A 59 -9.69 -6.32 0.61
N ASP A 60 -10.85 -5.78 0.96
CA ASP A 60 -10.95 -4.90 2.13
C ASP A 60 -9.78 -3.92 2.18
N GLY A 61 -9.35 -3.45 1.02
CA GLY A 61 -8.24 -2.52 0.96
C GLY A 61 -6.91 -3.19 1.20
N VAL A 62 -6.82 -4.47 0.83
CA VAL A 62 -5.58 -5.22 1.01
C VAL A 62 -5.25 -6.03 -0.24
N PRO A 63 -4.06 -5.77 -0.82
CA PRO A 63 -3.60 -6.46 -2.02
C PRO A 63 -3.25 -7.92 -1.76
N TYR A 64 -3.86 -8.82 -2.54
CA TYR A 64 -3.62 -10.25 -2.39
C TYR A 64 -3.36 -10.90 -3.74
N CYS A 65 -2.72 -12.06 -3.71
CA CYS A 65 -2.41 -12.80 -4.92
C CYS A 65 -3.49 -13.83 -5.24
N GLU A 66 -3.38 -14.45 -6.41
CA GLU A 66 -4.36 -15.45 -6.84
C GLU A 66 -4.23 -16.72 -5.99
N SER A 67 -3.22 -16.75 -5.13
CA SER A 67 -2.99 -17.91 -4.28
C SER A 67 -3.72 -17.76 -2.95
N ASP A 68 -3.24 -16.85 -2.11
CA ASP A 68 -3.86 -16.61 -0.81
C ASP A 68 -5.33 -16.22 -0.97
N TYR A 69 -5.57 -15.17 -1.74
CA TYR A 69 -6.93 -14.68 -1.98
C TYR A 69 -7.88 -15.84 -2.26
N HIS A 70 -7.52 -16.66 -3.24
CA HIS A 70 -8.34 -17.81 -3.62
C HIS A 70 -8.34 -18.86 -2.50
N ALA A 71 -7.38 -18.75 -1.59
CA ALA A 71 -7.27 -19.69 -0.49
C ALA A 71 -7.99 -19.16 0.75
N GLN A 72 -8.27 -17.87 0.76
CA GLN A 72 -8.96 -17.24 1.88
C GLN A 72 -10.45 -17.11 1.61
N PHE A 73 -10.79 -16.31 0.60
CA PHE A 73 -12.18 -16.08 0.23
C PHE A 73 -12.53 -16.84 -1.05
N GLY A 74 -11.73 -17.85 -1.37
CA GLY A 74 -11.97 -18.63 -2.56
C GLY A 74 -12.50 -20.02 -2.27
N SER A 75 -12.06 -20.59 -1.15
CA SER A 75 -12.48 -21.92 -0.75
C SER A 75 -13.24 -21.88 0.57
N GLY A 76 -14.12 -22.85 0.78
CA GLY A 76 -14.89 -22.90 2.01
C GLY A 76 -14.11 -23.50 3.16
N PRO A 77 -13.84 -24.81 3.07
CA PRO A 77 -13.09 -25.53 4.11
C PRO A 77 -11.62 -25.12 4.15
N SER A 78 -10.87 -25.71 5.09
CA SER A 78 -9.46 -25.42 5.23
C SER A 78 -8.71 -26.61 5.81
N SER A 79 -7.39 -26.45 5.96
CA SER A 79 -6.56 -27.52 6.50
C SER A 79 -5.23 -26.97 7.00
N GLY A 80 -4.95 -27.21 8.28
CA GLY A 80 -3.70 -26.73 8.87
C GLY A 80 -2.77 -27.86 9.25
#